data_6ZDU
#
_entry.id   6ZDU
#
_cell.length_a   149.884
_cell.length_b   245.836
_cell.length_c   72.471
_cell.angle_alpha   90.000
_cell.angle_beta   90.000
_cell.angle_gamma   90.000
#
_symmetry.space_group_name_H-M   'P 21 21 2'
#
loop_
_entity.id
_entity.type
_entity.pdbx_description
1 polymer 'Telomerase reverse transcriptase'
2 polymer 'Chains: C,D'
#
loop_
_entity_poly.entity_id
_entity_poly.type
_entity_poly.pdbx_seq_one_letter_code
_entity_poly.pdbx_strand_id
1 'polypeptide(L)'
;SSGNFILTHITSHNWSTIFSLLGPKKFLELLVNNKGFVSKVNGESVQIFGDVNSHRKAVVVSKYITKFNVLYNSYSRDFS
RFEMIRPSIQTILQDILSFSGLNPGRSSKRYRGFKSLLSRIIANDKKCRYDILYAKFIGTSKCNFANVVSNKTEISQVIQ
FVLLVLGKLLPLDAWGGVSNKKIIKDRVVDFLLLGANEKIHMDDLFRGIRLKDFKWLGRAHQISSKQDFELRTAFLKGYL
WWLFEHLLKNILRSFWYITETSSIVSLELNYFPQYLWKELYESWVSKYAKNNLVKMPSKIQREQLPCGKIKLIPKRSSFR
VICVPIKRSLKLLNKKLELDTLEKEKREFERYRKEVLSPVGQILRLKLSKLRDTYESYRASVHSSSDVAEKISDYRDSLL
TRFGEIPKLFILKFDMKECYDRLSQPVLMKKLEELFENQDNKTSYYVRYYAQLDASHKLKKVKTTIDTQYHNLNILSSSR
HLSNCKSLVDKTKTIALQKGNILEVCRSQIYDVVGSVKDARGNLHLYKRKRGVFQGFSLSSIFCDILYSAMVHDCFQFLW
KSKQDFLFVRLVDDFLLVTPDSNIYDQVHNILSGKILESYGAFVNKDKTVVVNQTTTKPSIDFVGLEVNTTDLSIKRNSG
SISLVTTNFRTFKTLVKYLKTFYQLNLEGFLLDCSFGVLENVLENMGSLLRLVLREFKTKFTSIVKYDTFHCYKFIKFLY
DISNYTIVKYVETNSDWDGAPELLNCIKQIIVKEFSSFESYSEIVEWVQTLNI
;
A,B
2 'polyribonucleotide' GGCAAGGGCUUCCCGAAUUGUGGAUAGUUCAAUACUCGAAAAAAUUGGAAGUAGGGUAUGUUGCC C,D
#
loop_
_chem_comp.id
_chem_comp.type
_chem_comp.name
_chem_comp.formula
A RNA linking ADENOSINE-5'-MONOPHOSPHATE 'C10 H14 N5 O7 P'
C RNA linking CYTIDINE-5'-MONOPHOSPHATE 'C9 H14 N3 O8 P'
G RNA linking GUANOSINE-5'-MONOPHOSPHATE 'C10 H14 N5 O8 P'
U RNA linking URIDINE-5'-MONOPHOSPHATE 'C9 H13 N2 O9 P'
#
# COMPACT_ATOMS: atom_id res chain seq x y z
N VAL A 61 38.48 9.51 8.81
CA VAL A 61 37.38 8.99 9.62
C VAL A 61 36.14 8.79 8.75
N SER A 62 35.98 7.57 8.23
CA SER A 62 34.84 7.24 7.40
C SER A 62 34.50 5.77 7.52
N LYS A 63 34.88 4.97 6.52
CA LYS A 63 34.63 3.54 6.59
C LYS A 63 35.78 2.80 7.25
N TYR A 64 36.04 1.59 6.80
CA TYR A 64 37.16 0.82 7.35
C TYR A 64 37.91 0.12 6.22
N ILE A 65 37.99 -1.20 6.26
CA ILE A 65 38.85 -1.94 5.34
C ILE A 65 37.95 -2.47 4.24
N THR A 66 38.10 -1.91 3.05
CA THR A 66 37.28 -2.21 1.88
C THR A 66 38.17 -2.76 0.79
N LYS A 67 37.58 -3.54 -0.11
CA LYS A 67 38.37 -4.33 -1.04
C LYS A 67 38.38 -3.79 -2.47
N PHE A 68 37.52 -2.81 -2.79
CA PHE A 68 37.48 -2.31 -4.16
C PHE A 68 38.76 -1.59 -4.56
N ASN A 69 39.60 -1.21 -3.59
CA ASN A 69 40.91 -0.65 -3.92
C ASN A 69 41.82 -1.68 -4.59
N VAL A 70 41.51 -2.96 -4.45
CA VAL A 70 42.32 -4.02 -5.02
C VAL A 70 41.75 -4.52 -6.35
N LEU A 71 40.47 -4.32 -6.61
CA LEU A 71 39.83 -4.80 -7.81
C LEU A 71 40.36 -4.09 -9.06
N TYR A 72 40.45 -4.85 -10.17
CA TYR A 72 40.64 -4.30 -11.51
C TYR A 72 41.96 -3.55 -11.64
N ASN A 73 43.05 -4.17 -11.17
CA ASN A 73 44.39 -3.61 -11.30
C ASN A 73 45.16 -4.44 -12.32
N SER A 74 45.44 -3.87 -13.48
CA SER A 74 46.19 -4.53 -14.54
C SER A 74 47.47 -3.77 -14.83
N TYR A 75 48.60 -4.48 -14.77
CA TYR A 75 49.90 -3.90 -15.07
C TYR A 75 50.83 -5.00 -15.58
N SER A 76 51.53 -4.73 -16.68
CA SER A 76 52.60 -5.63 -17.10
C SER A 76 53.68 -5.64 -16.03
N ARG A 77 54.19 -6.82 -15.71
CA ARG A 77 55.02 -7.01 -14.53
C ARG A 77 56.42 -7.44 -14.93
N ASP A 78 57.42 -6.75 -14.36
CA ASP A 78 58.83 -7.12 -14.49
C ASP A 78 59.29 -7.56 -13.10
N PHE A 79 59.09 -8.84 -12.80
CA PHE A 79 59.38 -9.39 -11.48
C PHE A 79 60.86 -9.40 -11.14
N SER A 80 61.73 -9.23 -12.14
CA SER A 80 63.18 -9.31 -11.94
C SER A 80 63.67 -8.40 -10.81
N ARG A 81 61.85 -4.75 -11.89
CA ARG A 81 61.86 -5.12 -10.47
C ARG A 81 60.56 -4.75 -9.78
N PHE A 82 60.37 -5.30 -8.58
CA PHE A 82 59.18 -5.01 -7.79
C PHE A 82 59.57 -4.72 -6.35
N GLU A 83 59.01 -3.64 -5.81
CA GLU A 83 59.13 -3.32 -4.40
C GLU A 83 57.72 -3.18 -3.82
N MET A 84 57.43 -3.94 -2.78
CA MET A 84 56.14 -3.78 -2.08
C MET A 84 56.06 -2.42 -1.39
N ILE A 85 57.17 -1.99 -0.77
CA ILE A 85 57.22 -0.73 -0.04
C ILE A 85 57.96 0.26 -0.93
N ARG A 86 57.20 1.02 -1.73
CA ARG A 86 57.74 2.04 -2.63
C ARG A 86 57.87 3.40 -1.95
N PRO A 87 56.87 3.88 -1.20
CA PRO A 87 56.98 5.21 -0.58
C PRO A 87 58.02 5.25 0.53
N SER A 88 58.50 6.47 0.80
CA SER A 88 59.53 6.73 1.79
C SER A 88 59.00 6.51 3.21
N ILE A 89 59.93 6.30 4.14
CA ILE A 89 59.56 5.98 5.52
C ILE A 89 58.78 7.13 6.15
N GLN A 90 59.25 8.36 5.96
CA GLN A 90 58.57 9.51 6.57
C GLN A 90 57.15 9.68 6.03
N THR A 91 56.98 9.51 4.71
CA THR A 91 55.65 9.59 4.13
C THR A 91 54.74 8.49 4.67
N ILE A 92 55.28 7.26 4.79
CA ILE A 92 54.51 6.17 5.37
C ILE A 92 54.16 6.48 6.83
N LEU A 93 55.12 7.01 7.58
CA LEU A 93 54.87 7.39 8.96
C LEU A 93 53.79 8.45 9.05
N GLN A 94 53.83 9.44 8.14
CA GLN A 94 52.80 10.47 8.11
C GLN A 94 51.42 9.87 7.84
N ASP A 95 51.34 8.91 6.91
CA ASP A 95 50.06 8.28 6.62
C ASP A 95 49.52 7.54 7.85
N ILE A 96 50.39 6.82 8.56
CA ILE A 96 49.99 6.18 9.81
C ILE A 96 49.58 7.23 10.83
N LEU A 97 50.36 8.30 10.95
CA LEU A 97 50.03 9.38 11.87
C LEU A 97 48.69 10.02 11.52
N SER A 98 48.45 10.25 10.22
CA SER A 98 47.18 10.84 9.81
C SER A 98 46.00 9.94 10.18
N PHE A 99 46.14 8.63 9.96
CA PHE A 99 45.08 7.70 10.35
C PHE A 99 44.87 7.70 11.86
N SER A 100 45.96 7.69 12.63
CA SER A 100 45.86 7.65 14.08
C SER A 100 45.45 8.98 14.70
N GLY A 101 45.59 10.08 13.96
CA GLY A 101 45.29 11.40 14.48
C GLY A 101 46.37 12.00 15.34
N LEU A 102 47.52 11.34 15.47
CA LEU A 102 48.60 11.83 16.29
C LEU A 102 49.37 12.94 15.58
N ASN A 103 49.70 13.99 16.31
CA ASN A 103 50.43 15.15 15.79
C ASN A 103 51.62 15.43 16.69
N PRO A 104 52.69 14.65 16.57
CA PRO A 104 53.86 14.83 17.44
C PRO A 104 54.63 16.10 17.10
N GLY A 105 55.42 16.55 18.07
CA GLY A 105 56.29 17.69 17.87
C GLY A 105 57.59 17.32 17.19
N ARG A 106 58.46 18.33 17.06
CA ARG A 106 59.74 18.12 16.37
C ARG A 106 60.70 17.27 17.20
N SER A 107 60.60 17.33 18.53
CA SER A 107 61.55 16.66 19.42
C SER A 107 61.09 15.28 19.88
N SER A 108 59.94 14.79 19.40
CA SER A 108 59.44 13.50 19.86
C SER A 108 60.35 12.37 19.37
N LYS A 109 60.74 11.50 20.29
CA LYS A 109 61.59 10.35 19.98
C LYS A 109 60.86 9.02 20.04
N ARG A 110 59.53 9.03 20.22
CA ARG A 110 58.79 7.78 20.42
C ARG A 110 58.87 6.87 19.19
N TYR A 111 58.76 7.45 18.01
CA TYR A 111 58.64 6.67 16.78
C TYR A 111 59.99 6.38 16.16
N ARG A 112 61.08 6.61 16.90
CA ARG A 112 62.41 6.25 16.43
C ARG A 112 62.52 4.74 16.26
N GLY A 113 61.97 3.98 17.20
CA GLY A 113 61.99 2.53 17.08
C GLY A 113 61.20 2.06 15.86
N PHE A 114 60.05 2.70 15.61
CA PHE A 114 59.25 2.34 14.44
C PHE A 114 60.00 2.61 13.15
N LYS A 115 60.72 3.73 13.08
CA LYS A 115 61.49 4.06 11.88
C LYS A 115 62.54 3.01 11.59
N SER A 116 63.23 2.55 12.64
CA SER A 116 64.22 1.48 12.47
C SER A 116 63.57 0.19 11.99
N LEU A 117 62.39 -0.13 12.54
CA LEU A 117 61.69 -1.37 12.15
C LEU A 117 61.33 -1.35 10.68
N LEU A 118 60.86 -0.21 10.16
CA LEU A 118 60.51 -0.12 8.74
C LEU A 118 61.73 -0.39 7.86
N SER A 119 62.90 0.07 8.29
CA SER A 119 64.09 -0.10 7.46
C SER A 119 64.39 -1.57 7.22
N ARG A 120 64.27 -2.40 8.26
CA ARG A 120 64.41 -3.85 8.06
C ARG A 120 63.31 -4.38 7.15
N ILE A 121 62.07 -3.91 7.33
CA ILE A 121 60.96 -4.39 6.49
C ILE A 121 61.21 -4.07 5.03
N ILE A 122 61.65 -2.83 4.76
CA ILE A 122 62.02 -2.46 3.40
C ILE A 122 63.24 -3.24 2.96
N ALA A 123 64.16 -3.51 3.89
CA ALA A 123 65.37 -4.26 3.56
C ALA A 123 65.04 -5.65 3.05
N ASN A 124 64.10 -6.35 3.68
CA ASN A 124 63.65 -7.63 3.16
C ASN A 124 62.97 -7.47 1.81
N ASP A 125 62.23 -6.38 1.62
CA ASP A 125 61.57 -6.13 0.34
C ASP A 125 62.57 -6.01 -0.81
N LYS A 126 63.67 -5.28 -0.59
CA LYS A 126 64.68 -5.17 -1.63
C LYS A 126 65.35 -6.51 -1.93
N LYS A 127 65.67 -7.29 -0.91
CA LYS A 127 66.31 -8.60 -1.08
C LYS A 127 65.32 -9.73 -1.23
N CYS A 128 64.22 -9.53 -1.95
CA CYS A 128 63.29 -10.62 -2.23
C CYS A 128 63.21 -10.78 -3.73
N ARG A 129 63.50 -11.98 -4.21
CA ARG A 129 63.43 -12.29 -5.63
C ARG A 129 62.02 -12.82 -5.89
N TYR A 130 61.10 -11.89 -6.18
CA TYR A 130 59.69 -12.25 -6.23
C TYR A 130 59.37 -13.19 -7.39
N ASP A 131 60.10 -13.08 -8.50
CA ASP A 131 59.82 -13.93 -9.65
C ASP A 131 60.02 -15.41 -9.31
N ILE A 132 61.11 -15.74 -8.64
CA ILE A 132 61.36 -17.14 -8.31
C ILE A 132 60.37 -17.64 -7.27
N LEU A 133 60.03 -16.80 -6.29
CA LEU A 133 59.11 -17.22 -5.24
C LEU A 133 57.73 -17.53 -5.81
N TYR A 134 57.22 -16.68 -6.72
CA TYR A 134 55.93 -16.98 -7.33
C TYR A 134 55.99 -18.25 -8.17
N ALA A 135 57.06 -18.41 -8.95
CA ALA A 135 57.17 -19.57 -9.84
C ALA A 135 57.41 -20.85 -9.07
N LYS A 136 58.15 -20.77 -7.96
CA LYS A 136 58.48 -21.99 -7.21
C LYS A 136 57.28 -22.51 -6.42
N PHE A 137 56.45 -21.61 -5.87
CA PHE A 137 55.36 -22.02 -5.01
C PHE A 137 54.01 -22.05 -5.71
N ILE A 138 53.62 -20.94 -6.34
CA ILE A 138 52.37 -20.93 -7.11
C ILE A 138 52.59 -21.55 -8.49
N GLY A 139 53.66 -21.12 -9.17
CA GLY A 139 54.04 -21.69 -10.45
C GLY A 139 53.54 -20.86 -11.62
N THR A 140 54.31 -20.88 -12.70
CA THR A 140 53.90 -20.23 -13.94
C THR A 140 53.24 -21.28 -14.83
N SER A 141 52.00 -21.00 -15.25
CA SER A 141 51.20 -21.95 -16.00
C SER A 141 50.79 -21.36 -17.34
N LYS A 142 50.81 -22.19 -18.38
CA LYS A 142 50.38 -21.76 -19.70
C LYS A 142 48.89 -21.41 -19.69
N CYS A 143 48.54 -20.38 -20.45
CA CYS A 143 47.16 -19.90 -20.48
C CYS A 143 46.24 -20.94 -21.12
N ASN A 144 45.07 -21.13 -20.50
CA ASN A 144 44.04 -22.03 -21.02
C ASN A 144 42.95 -21.16 -21.65
N PHE A 145 43.02 -21.01 -22.97
CA PHE A 145 42.10 -20.13 -23.66
C PHE A 145 40.69 -20.71 -23.77
N ALA A 146 40.55 -22.04 -23.76
CA ALA A 146 39.23 -22.65 -23.86
C ALA A 146 38.39 -22.37 -22.62
N ASN A 147 38.96 -22.58 -21.43
CA ASN A 147 38.28 -22.35 -20.16
C ASN A 147 39.00 -21.22 -19.44
N VAL A 148 38.44 -20.01 -19.55
CA VAL A 148 39.08 -18.83 -18.97
C VAL A 148 39.14 -18.91 -17.45
N VAL A 149 38.06 -19.36 -16.81
CA VAL A 149 37.98 -19.33 -15.35
C VAL A 149 38.99 -20.25 -14.69
N SER A 150 39.49 -21.27 -15.40
CA SER A 150 40.44 -22.18 -14.79
C SER A 150 41.81 -21.54 -14.57
N ASN A 151 42.12 -20.46 -15.29
CA ASN A 151 43.41 -19.81 -15.13
C ASN A 151 43.61 -19.18 -13.76
N LYS A 152 42.52 -18.83 -13.07
CA LYS A 152 42.65 -18.21 -11.76
C LYS A 152 43.26 -19.21 -10.76
N THR A 153 44.14 -18.69 -9.90
CA THR A 153 44.65 -19.49 -8.80
C THR A 153 43.61 -19.58 -7.70
N GLU A 154 43.41 -20.78 -7.18
CA GLU A 154 42.39 -21.00 -6.16
C GLU A 154 42.75 -20.26 -4.87
N ILE A 155 41.70 -19.87 -4.13
CA ILE A 155 41.89 -19.04 -2.93
C ILE A 155 42.76 -19.76 -1.91
N SER A 156 42.74 -21.10 -1.91
CA SER A 156 43.62 -21.85 -1.02
C SER A 156 45.08 -21.57 -1.35
N GLN A 157 45.42 -21.52 -2.63
CA GLN A 157 46.79 -21.18 -3.04
C GLN A 157 47.11 -19.72 -2.71
N VAL A 158 46.13 -18.82 -2.85
CA VAL A 158 46.37 -17.40 -2.62
C VAL A 158 46.79 -17.15 -1.18
N ILE A 159 46.10 -17.78 -0.23
CA ILE A 159 46.41 -17.58 1.18
C ILE A 159 47.85 -18.02 1.49
N GLN A 160 48.25 -19.18 0.98
CA GLN A 160 49.57 -19.70 1.28
C GLN A 160 50.68 -18.81 0.74
N PHE A 161 50.42 -18.05 -0.34
CA PHE A 161 51.47 -17.24 -0.93
C PHE A 161 51.62 -15.88 -0.28
N VAL A 162 50.51 -15.24 0.10
CA VAL A 162 50.57 -13.94 0.75
C VAL A 162 51.25 -14.07 2.11
N LEU A 163 50.98 -15.17 2.83
CA LEU A 163 51.68 -15.42 4.08
C LEU A 163 53.18 -15.60 3.85
N LEU A 164 53.56 -16.26 2.76
CA LEU A 164 54.97 -16.50 2.48
C LEU A 164 55.74 -15.20 2.30
N VAL A 165 55.18 -14.26 1.54
CA VAL A 165 55.89 -12.99 1.33
C VAL A 165 55.98 -12.21 2.64
N LEU A 166 54.91 -12.20 3.43
CA LEU A 166 54.93 -11.52 4.71
C LEU A 166 55.95 -12.15 5.65
N GLY A 167 56.05 -13.48 5.65
CA GLY A 167 57.02 -14.15 6.50
C GLY A 167 58.45 -13.74 6.17
N LYS A 168 58.77 -13.64 4.87
CA LYS A 168 60.08 -13.15 4.49
C LYS A 168 60.22 -11.65 4.71
N LEU A 169 59.12 -10.91 4.64
CA LEU A 169 59.19 -9.46 4.77
C LEU A 169 59.32 -9.02 6.23
N LEU A 170 58.40 -9.48 7.08
CA LEU A 170 58.29 -8.97 8.44
C LEU A 170 59.09 -9.84 9.41
N PRO A 171 60.07 -9.29 10.13
CA PRO A 171 60.72 -10.05 11.20
C PRO A 171 59.76 -10.25 12.37
N LEU A 172 60.21 -11.06 13.34
CA LEU A 172 59.30 -11.47 14.41
C LEU A 172 58.80 -10.29 15.22
N ASP A 173 59.67 -9.34 15.56
CA ASP A 173 59.24 -8.18 16.33
C ASP A 173 58.30 -7.28 15.53
N ALA A 174 58.31 -7.38 14.19
CA ALA A 174 57.31 -6.70 13.38
C ALA A 174 55.92 -7.28 13.62
N TRP A 175 55.83 -8.60 13.79
CA TRP A 175 54.56 -9.25 14.08
C TRP A 175 54.07 -8.97 15.49
N GLY A 176 54.94 -8.47 16.38
CA GLY A 176 54.57 -8.19 17.75
C GLY A 176 54.50 -9.44 18.59
N GLY A 177 55.59 -10.20 18.60
CA GLY A 177 55.68 -11.41 19.39
C GLY A 177 55.10 -12.62 18.68
N VAL A 178 55.41 -13.79 19.24
CA VAL A 178 54.90 -15.04 18.66
C VAL A 178 53.39 -15.12 18.82
N SER A 179 52.86 -14.75 20.00
CA SER A 179 51.44 -14.93 20.26
C SER A 179 50.58 -14.12 19.30
N ASN A 180 50.94 -12.87 19.05
CA ASN A 180 50.18 -12.05 18.12
C ASN A 180 50.45 -12.42 16.66
N LYS A 181 51.57 -13.08 16.37
CA LYS A 181 51.86 -13.47 15.01
C LYS A 181 50.81 -14.45 14.48
N LYS A 182 50.43 -15.43 15.29
CA LYS A 182 49.39 -16.37 14.87
C LYS A 182 48.03 -15.69 14.78
N ILE A 183 47.75 -14.76 15.71
CA ILE A 183 46.48 -14.04 15.69
C ILE A 183 46.35 -13.22 14.41
N ILE A 184 47.43 -12.53 14.02
CA ILE A 184 47.43 -11.74 12.79
C ILE A 184 47.23 -12.65 11.58
N LYS A 185 47.89 -13.83 11.59
CA LYS A 185 47.75 -14.75 10.47
C LYS A 185 46.31 -15.20 10.30
N ASP A 186 45.61 -15.47 11.41
CA ASP A 186 44.20 -15.82 11.32
C ASP A 186 43.39 -14.68 10.72
N ARG A 187 43.67 -13.45 11.13
CA ARG A 187 42.93 -12.29 10.60
C ARG A 187 43.16 -12.13 9.10
N VAL A 188 44.39 -12.33 8.63
CA VAL A 188 44.69 -12.22 7.21
C VAL A 188 43.92 -13.26 6.41
N VAL A 189 43.86 -14.49 6.92
CA VAL A 189 43.11 -15.55 6.24
C VAL A 189 41.63 -15.17 6.13
N ASP A 190 41.08 -14.60 7.20
CA ASP A 190 39.71 -14.11 7.15
C ASP A 190 39.54 -13.03 6.09
N PHE A 191 40.51 -12.11 5.99
CA PHE A 191 40.37 -11.00 5.06
C PHE A 191 40.28 -11.46 3.61
N LEU A 192 41.09 -12.45 3.21
CA LEU A 192 41.07 -12.83 1.80
C LEU A 192 39.72 -13.41 1.39
N LEU A 193 38.96 -13.96 2.34
CA LEU A 193 37.65 -14.56 2.06
C LEU A 193 36.51 -13.57 2.28
N LEU A 194 36.63 -12.34 1.76
CA LEU A 194 35.56 -11.37 1.95
C LEU A 194 34.40 -11.63 1.00
N GLY A 195 34.51 -11.14 -0.23
CA GLY A 195 33.43 -11.21 -1.17
C GLY A 195 33.11 -9.88 -1.83
N ALA A 196 31.83 -9.55 -1.95
CA ALA A 196 31.40 -8.33 -2.65
C ALA A 196 31.65 -7.08 -1.79
N ASN A 197 32.89 -6.61 -1.82
CA ASN A 197 33.29 -5.41 -1.08
C ASN A 197 32.91 -5.50 0.39
N GLU A 198 33.09 -6.68 0.97
CA GLU A 198 32.67 -6.98 2.33
C GLU A 198 33.67 -6.38 3.31
N LYS A 199 33.37 -5.18 3.82
CA LYS A 199 34.29 -4.49 4.69
C LYS A 199 34.04 -4.83 6.16
N ILE A 200 35.14 -4.99 6.91
CA ILE A 200 35.12 -5.51 8.27
C ILE A 200 35.46 -4.37 9.21
N HIS A 201 34.74 -4.27 10.31
CA HIS A 201 35.05 -3.26 11.31
C HIS A 201 36.47 -3.45 11.83
N MET A 202 37.22 -2.34 11.93
CA MET A 202 38.63 -2.42 12.31
C MET A 202 38.81 -2.94 13.73
N ASP A 203 37.88 -2.62 14.63
CA ASP A 203 38.04 -3.01 16.03
C ASP A 203 38.06 -4.52 16.19
N ASP A 204 37.43 -5.28 15.28
CA ASP A 204 37.60 -6.72 15.30
C ASP A 204 39.01 -7.14 14.91
N LEU A 205 39.70 -6.33 14.09
CA LEU A 205 41.06 -6.66 13.71
C LEU A 205 42.01 -6.58 14.90
N PHE A 206 41.85 -5.57 15.76
CA PHE A 206 42.70 -5.40 16.92
C PHE A 206 42.27 -6.25 18.11
N ARG A 207 41.08 -6.84 18.07
CA ARG A 207 40.58 -7.57 19.23
C ARG A 207 41.46 -8.79 19.49
N GLY A 208 41.91 -8.92 20.74
CA GLY A 208 42.75 -10.03 21.15
C GLY A 208 44.23 -9.80 20.96
N ILE A 209 44.65 -8.70 20.33
CA ILE A 209 46.06 -8.43 20.07
C ILE A 209 46.68 -7.79 21.30
N ARG A 210 47.76 -8.39 21.79
CA ARG A 210 48.41 -7.92 23.01
C ARG A 210 49.29 -6.72 22.70
N LEU A 211 49.03 -5.60 23.38
CA LEU A 211 49.82 -4.39 23.18
C LEU A 211 51.21 -4.52 23.79
N LYS A 212 51.36 -5.36 24.82
CA LYS A 212 52.63 -5.49 25.53
C LYS A 212 53.74 -5.99 24.61
N ASP A 213 53.43 -6.98 23.77
CA ASP A 213 54.46 -7.60 22.91
C ASP A 213 55.04 -6.64 21.89
N PHE A 214 54.33 -5.55 21.56
CA PHE A 214 54.84 -4.53 20.66
C PHE A 214 55.72 -3.56 21.44
N LYS A 215 56.98 -3.97 21.62
CA LYS A 215 57.93 -3.26 22.46
C LYS A 215 58.47 -1.99 21.82
N TRP A 216 58.28 -1.81 20.51
CA TRP A 216 58.81 -0.66 19.80
C TRP A 216 57.83 0.51 19.72
N LEU A 217 56.64 0.39 20.32
CA LEU A 217 55.67 1.46 20.27
C LEU A 217 56.17 2.72 20.96
N GLY A 218 56.97 2.57 22.01
CA GLY A 218 57.51 3.70 22.73
C GLY A 218 58.93 3.43 23.20
N ARG A 219 59.61 4.51 23.60
CA ARG A 219 60.99 4.39 24.07
C ARG A 219 61.08 3.50 25.30
N ALA A 220 60.16 3.68 26.24
CA ALA A 220 60.12 2.83 27.43
C ALA A 220 59.66 1.42 27.07
N HIS A 221 60.25 0.42 27.73
CA HIS A 221 59.82 -0.96 27.55
C HIS A 221 58.71 -1.36 28.52
N GLN A 222 58.38 -0.50 29.47
CA GLN A 222 57.30 -0.73 30.43
C GLN A 222 56.25 0.35 30.26
N ILE A 223 54.99 -0.05 30.15
CA ILE A 223 53.89 0.91 30.05
C ILE A 223 53.61 1.40 31.46
N SER A 224 53.82 2.69 31.70
CA SER A 224 53.76 3.25 33.05
C SER A 224 52.68 4.29 33.22
N SER A 225 52.62 5.30 32.34
CA SER A 225 51.71 6.41 32.50
C SER A 225 50.45 6.21 31.65
N LYS A 226 49.41 6.98 32.01
CA LYS A 226 48.16 6.92 31.27
C LYS A 226 48.36 7.37 29.82
N GLN A 227 49.13 8.44 29.62
CA GLN A 227 49.40 8.92 28.27
C GLN A 227 50.20 7.90 27.45
N ASP A 228 51.14 7.20 28.10
CA ASP A 228 51.96 6.23 27.38
C ASP A 228 51.10 5.12 26.78
N PHE A 229 50.13 4.60 27.54
CA PHE A 229 49.26 3.56 27.00
C PHE A 229 48.43 4.07 25.82
N GLU A 230 47.87 5.27 25.94
CA GLU A 230 46.99 5.78 24.90
C GLU A 230 47.73 5.96 23.58
N LEU A 231 48.95 6.51 23.64
CA LEU A 231 49.73 6.71 22.42
C LEU A 231 50.06 5.38 21.76
N ARG A 232 50.46 4.38 22.55
CA ARG A 232 50.80 3.08 21.98
C ARG A 232 49.60 2.45 21.29
N THR A 233 48.43 2.48 21.94
CA THR A 233 47.24 1.91 21.34
C THR A 233 46.83 2.67 20.08
N ALA A 234 46.88 4.01 20.13
CA ALA A 234 46.53 4.80 18.96
C ALA A 234 47.47 4.54 17.79
N PHE A 235 48.77 4.47 18.07
CA PHE A 235 49.75 4.20 17.01
C PHE A 235 49.62 2.77 16.48
N LEU A 236 49.31 1.82 17.37
CA LEU A 236 49.19 0.42 16.95
C LEU A 236 48.06 0.24 15.95
N LYS A 237 46.93 0.91 16.16
CA LYS A 237 45.81 0.80 15.22
C LYS A 237 46.21 1.27 13.83
N GLY A 238 46.96 2.38 13.75
CA GLY A 238 47.44 2.82 12.46
C GLY A 238 48.41 1.84 11.82
N TYR A 239 49.31 1.27 12.62
CA TYR A 239 50.26 0.30 12.07
C TYR A 239 49.54 -0.93 11.51
N LEU A 240 48.54 -1.43 12.24
CA LEU A 240 47.72 -2.51 11.71
C LEU A 240 46.95 -2.07 10.48
N TRP A 241 46.42 -0.84 10.50
CA TRP A 241 45.70 -0.31 9.35
C TRP A 241 46.60 -0.21 8.13
N TRP A 242 47.84 0.26 8.32
CA TRP A 242 48.78 0.34 7.20
C TRP A 242 49.11 -1.05 6.68
N LEU A 243 49.17 -2.04 7.57
CA LEU A 243 49.46 -3.41 7.15
C LEU A 243 48.39 -3.92 6.21
N PHE A 244 47.12 -3.65 6.51
CA PHE A 244 46.03 -4.17 5.69
C PHE A 244 45.67 -3.25 4.53
N GLU A 245 45.48 -1.96 4.80
CA GLU A 245 45.05 -1.04 3.76
C GLU A 245 46.15 -0.78 2.73
N HIS A 246 47.40 -0.65 3.17
CA HIS A 246 48.48 -0.31 2.26
C HIS A 246 49.37 -1.49 1.89
N LEU A 247 49.89 -2.21 2.89
CA LEU A 247 50.84 -3.29 2.60
C LEU A 247 50.15 -4.49 1.95
N LEU A 248 49.09 -5.00 2.59
CA LEU A 248 48.42 -6.19 2.06
C LEU A 248 47.79 -5.93 0.70
N LYS A 249 47.15 -4.77 0.53
CA LYS A 249 46.52 -4.43 -0.74
C LYS A 249 47.56 -4.31 -1.85
N ASN A 250 48.71 -3.70 -1.56
CA ASN A 250 49.76 -3.59 -2.56
C ASN A 250 50.25 -4.97 -2.98
N ILE A 251 50.40 -5.89 -2.01
CA ILE A 251 50.82 -7.25 -2.33
C ILE A 251 49.78 -7.94 -3.21
N LEU A 252 48.49 -7.79 -2.87
CA LEU A 252 47.44 -8.45 -3.64
C LEU A 252 47.41 -7.96 -5.09
N ARG A 253 47.54 -6.65 -5.31
CA ARG A 253 47.50 -6.12 -6.67
C ARG A 253 48.82 -6.29 -7.41
N SER A 254 49.88 -6.70 -6.72
CA SER A 254 51.17 -6.95 -7.35
C SER A 254 51.34 -8.41 -7.79
N PHE A 255 50.36 -9.27 -7.53
CA PHE A 255 50.46 -10.67 -7.93
C PHE A 255 49.26 -11.13 -8.75
N TRP A 256 48.09 -10.54 -8.51
CA TRP A 256 46.86 -10.98 -9.14
C TRP A 256 46.07 -9.80 -9.69
N TYR A 257 45.28 -10.08 -10.72
CA TYR A 257 44.23 -9.19 -11.17
C TYR A 257 42.94 -9.67 -10.51
N ILE A 258 42.41 -8.87 -9.59
CA ILE A 258 41.25 -9.26 -8.78
C ILE A 258 40.01 -8.67 -9.43
N THR A 259 39.06 -9.53 -9.78
CA THR A 259 37.85 -9.11 -10.46
C THR A 259 36.63 -9.75 -9.83
N GLU A 260 35.52 -9.03 -9.88
CA GLU A 260 34.23 -9.56 -9.43
C GLU A 260 33.75 -10.67 -10.36
N THR A 261 33.06 -11.65 -9.78
CA THR A 261 32.41 -12.68 -10.59
C THR A 261 31.07 -12.15 -11.11
N SER A 262 30.61 -12.74 -12.22
CA SER A 262 29.36 -12.30 -12.83
C SER A 262 28.13 -12.85 -12.13
N SER A 263 28.27 -13.85 -11.28
CA SER A 263 27.11 -14.45 -10.64
C SER A 263 26.46 -13.48 -9.66
N ILE A 264 25.14 -13.32 -9.78
CA ILE A 264 24.40 -12.54 -8.79
C ILE A 264 24.15 -13.38 -7.54
N VAL A 265 24.24 -14.70 -7.65
CA VAL A 265 24.12 -15.55 -6.48
C VAL A 265 25.41 -15.52 -5.67
N SER A 266 26.52 -15.95 -6.27
CA SER A 266 27.77 -16.06 -5.55
C SER A 266 28.51 -14.73 -5.64
N LEU A 267 28.84 -14.16 -4.47
CA LEU A 267 29.55 -12.90 -4.38
C LEU A 267 31.05 -13.10 -4.11
N GLU A 268 31.56 -14.29 -4.37
CA GLU A 268 32.98 -14.55 -4.23
C GLU A 268 33.76 -13.84 -5.34
N LEU A 269 35.03 -13.58 -5.07
CA LEU A 269 35.90 -12.89 -6.00
C LEU A 269 36.90 -13.86 -6.61
N ASN A 270 37.33 -13.55 -7.83
CA ASN A 270 38.26 -14.39 -8.59
C ASN A 270 39.60 -13.69 -8.73
N TYR A 271 40.68 -14.42 -8.44
CA TYR A 271 42.03 -13.86 -8.42
C TYR A 271 42.79 -14.39 -9.65
N PHE A 272 42.72 -13.63 -10.75
CA PHE A 272 43.44 -13.97 -11.96
C PHE A 272 44.86 -13.41 -11.93
N PRO A 273 45.90 -14.24 -12.11
CA PRO A 273 47.26 -13.69 -12.19
C PRO A 273 47.38 -12.71 -13.34
N GLN A 274 48.15 -11.64 -13.09
CA GLN A 274 48.20 -10.53 -14.04
C GLN A 274 48.75 -10.95 -15.40
N TYR A 275 49.82 -11.74 -15.42
CA TYR A 275 50.40 -12.17 -16.69
C TYR A 275 49.40 -13.04 -17.46
N LEU A 276 48.68 -13.91 -16.76
CA LEU A 276 47.63 -14.70 -17.40
C LEU A 276 46.46 -13.85 -17.85
N TRP A 277 46.15 -12.76 -17.13
CA TRP A 277 44.99 -11.96 -17.46
C TRP A 277 45.11 -11.33 -18.85
N LYS A 278 46.30 -10.83 -19.20
CA LYS A 278 46.48 -10.20 -20.50
C LYS A 278 46.24 -11.20 -21.63
N GLU A 279 46.76 -12.41 -21.50
CA GLU A 279 46.48 -13.43 -22.51
C GLU A 279 44.99 -13.75 -22.59
N LEU A 280 44.33 -13.89 -21.43
CA LEU A 280 42.89 -14.12 -21.44
C LEU A 280 42.13 -12.95 -22.05
N TYR A 281 42.52 -11.72 -21.69
CA TYR A 281 41.81 -10.55 -22.18
C TYR A 281 41.94 -10.43 -23.69
N GLU A 282 43.14 -10.63 -24.24
CA GLU A 282 43.35 -10.48 -25.67
C GLU A 282 42.56 -11.49 -26.48
N SER A 283 42.57 -12.76 -26.05
CA SER A 283 41.89 -13.80 -26.81
C SER A 283 40.40 -13.58 -26.85
N TRP A 284 39.80 -13.22 -25.71
CA TRP A 284 38.36 -13.07 -25.65
C TRP A 284 37.91 -11.79 -26.35
N VAL A 285 38.68 -10.71 -26.22
CA VAL A 285 38.35 -9.47 -26.91
C VAL A 285 38.41 -9.67 -28.43
N SER A 286 39.47 -10.33 -28.90
CA SER A 286 39.61 -10.57 -30.33
C SER A 286 38.48 -11.44 -30.87
N LYS A 287 38.12 -12.50 -30.14
CA LYS A 287 37.02 -13.34 -30.55
C LYS A 287 35.69 -12.58 -30.55
N TYR A 288 35.48 -11.76 -29.51
CA TYR A 288 34.27 -10.95 -29.45
C TYR A 288 34.25 -9.85 -30.50
N ALA A 289 35.42 -9.29 -30.83
CA ALA A 289 35.48 -8.16 -31.75
C ALA A 289 34.97 -8.54 -33.14
N LYS A 290 35.35 -9.72 -33.63
CA LYS A 290 34.98 -10.11 -34.99
C LYS A 290 33.49 -10.38 -35.15
N ASN A 291 32.73 -10.50 -34.05
CA ASN A 291 31.31 -10.77 -34.14
C ASN A 291 30.42 -9.62 -33.68
N ASN A 292 30.96 -8.63 -32.97
CA ASN A 292 30.14 -7.56 -32.43
C ASN A 292 30.77 -6.18 -32.51
N LEU A 293 32.03 -6.03 -32.93
CA LEU A 293 32.73 -4.76 -32.84
C LEU A 293 33.44 -4.46 -34.15
N VAL A 294 33.65 -3.16 -34.41
CA VAL A 294 34.42 -2.69 -35.54
C VAL A 294 35.52 -1.78 -35.04
N LYS A 295 36.76 -2.05 -35.45
CA LYS A 295 37.89 -1.23 -35.03
C LYS A 295 37.81 0.16 -35.67
N MET A 296 38.30 1.16 -34.95
CA MET A 296 38.17 2.53 -35.40
C MET A 296 39.54 3.21 -35.47
N PRO A 297 39.69 4.21 -36.34
CA PRO A 297 40.97 4.92 -36.45
C PRO A 297 41.20 5.84 -35.26
N SER A 298 42.44 6.35 -35.19
CA SER A 298 42.83 7.26 -34.13
C SER A 298 42.09 8.60 -34.19
N LYS A 299 41.49 8.93 -35.34
CA LYS A 299 40.80 10.20 -35.47
C LYS A 299 39.47 10.24 -34.72
N ILE A 300 38.96 9.10 -34.26
CA ILE A 300 37.68 9.07 -33.56
C ILE A 300 37.79 9.57 -32.13
N GLN A 301 39.00 9.69 -31.59
CA GLN A 301 39.20 10.17 -30.22
C GLN A 301 39.13 11.69 -30.12
N ARG A 302 38.72 12.37 -31.18
CA ARG A 302 38.77 13.83 -31.25
C ARG A 302 37.41 14.50 -31.25
N GLU A 303 36.32 13.74 -31.23
CA GLU A 303 34.97 14.30 -31.20
C GLU A 303 34.28 13.89 -29.90
N GLN A 304 33.04 14.36 -29.75
CA GLN A 304 32.25 14.12 -28.53
C GLN A 304 31.32 12.94 -28.76
N LEU A 305 31.66 11.81 -28.16
CA LEU A 305 30.83 10.61 -28.19
C LEU A 305 30.79 10.00 -26.80
N PRO A 306 29.71 9.29 -26.46
CA PRO A 306 29.72 8.47 -25.24
C PRO A 306 30.80 7.40 -25.32
N CYS A 307 31.40 7.11 -24.16
CA CYS A 307 32.51 6.17 -24.12
C CYS A 307 32.54 5.47 -22.77
N GLY A 308 33.22 4.32 -22.74
CA GLY A 308 33.38 3.58 -21.51
C GLY A 308 34.43 2.50 -21.64
N LYS A 309 34.87 2.01 -20.49
CA LYS A 309 35.89 0.97 -20.42
C LYS A 309 35.29 -0.41 -20.59
N ILE A 310 36.01 -1.28 -21.28
CA ILE A 310 35.57 -2.65 -21.55
C ILE A 310 36.25 -3.60 -20.57
N LYS A 311 35.44 -4.40 -19.87
CA LYS A 311 35.92 -5.37 -18.90
C LYS A 311 35.25 -6.71 -19.13
N LEU A 312 35.93 -7.78 -18.72
CA LEU A 312 35.43 -9.15 -18.86
C LEU A 312 35.14 -9.71 -17.48
N ILE A 313 33.94 -10.25 -17.31
CA ILE A 313 33.50 -10.83 -16.04
C ILE A 313 33.16 -12.29 -16.26
N PRO A 314 33.91 -13.23 -15.66
CA PRO A 314 33.67 -14.65 -15.93
C PRO A 314 32.30 -15.13 -15.45
N LYS A 315 31.75 -16.10 -16.19
CA LYS A 315 30.58 -16.85 -15.75
C LYS A 315 30.99 -18.16 -15.09
N ARG A 316 30.85 -19.24 -15.84
CA ARG A 316 31.30 -20.57 -15.46
C ARG A 316 32.46 -21.07 -16.31
N SER A 317 32.48 -20.71 -17.59
CA SER A 317 33.60 -21.01 -18.47
C SER A 317 33.83 -19.93 -19.51
N SER A 318 33.05 -18.85 -19.51
CA SER A 318 33.16 -17.77 -20.47
C SER A 318 33.08 -16.43 -19.74
N PHE A 319 33.31 -15.36 -20.48
CA PHE A 319 33.22 -13.99 -19.98
C PHE A 319 31.96 -13.33 -20.48
N ARG A 320 31.54 -12.27 -19.78
CA ARG A 320 30.51 -11.37 -20.26
C ARG A 320 31.13 -10.00 -20.51
N VAL A 321 30.86 -9.44 -21.67
CA VAL A 321 31.44 -8.16 -22.06
C VAL A 321 30.58 -7.04 -21.48
N ILE A 322 31.22 -6.10 -20.78
CA ILE A 322 30.55 -4.96 -20.21
C ILE A 322 31.33 -3.70 -20.58
N CYS A 323 30.63 -2.56 -20.55
CA CYS A 323 31.23 -1.27 -20.84
C CYS A 323 30.80 -0.31 -19.74
N VAL A 324 31.73 0.02 -18.84
CA VAL A 324 31.47 0.92 -17.73
C VAL A 324 31.72 2.35 -18.22
N PRO A 325 30.70 3.21 -18.23
CA PRO A 325 30.94 4.60 -18.64
C PRO A 325 31.96 5.27 -17.74
N ILE A 326 32.79 6.11 -18.34
CA ILE A 326 33.84 6.83 -17.62
C ILE A 326 33.32 8.21 -17.24
N LYS A 327 33.89 8.76 -16.17
CA LYS A 327 33.51 10.09 -15.67
C LYS A 327 34.37 11.18 -16.28
N ARG A 328 34.71 11.04 -17.55
CA ARG A 328 35.60 11.99 -18.24
C ARG A 328 35.01 12.27 -19.61
N SER A 329 35.82 12.79 -20.52
CA SER A 329 35.42 13.10 -21.87
C SER A 329 36.32 12.38 -22.87
N LEU A 330 35.78 12.15 -24.07
CA LEU A 330 36.48 11.37 -25.08
C LEU A 330 37.78 12.05 -25.51
N LYS A 331 37.76 13.38 -25.63
CA LYS A 331 38.97 14.12 -25.99
C LYS A 331 40.09 13.92 -24.97
N LEU A 332 39.76 13.58 -23.73
CA LEU A 332 40.76 13.35 -22.71
C LEU A 332 41.20 11.89 -22.69
N LEU A 333 41.35 11.32 -21.50
CA LEU A 333 41.72 9.92 -21.28
C LEU A 333 42.97 9.54 -22.07
N ASN A 334 43.95 10.44 -22.08
CA ASN A 334 45.24 10.17 -22.71
C ASN A 334 46.50 10.33 -21.85
N LYS A 335 46.43 10.54 -20.53
CA LYS A 335 45.27 10.67 -19.65
C LYS A 335 45.24 12.05 -19.00
N LYS A 336 46.41 12.51 -18.55
CA LYS A 336 46.59 13.84 -17.99
C LYS A 336 45.70 14.08 -16.77
N LEU A 337 46.20 13.72 -15.58
CA LEU A 337 45.41 13.88 -14.37
C LEU A 337 45.08 15.34 -14.10
N GLU A 338 46.04 16.23 -14.28
CA GLU A 338 45.86 17.68 -14.21
C GLU A 338 45.34 18.17 -12.86
N LEU A 339 45.02 17.23 -11.96
CA LEU A 339 44.72 17.51 -10.55
C LEU A 339 43.42 18.28 -10.33
N ASP A 340 43.00 19.11 -11.28
CA ASP A 340 41.84 19.96 -11.07
C ASP A 340 40.69 19.67 -12.03
N THR A 341 40.97 19.56 -13.33
CA THR A 341 39.91 19.30 -14.30
C THR A 341 39.41 17.86 -14.22
N LEU A 342 40.14 16.98 -13.54
CA LEU A 342 39.65 15.61 -13.34
C LEU A 342 38.37 15.60 -12.52
N GLU A 343 38.20 16.57 -11.62
CA GLU A 343 36.97 16.69 -10.85
C GLU A 343 35.89 17.48 -11.59
N LYS A 344 36.28 18.49 -12.38
CA LYS A 344 35.30 19.22 -13.19
C LYS A 344 34.66 18.29 -14.22
N GLU A 345 35.45 17.43 -14.85
CA GLU A 345 34.90 16.42 -15.74
C GLU A 345 33.99 15.46 -15.00
N LYS A 346 34.34 15.11 -13.76
CA LYS A 346 33.49 14.24 -12.97
C LYS A 346 32.12 14.87 -12.74
N ARG A 347 32.10 16.17 -12.45
CA ARG A 347 30.84 16.89 -12.39
C ARG A 347 30.16 16.92 -13.76
N GLU A 348 30.94 17.12 -14.82
CA GLU A 348 30.36 17.17 -16.16
C GLU A 348 29.69 15.84 -16.51
N PHE A 349 30.35 14.72 -16.23
CA PHE A 349 29.70 13.43 -16.41
C PHE A 349 28.50 13.27 -15.47
N GLU A 350 28.66 13.67 -14.20
CA GLU A 350 27.56 13.56 -13.25
C GLU A 350 26.39 14.44 -13.64
N ARG A 351 26.66 15.68 -14.08
CA ARG A 351 25.58 16.55 -14.52
C ARG A 351 24.93 16.02 -15.78
N TYR A 352 25.69 15.31 -16.62
CA TYR A 352 25.06 14.63 -17.75
C TYR A 352 24.09 13.57 -17.29
N ARG A 353 24.47 12.78 -16.27
CA ARG A 353 23.55 11.77 -15.75
C ARG A 353 22.31 12.40 -15.12
N LYS A 354 22.50 13.46 -14.32
CA LYS A 354 21.40 13.98 -13.51
C LYS A 354 20.26 14.53 -14.34
N GLU A 355 20.57 15.30 -15.40
CA GLU A 355 19.54 15.99 -16.15
C GLU A 355 19.51 15.58 -17.63
N VAL A 356 20.12 14.46 -17.99
CA VAL A 356 20.00 13.94 -19.34
C VAL A 356 19.71 12.45 -19.28
N LEU A 357 20.70 11.66 -18.87
CA LEU A 357 20.54 10.21 -18.90
C LEU A 357 19.41 9.74 -17.99
N SER A 358 19.42 10.17 -16.72
CA SER A 358 18.36 9.76 -15.81
C SER A 358 16.97 10.25 -16.23
N PRO A 359 16.75 11.53 -16.58
CA PRO A 359 15.41 11.92 -17.05
C PRO A 359 14.95 11.16 -18.27
N VAL A 360 15.86 10.86 -19.20
CA VAL A 360 15.49 10.03 -20.35
C VAL A 360 15.11 8.63 -19.90
N GLY A 361 15.89 8.04 -18.98
CA GLY A 361 15.55 6.73 -18.49
C GLY A 361 14.23 6.71 -17.74
N GLN A 362 13.98 7.72 -16.90
CA GLN A 362 12.73 7.79 -16.17
C GLN A 362 11.55 8.00 -17.12
N ILE A 363 11.69 8.87 -18.12
CA ILE A 363 10.60 9.12 -19.05
C ILE A 363 10.34 7.90 -19.93
N LEU A 364 11.40 7.21 -20.36
CA LEU A 364 11.23 5.99 -21.16
C LEU A 364 10.48 4.93 -20.37
N ARG A 365 10.83 4.76 -19.09
CA ARG A 365 10.06 3.86 -18.24
C ARG A 365 8.64 4.36 -18.06
N LEU A 366 8.45 5.69 -18.00
CA LEU A 366 7.09 6.24 -17.96
C LEU A 366 6.32 5.89 -19.23
N LYS A 367 6.97 6.01 -20.40
CA LYS A 367 6.31 5.65 -21.65
C LYS A 367 5.94 4.18 -21.70
N LEU A 368 6.86 3.31 -21.26
CA LEU A 368 6.58 1.87 -21.24
C LEU A 368 5.43 1.54 -20.30
N SER A 369 5.39 2.18 -19.13
CA SER A 369 4.32 1.92 -18.18
C SER A 369 2.97 2.33 -18.73
N LYS A 370 2.93 3.38 -19.56
CA LYS A 370 1.67 3.75 -20.21
C LYS A 370 1.16 2.63 -21.10
N LEU A 371 2.06 2.00 -21.87
CA LEU A 371 1.67 0.86 -22.69
C LEU A 371 1.21 -0.31 -21.82
N ARG A 372 1.89 -0.55 -20.71
CA ARG A 372 1.56 -1.69 -19.85
C ARG A 372 0.14 -1.55 -19.30
N ASP A 373 -0.24 -0.34 -18.87
CA ASP A 373 -1.59 -0.11 -18.40
C ASP A 373 -2.62 -0.31 -19.51
N THR A 374 -2.22 -0.18 -20.78
CA THR A 374 -3.15 -0.25 -21.89
C THR A 374 -3.28 -1.67 -22.45
N TYR A 375 -2.17 -2.21 -22.97
CA TYR A 375 -2.20 -3.50 -23.64
C TYR A 375 -1.89 -4.63 -22.67
N GLU A 376 -2.68 -5.69 -22.76
CA GLU A 376 -2.36 -6.92 -22.03
C GLU A 376 -1.13 -7.59 -22.60
N SER A 377 -0.83 -7.37 -23.88
CA SER A 377 0.38 -7.95 -24.48
C SER A 377 1.64 -7.44 -23.80
N TYR A 378 1.70 -6.13 -23.55
CA TYR A 378 2.85 -5.58 -22.82
C TYR A 378 2.84 -5.98 -21.35
N ARG A 379 1.68 -6.34 -20.81
CA ARG A 379 1.58 -6.74 -19.42
C ARG A 379 2.36 -8.03 -19.12
N ALA A 380 2.64 -8.83 -20.15
CA ALA A 380 3.37 -10.08 -19.97
C ALA A 380 4.84 -9.87 -19.69
N SER A 381 5.36 -8.65 -19.88
CA SER A 381 6.79 -8.36 -19.69
C SER A 381 7.01 -7.91 -18.24
N VAL A 382 7.24 -8.86 -17.35
CA VAL A 382 7.52 -8.56 -15.95
C VAL A 382 8.97 -8.10 -15.81
N HIS A 383 9.37 -7.75 -14.58
CA HIS A 383 10.71 -7.24 -14.33
C HIS A 383 11.42 -7.94 -13.18
N SER A 384 10.84 -9.01 -12.63
CA SER A 384 11.50 -9.74 -11.55
C SER A 384 11.00 -11.17 -11.52
N SER A 385 11.78 -12.03 -10.88
CA SER A 385 11.35 -13.41 -10.66
C SER A 385 10.15 -13.49 -9.72
N SER A 386 10.03 -12.52 -8.80
CA SER A 386 8.88 -12.48 -7.91
C SER A 386 7.59 -12.29 -8.69
N ASP A 387 7.61 -11.41 -9.69
CA ASP A 387 6.44 -11.20 -10.54
C ASP A 387 6.10 -12.46 -11.32
N VAL A 388 7.10 -13.22 -11.77
CA VAL A 388 6.84 -14.43 -12.55
C VAL A 388 6.04 -15.42 -11.72
N ALA A 389 6.43 -15.61 -10.46
CA ALA A 389 5.73 -16.57 -9.60
C ALA A 389 4.28 -16.15 -9.38
N GLU A 390 4.04 -14.85 -9.16
CA GLU A 390 2.68 -14.40 -8.88
C GLU A 390 1.75 -14.67 -10.06
N LYS A 391 2.21 -14.41 -11.29
CA LYS A 391 1.40 -14.72 -12.46
C LYS A 391 1.15 -16.22 -12.57
N ILE A 392 2.18 -17.03 -12.32
CA ILE A 392 1.98 -18.48 -12.33
C ILE A 392 0.99 -18.88 -11.25
N SER A 393 1.14 -18.32 -10.05
CA SER A 393 0.18 -18.60 -8.98
C SER A 393 -1.21 -18.11 -9.35
N ASP A 394 -1.31 -16.90 -9.93
CA ASP A 394 -2.60 -16.38 -10.36
C ASP A 394 -3.19 -17.23 -11.48
N TYR A 395 -2.36 -17.66 -12.44
CA TYR A 395 -2.84 -18.50 -13.54
C TYR A 395 -3.34 -19.84 -13.01
N ARG A 396 -2.63 -20.41 -12.04
CA ARG A 396 -3.05 -21.67 -11.44
C ARG A 396 -4.42 -21.56 -10.78
N ASP A 397 -4.66 -20.46 -10.06
CA ASP A 397 -5.97 -20.24 -9.45
C ASP A 397 -7.07 -20.11 -10.50
N SER A 398 -6.76 -19.53 -11.65
CA SER A 398 -7.74 -19.42 -12.72
C SER A 398 -8.19 -20.79 -13.19
N LEU A 399 -7.24 -21.74 -13.32
CA LEU A 399 -7.61 -23.08 -13.74
C LEU A 399 -8.55 -23.75 -12.74
N LEU A 400 -8.28 -23.59 -11.44
CA LEU A 400 -9.12 -24.21 -10.43
C LEU A 400 -10.55 -23.67 -10.48
N THR A 401 -10.69 -22.35 -10.61
CA THR A 401 -12.02 -21.74 -10.62
C THR A 401 -12.82 -22.20 -11.82
N ARG A 402 -12.19 -22.26 -12.99
CA ARG A 402 -12.92 -22.57 -14.21
C ARG A 402 -13.09 -24.07 -14.45
N PHE A 403 -12.15 -24.89 -13.95
CA PHE A 403 -12.17 -26.31 -14.24
C PHE A 403 -12.35 -27.19 -13.01
N GLY A 404 -12.17 -26.67 -11.81
CA GLY A 404 -12.22 -27.51 -10.62
C GLY A 404 -10.85 -28.07 -10.29
N GLU A 405 -10.30 -28.88 -11.20
CA GLU A 405 -8.96 -29.40 -11.09
C GLU A 405 -8.10 -28.86 -12.23
N ILE A 406 -6.79 -28.86 -12.01
CA ILE A 406 -5.83 -28.37 -12.99
C ILE A 406 -5.68 -29.41 -14.10
N PRO A 407 -5.91 -29.04 -15.37
CA PRO A 407 -5.82 -30.02 -16.46
C PRO A 407 -4.39 -30.26 -16.93
N LYS A 408 -4.25 -31.02 -18.01
CA LYS A 408 -2.95 -31.26 -18.61
C LYS A 408 -2.35 -29.96 -19.13
N LEU A 409 -1.04 -29.81 -18.97
CA LEU A 409 -0.34 -28.58 -19.33
C LEU A 409 0.72 -28.85 -20.39
N PHE A 410 0.78 -27.99 -21.39
CA PHE A 410 1.82 -27.99 -22.40
C PHE A 410 2.76 -26.83 -22.08
N ILE A 411 4.00 -27.14 -21.75
CA ILE A 411 4.97 -26.18 -21.21
C ILE A 411 6.04 -25.90 -22.25
N LEU A 412 6.42 -24.63 -22.37
CA LEU A 412 7.44 -24.21 -23.33
C LEU A 412 8.34 -23.17 -22.65
N LYS A 413 9.60 -23.54 -22.44
CA LYS A 413 10.61 -22.64 -21.89
C LYS A 413 11.72 -22.45 -22.89
N PHE A 414 12.10 -21.19 -23.12
CA PHE A 414 13.20 -20.89 -24.03
C PHE A 414 13.80 -19.55 -23.65
N ASP A 415 15.02 -19.31 -24.13
CA ASP A 415 15.76 -18.09 -23.86
C ASP A 415 16.39 -17.59 -25.15
N MET A 416 16.97 -16.39 -25.07
CA MET A 416 17.56 -15.73 -26.23
C MET A 416 19.07 -15.62 -26.05
N LYS A 417 19.81 -15.93 -27.11
CA LYS A 417 21.27 -15.90 -27.08
C LYS A 417 21.77 -14.46 -27.26
N GLU A 418 22.53 -13.98 -26.28
CA GLU A 418 23.21 -12.68 -26.35
C GLU A 418 22.24 -11.58 -26.76
N CYS A 419 21.22 -11.38 -25.92
CA CYS A 419 20.15 -10.45 -26.28
C CYS A 419 20.68 -9.03 -26.46
N TYR A 420 21.55 -8.57 -25.55
CA TYR A 420 22.13 -7.25 -25.73
C TYR A 420 23.14 -7.23 -26.87
N ASP A 421 23.97 -8.27 -26.97
CA ASP A 421 25.00 -8.29 -28.01
C ASP A 421 24.42 -8.49 -29.40
N ARG A 422 23.51 -9.46 -29.56
CA ARG A 422 22.88 -9.75 -30.85
C ARG A 422 21.70 -8.86 -31.17
N LEU A 423 21.55 -7.75 -30.46
CA LEU A 423 20.45 -6.83 -30.68
C LEU A 423 20.57 -6.17 -32.04
N SER A 424 19.42 -5.81 -32.60
CA SER A 424 19.35 -5.14 -33.91
C SER A 424 19.08 -3.66 -33.64
N GLN A 425 20.13 -2.84 -33.74
CA GLN A 425 19.97 -1.40 -33.50
C GLN A 425 18.99 -0.71 -34.44
N PRO A 426 19.03 -0.91 -35.78
CA PRO A 426 18.08 -0.18 -36.63
C PRO A 426 16.62 -0.44 -36.29
N VAL A 427 16.28 -1.67 -35.89
CA VAL A 427 14.93 -1.98 -35.46
C VAL A 427 14.60 -1.25 -34.16
N LEU A 428 15.57 -1.19 -33.24
CA LEU A 428 15.34 -0.51 -31.96
C LEU A 428 15.03 0.96 -32.17
N MET A 429 15.74 1.63 -33.07
CA MET A 429 15.49 3.04 -33.32
C MET A 429 14.09 3.26 -33.86
N LYS A 430 13.63 2.38 -34.77
CA LYS A 430 12.29 2.53 -35.33
C LYS A 430 11.23 2.42 -34.25
N LYS A 431 11.37 1.47 -33.34
CA LYS A 431 10.40 1.31 -32.27
C LYS A 431 10.46 2.46 -31.26
N LEU A 432 11.64 3.05 -31.06
CA LEU A 432 11.74 4.21 -30.17
C LEU A 432 10.92 5.38 -30.71
N GLU A 433 10.98 5.61 -32.02
CA GLU A 433 10.19 6.68 -32.63
C GLU A 433 8.70 6.37 -32.59
N GLU A 434 8.32 5.09 -32.73
CA GLU A 434 6.91 4.72 -32.67
C GLU A 434 6.29 5.01 -31.31
N LEU A 435 7.11 5.12 -30.26
CA LEU A 435 6.59 5.56 -28.97
C LEU A 435 6.06 6.98 -29.07
N PHE A 436 6.77 7.84 -29.78
CA PHE A 436 6.40 9.25 -29.95
C PHE A 436 5.82 9.52 -31.34
N GLU A 437 5.13 8.52 -31.91
CA GLU A 437 4.61 8.64 -33.27
C GLU A 437 3.51 9.68 -33.40
N ASN A 438 2.85 10.06 -32.30
CA ASN A 438 1.71 10.97 -32.38
C ASN A 438 2.12 12.43 -32.20
N GLN A 439 2.82 12.74 -31.11
CA GLN A 439 3.19 14.11 -30.80
C GLN A 439 4.29 14.61 -31.75
N ASP A 440 4.38 15.94 -31.87
CA ASP A 440 5.37 16.55 -32.74
C ASP A 440 6.72 16.62 -32.03
N ASN A 441 7.69 17.25 -32.70
CA ASN A 441 9.05 17.32 -32.18
C ASN A 441 9.20 18.24 -30.98
N LYS A 442 8.21 19.10 -30.70
CA LYS A 442 8.26 20.04 -29.58
C LYS A 442 7.11 19.73 -28.62
N THR A 443 7.38 18.85 -27.67
CA THR A 443 6.42 18.52 -26.61
C THR A 443 6.85 18.99 -25.24
N SER A 444 8.15 18.91 -24.93
CA SER A 444 8.72 19.40 -23.68
C SER A 444 8.11 18.71 -22.46
N TYR A 445 8.62 17.53 -22.12
CA TYR A 445 8.19 16.83 -20.93
C TYR A 445 8.94 17.37 -19.71
N TYR A 446 8.20 17.69 -18.65
CA TYR A 446 8.81 18.15 -17.41
C TYR A 446 8.82 17.00 -16.42
N VAL A 447 10.01 16.64 -15.93
CA VAL A 447 10.16 15.55 -14.97
C VAL A 447 11.07 16.00 -13.83
N ARG A 448 10.92 15.33 -12.69
CA ARG A 448 11.74 15.56 -11.52
C ARG A 448 11.96 14.21 -10.85
N TYR A 449 13.20 13.91 -10.49
CA TYR A 449 13.52 12.59 -9.96
C TYR A 449 13.22 12.53 -8.48
N TYR A 450 12.35 11.60 -8.09
CA TYR A 450 12.13 11.25 -6.70
C TYR A 450 12.15 9.73 -6.56
N ALA A 451 12.62 9.28 -5.40
CA ALA A 451 12.91 7.86 -5.20
C ALA A 451 11.67 6.97 -5.27
N GLN A 452 10.48 7.52 -5.03
CA GLN A 452 9.26 6.71 -4.97
C GLN A 452 8.43 6.78 -6.25
N LEU A 453 8.93 7.43 -7.30
CA LEU A 453 8.14 7.62 -8.51
C LEU A 453 8.78 7.01 -9.76
N ASP A 454 9.78 6.16 -9.60
CA ASP A 454 10.40 5.49 -10.74
C ASP A 454 9.82 4.09 -10.90
N ALA A 455 10.51 3.23 -11.63
CA ALA A 455 10.05 1.86 -11.87
C ALA A 455 10.05 1.06 -10.58
N HIS A 471 4.35 6.07 1.00
CA HIS A 471 5.63 6.13 1.72
C HIS A 471 5.82 7.50 2.36
N ASN A 472 7.08 7.86 2.58
CA ASN A 472 7.45 9.13 3.21
C ASN A 472 8.00 10.05 2.12
N LEU A 473 7.09 10.65 1.35
CA LEU A 473 7.45 11.54 0.25
C LEU A 473 7.28 12.98 0.71
N ASN A 474 8.38 13.57 1.18
CA ASN A 474 8.41 14.96 1.61
C ASN A 474 9.07 15.80 0.51
N ILE A 475 8.25 16.43 -0.32
CA ILE A 475 8.76 17.23 -1.43
C ILE A 475 8.94 18.68 -1.02
N LEU A 476 7.89 19.29 -0.48
CA LEU A 476 7.94 20.69 -0.09
C LEU A 476 8.92 20.91 1.06
N SER A 477 9.68 22.00 0.98
CA SER A 477 10.68 22.31 2.01
C SER A 477 10.07 23.16 3.12
N SER A 478 9.77 24.42 2.82
CA SER A 478 9.21 25.39 3.76
C SER A 478 10.20 25.74 4.88
N SER A 479 9.82 26.67 5.76
CA SER A 479 10.71 27.20 6.79
C SER A 479 10.63 26.45 8.11
N ARG A 480 9.77 25.45 8.24
CA ARG A 480 9.67 24.68 9.47
C ARG A 480 10.08 23.22 9.31
N HIS A 481 10.22 22.73 8.08
CA HIS A 481 10.60 21.35 7.82
C HIS A 481 11.68 21.33 6.75
N LEU A 482 12.49 20.27 6.76
CA LEU A 482 13.50 20.04 5.73
C LEU A 482 14.40 21.26 5.55
N SER A 483 14.81 21.84 6.67
CA SER A 483 15.63 23.05 6.64
C SER A 483 16.94 22.85 7.40
N VAL A 489 23.59 18.84 0.41
CA VAL A 489 24.06 18.39 -0.89
C VAL A 489 23.08 18.90 -1.95
N ASP A 490 22.58 18.02 -2.81
CA ASP A 490 21.64 18.40 -3.84
C ASP A 490 20.26 18.69 -3.24
N LYS A 491 19.46 19.45 -3.99
CA LYS A 491 18.11 19.81 -3.56
C LYS A 491 17.04 19.37 -4.56
N THR A 492 17.38 18.50 -5.50
CA THR A 492 16.43 17.93 -6.47
C THR A 492 15.68 18.99 -7.28
N LYS A 493 16.28 19.44 -8.38
CA LYS A 493 15.69 20.46 -9.23
C LYS A 493 15.10 19.83 -10.49
N THR A 494 13.94 20.33 -10.91
CA THR A 494 13.19 19.77 -12.03
C THR A 494 13.92 19.97 -13.36
N ILE A 495 13.67 19.07 -14.30
CA ILE A 495 14.33 19.02 -15.60
C ILE A 495 13.27 18.98 -16.69
N ALA A 496 13.48 19.73 -17.77
CA ALA A 496 12.57 19.74 -18.91
C ALA A 496 13.32 19.31 -20.16
N LEU A 497 12.77 18.31 -20.87
CA LEU A 497 13.30 17.82 -22.13
C LEU A 497 12.17 17.66 -23.14
N GLN A 498 12.45 18.01 -24.40
CA GLN A 498 11.46 17.91 -25.46
C GLN A 498 11.72 16.72 -26.38
N LYS A 499 10.80 16.51 -27.33
CA LYS A 499 10.82 15.29 -28.14
C LYS A 499 12.07 15.17 -28.99
N GLY A 500 12.50 16.27 -29.63
CA GLY A 500 13.62 16.18 -30.55
C GLY A 500 14.92 15.78 -29.89
N ASN A 501 15.20 16.38 -28.73
CA ASN A 501 16.44 16.08 -28.02
C ASN A 501 16.48 14.63 -27.54
N ILE A 502 15.36 14.12 -27.05
CA ILE A 502 15.34 12.80 -26.42
C ILE A 502 15.72 11.71 -27.42
N LEU A 503 15.17 11.78 -28.63
CA LEU A 503 15.46 10.73 -29.62
C LEU A 503 16.93 10.71 -30.00
N GLU A 504 17.56 11.87 -30.11
CA GLU A 504 18.98 11.92 -30.45
C GLU A 504 19.84 11.32 -29.34
N VAL A 505 19.44 11.49 -28.08
CA VAL A 505 20.17 10.89 -26.96
C VAL A 505 20.18 9.38 -27.09
N CYS A 506 19.04 8.79 -27.45
CA CYS A 506 18.98 7.35 -27.68
C CYS A 506 19.90 6.94 -28.82
N ARG A 507 19.94 7.73 -29.89
CA ARG A 507 20.84 7.44 -31.00
C ARG A 507 22.30 7.50 -30.55
N SER A 508 22.64 8.49 -29.71
CA SER A 508 24.00 8.59 -29.19
C SER A 508 24.36 7.36 -28.37
N GLN A 509 23.45 6.89 -27.52
CA GLN A 509 23.73 5.74 -26.66
C GLN A 509 23.72 4.40 -27.41
N ILE A 510 23.20 4.36 -28.63
CA ILE A 510 23.08 3.10 -29.38
C ILE A 510 24.21 2.94 -30.39
N TYR A 511 24.40 3.93 -31.26
CA TYR A 511 25.39 3.84 -32.32
C TYR A 511 26.73 4.48 -31.93
N ASP A 512 26.68 5.63 -31.26
CA ASP A 512 27.86 6.45 -31.02
C ASP A 512 28.69 5.97 -29.84
N VAL A 513 28.22 4.98 -29.08
CA VAL A 513 28.97 4.50 -27.93
C VAL A 513 30.25 3.81 -28.38
N VAL A 514 31.37 4.16 -27.75
CA VAL A 514 32.69 3.68 -28.13
C VAL A 514 33.33 2.98 -26.94
N GLY A 515 33.88 1.79 -27.16
CA GLY A 515 34.55 1.01 -26.13
C GLY A 515 36.06 1.10 -26.29
N SER A 516 36.77 0.89 -25.19
CA SER A 516 38.22 1.03 -25.15
C SER A 516 38.89 -0.31 -24.86
N VAL A 517 39.93 -0.62 -25.63
CA VAL A 517 40.71 -1.85 -25.48
C VAL A 517 42.17 -1.49 -25.32
N LYS A 518 42.82 -2.07 -24.30
CA LYS A 518 44.25 -1.90 -24.08
C LYS A 518 44.98 -3.14 -24.56
N ASP A 519 45.96 -2.97 -25.43
CA ASP A 519 46.74 -4.08 -25.96
C ASP A 519 48.00 -4.26 -25.11
N ALA A 520 48.99 -4.97 -25.64
CA ALA A 520 50.23 -5.21 -24.89
C ALA A 520 50.95 -3.90 -24.58
N ARG A 521 51.03 -2.99 -25.55
CA ARG A 521 51.71 -1.71 -25.36
C ARG A 521 50.78 -0.63 -24.82
N GLY A 522 49.48 -0.89 -24.72
CA GLY A 522 48.56 0.10 -24.22
C GLY A 522 48.34 1.25 -25.19
N ASN A 523 47.76 0.95 -26.35
CA ASN A 523 47.45 1.97 -27.34
C ASN A 523 45.93 2.18 -27.39
N LEU A 524 45.45 2.76 -28.48
CA LEU A 524 44.03 3.10 -28.59
C LEU A 524 43.18 1.84 -28.74
N HIS A 525 43.14 1.26 -29.93
CA HIS A 525 42.30 0.10 -30.23
C HIS A 525 40.85 0.37 -29.83
N LEU A 526 40.30 1.43 -30.42
CA LEU A 526 38.94 1.88 -30.12
C LEU A 526 37.95 1.17 -31.03
N TYR A 527 36.84 0.73 -30.43
CA TYR A 527 35.84 -0.06 -31.12
C TYR A 527 34.46 0.57 -30.94
N LYS A 528 33.58 0.31 -31.90
CA LYS A 528 32.21 0.80 -31.89
C LYS A 528 31.26 -0.37 -32.06
N ARG A 529 30.04 -0.18 -31.57
CA ARG A 529 29.03 -1.23 -31.67
C ARG A 529 28.70 -1.51 -33.13
N LYS A 530 28.65 -2.79 -33.47
CA LYS A 530 28.28 -3.24 -34.81
C LYS A 530 26.84 -3.76 -34.86
N ARG A 531 26.48 -4.64 -33.94
CA ARG A 531 25.16 -5.26 -33.93
C ARG A 531 24.22 -4.59 -32.93
N GLY A 532 24.58 -4.63 -31.64
CA GLY A 532 23.67 -4.18 -30.60
C GLY A 532 24.18 -3.00 -29.81
N VAL A 533 23.98 -3.03 -28.49
CA VAL A 533 24.37 -1.94 -27.62
C VAL A 533 25.20 -2.50 -26.47
N PHE A 534 26.01 -1.63 -25.87
CA PHE A 534 26.91 -2.05 -24.81
C PHE A 534 26.17 -2.21 -23.49
N GLN A 535 26.42 -3.32 -22.81
CA GLN A 535 25.91 -3.50 -21.46
C GLN A 535 26.60 -2.55 -20.48
N GLY A 536 25.84 -2.11 -19.49
CA GLY A 536 26.35 -1.28 -18.42
C GLY A 536 26.04 0.20 -18.55
N PHE A 537 25.68 0.67 -19.74
CA PHE A 537 25.14 2.02 -19.88
C PHE A 537 23.71 2.05 -19.35
N SER A 538 23.33 3.19 -18.77
CA SER A 538 22.08 3.27 -18.03
C SER A 538 20.88 3.02 -18.92
N LEU A 539 20.88 3.58 -20.13
CA LEU A 539 19.75 3.43 -21.04
C LEU A 539 19.72 2.07 -21.73
N SER A 540 20.80 1.30 -21.65
CA SER A 540 20.82 -0.01 -22.30
C SER A 540 19.79 -0.94 -21.70
N SER A 541 19.64 -0.94 -20.38
CA SER A 541 18.70 -1.86 -19.72
C SER A 541 17.27 -1.61 -20.17
N ILE A 542 16.86 -0.34 -20.26
CA ILE A 542 15.50 -0.04 -20.69
C ILE A 542 15.33 -0.25 -22.18
N PHE A 543 16.41 -0.09 -22.97
CA PHE A 543 16.30 -0.30 -24.41
C PHE A 543 15.91 -1.73 -24.74
N CYS A 544 16.51 -2.70 -24.06
CA CYS A 544 16.13 -4.10 -24.25
C CYS A 544 14.68 -4.33 -23.83
N ASP A 545 14.27 -3.75 -22.71
CA ASP A 545 12.90 -3.92 -22.25
C ASP A 545 11.89 -3.35 -23.24
N ILE A 546 12.18 -2.17 -23.79
CA ILE A 546 11.26 -1.57 -24.76
C ILE A 546 11.16 -2.43 -26.02
N LEU A 547 12.31 -2.86 -26.55
CA LEU A 547 12.30 -3.57 -27.83
C LEU A 547 11.71 -4.97 -27.70
N TYR A 548 12.12 -5.72 -26.68
CA TYR A 548 11.65 -7.10 -26.53
C TYR A 548 10.16 -7.16 -26.26
N SER A 549 9.64 -6.23 -25.45
CA SER A 549 8.20 -6.17 -25.23
C SER A 549 7.46 -5.86 -26.52
N ALA A 550 8.02 -4.95 -27.34
CA ALA A 550 7.42 -4.63 -28.63
C ALA A 550 7.43 -5.86 -29.56
N MET A 551 8.52 -6.63 -29.53
CA MET A 551 8.61 -7.82 -30.39
C MET A 551 7.53 -8.82 -30.05
N VAL A 552 7.26 -9.03 -28.75
CA VAL A 552 6.21 -9.95 -28.33
C VAL A 552 4.85 -9.46 -28.83
N HIS A 553 4.65 -8.14 -28.83
CA HIS A 553 3.33 -7.58 -29.15
C HIS A 553 2.89 -7.93 -30.57
N ASP A 554 3.78 -7.84 -31.55
CA ASP A 554 3.38 -8.01 -32.94
C ASP A 554 3.69 -9.39 -33.51
N CYS A 555 4.85 -9.97 -33.16
CA CYS A 555 5.16 -11.31 -33.64
C CYS A 555 4.17 -12.33 -33.10
N PHE A 556 3.80 -12.21 -31.83
CA PHE A 556 2.81 -13.08 -31.20
C PHE A 556 1.45 -12.40 -31.09
N GLN A 557 1.11 -11.52 -32.04
CA GLN A 557 -0.13 -10.78 -31.99
C GLN A 557 -1.35 -11.68 -32.02
N PHE A 558 -1.21 -12.89 -32.57
CA PHE A 558 -2.32 -13.83 -32.60
C PHE A 558 -2.76 -14.24 -31.19
N LEU A 559 -1.82 -14.28 -30.24
CA LEU A 559 -2.16 -14.64 -28.87
C LEU A 559 -3.14 -13.64 -28.24
N TRP A 560 -2.92 -12.35 -28.48
CA TRP A 560 -3.72 -11.30 -27.85
C TRP A 560 -4.86 -10.82 -28.73
N LYS A 561 -5.23 -11.60 -29.75
CA LYS A 561 -6.48 -11.42 -30.47
C LYS A 561 -7.27 -12.71 -30.30
N SER A 562 -8.49 -12.58 -29.76
CA SER A 562 -9.30 -13.73 -29.35
C SER A 562 -8.53 -14.64 -28.40
N LYS A 563 -8.08 -14.04 -27.29
CA LYS A 563 -7.32 -14.77 -26.29
C LYS A 563 -8.19 -15.83 -25.61
N GLN A 564 -7.56 -16.94 -25.23
CA GLN A 564 -8.24 -17.95 -24.42
C GLN A 564 -7.28 -18.99 -23.84
N ASP A 565 -7.17 -19.02 -22.51
CA ASP A 565 -6.52 -20.10 -21.75
C ASP A 565 -5.07 -20.30 -22.19
N PHE A 566 -4.24 -19.32 -21.82
CA PHE A 566 -2.81 -19.43 -22.00
C PHE A 566 -2.12 -18.50 -21.02
N LEU A 567 -0.83 -18.77 -20.77
CA LEU A 567 0.01 -17.89 -19.98
C LEU A 567 1.34 -17.71 -20.71
N PHE A 568 1.61 -16.48 -21.13
CA PHE A 568 2.88 -16.13 -21.75
C PHE A 568 3.49 -14.99 -20.95
N VAL A 569 4.76 -15.13 -20.60
CA VAL A 569 5.42 -14.14 -19.76
C VAL A 569 6.92 -14.18 -20.06
N ARG A 570 7.54 -13.00 -20.07
CA ARG A 570 8.99 -12.88 -20.22
C ARG A 570 9.52 -11.93 -19.16
N LEU A 571 10.75 -12.20 -18.72
CA LEU A 571 11.44 -11.34 -17.75
C LEU A 571 12.30 -10.35 -18.51
N VAL A 572 13.43 -10.84 -19.04
CA VAL A 572 14.29 -10.05 -19.92
C VAL A 572 14.45 -10.81 -21.23
N ASP A 573 15.17 -11.93 -21.17
CA ASP A 573 15.32 -12.82 -22.31
C ASP A 573 14.85 -14.24 -22.01
N ASP A 574 14.27 -14.46 -20.83
CA ASP A 574 13.74 -15.77 -20.46
C ASP A 574 12.23 -15.76 -20.68
N PHE A 575 11.74 -16.74 -21.44
CA PHE A 575 10.35 -16.80 -21.85
C PHE A 575 9.73 -18.11 -21.37
N LEU A 576 8.47 -18.03 -20.96
CA LEU A 576 7.73 -19.21 -20.50
C LEU A 576 6.36 -19.21 -21.14
N LEU A 577 5.92 -20.39 -21.58
CA LEU A 577 4.58 -20.58 -22.11
C LEU A 577 3.92 -21.74 -21.39
N VAL A 578 2.74 -21.49 -20.83
CA VAL A 578 1.91 -22.54 -20.23
C VAL A 578 0.53 -22.48 -20.85
N THR A 579 0.06 -23.60 -21.40
CA THR A 579 -1.27 -23.64 -21.97
C THR A 579 -1.75 -25.08 -22.06
N PRO A 580 -3.03 -25.35 -21.81
CA PRO A 580 -3.55 -26.71 -22.02
C PRO A 580 -3.93 -27.01 -23.47
N ASP A 581 -3.91 -26.02 -24.36
CA ASP A 581 -4.31 -26.22 -25.74
C ASP A 581 -3.10 -26.64 -26.57
N SER A 582 -3.15 -27.85 -27.14
CA SER A 582 -2.03 -28.36 -27.91
C SER A 582 -1.78 -27.51 -29.17
N ASN A 583 -2.86 -27.13 -29.88
CA ASN A 583 -2.69 -26.40 -31.13
C ASN A 583 -2.04 -25.03 -30.90
N ILE A 584 -2.46 -24.32 -29.85
CA ILE A 584 -1.88 -23.03 -29.54
C ILE A 584 -0.42 -23.20 -29.14
N TYR A 585 -0.10 -24.31 -28.46
CA TYR A 585 1.28 -24.59 -28.10
C TYR A 585 2.14 -24.73 -29.34
N ASP A 586 1.62 -25.41 -30.37
CA ASP A 586 2.37 -25.57 -31.61
C ASP A 586 2.64 -24.23 -32.27
N GLN A 587 1.68 -23.31 -32.21
CA GLN A 587 1.83 -22.02 -32.89
C GLN A 587 3.03 -21.26 -32.35
N VAL A 588 3.20 -21.23 -31.03
CA VAL A 588 4.35 -20.56 -30.43
C VAL A 588 5.65 -21.28 -30.82
N HIS A 589 5.65 -22.61 -30.76
CA HIS A 589 6.82 -23.38 -31.17
C HIS A 589 7.12 -23.19 -32.64
N ASN A 590 6.08 -23.06 -33.46
CA ASN A 590 6.26 -22.77 -34.88
C ASN A 590 6.95 -21.43 -35.07
N ILE A 591 6.60 -20.44 -34.26
CA ILE A 591 7.29 -19.15 -34.30
C ILE A 591 8.76 -19.32 -33.95
N LEU A 592 9.06 -20.12 -32.91
CA LEU A 592 10.45 -20.34 -32.54
C LEU A 592 11.24 -21.02 -33.66
N SER A 593 10.63 -22.01 -34.31
CA SER A 593 11.31 -22.70 -35.41
C SER A 593 11.61 -21.74 -36.56
N GLY A 594 10.66 -20.86 -36.88
CA GLY A 594 10.87 -19.90 -37.94
C GLY A 594 11.81 -18.78 -37.55
N LYS A 595 12.23 -18.02 -38.56
CA LYS A 595 13.18 -16.93 -38.40
C LYS A 595 12.49 -15.59 -38.17
N ILE A 596 11.21 -15.60 -37.78
CA ILE A 596 10.48 -14.36 -37.54
C ILE A 596 11.12 -13.57 -36.40
N LEU A 597 11.48 -14.25 -35.31
CA LEU A 597 12.11 -13.58 -34.19
C LEU A 597 13.48 -13.03 -34.54
N GLU A 598 14.13 -13.55 -35.59
CA GLU A 598 15.44 -13.06 -36.00
C GLU A 598 15.40 -11.67 -36.62
N SER A 599 14.21 -11.15 -36.95
CA SER A 599 14.12 -9.78 -37.42
C SER A 599 14.59 -8.80 -36.36
N TYR A 600 14.20 -9.03 -35.10
CA TYR A 600 14.71 -8.28 -33.98
C TYR A 600 16.05 -8.88 -33.54
N GLY A 601 16.60 -8.41 -32.44
CA GLY A 601 17.87 -8.93 -31.97
C GLY A 601 17.74 -10.17 -31.12
N ALA A 602 16.73 -10.98 -31.40
CA ALA A 602 16.44 -12.18 -30.63
C ALA A 602 16.82 -13.41 -31.45
N PHE A 603 17.64 -14.29 -30.86
CA PHE A 603 18.04 -15.55 -31.48
C PHE A 603 17.83 -16.65 -30.45
N VAL A 604 16.98 -17.62 -30.79
CA VAL A 604 16.57 -18.63 -29.82
C VAL A 604 17.70 -19.60 -29.55
N ASN A 605 17.98 -19.85 -28.27
CA ASN A 605 18.92 -20.89 -27.85
C ASN A 605 18.20 -22.21 -27.99
N LYS A 606 18.31 -22.81 -29.18
CA LYS A 606 17.63 -24.06 -29.47
C LYS A 606 18.16 -25.23 -28.63
N ASP A 607 19.35 -25.09 -28.05
CA ASP A 607 19.97 -26.15 -27.25
C ASP A 607 19.53 -26.13 -25.80
N LYS A 608 18.76 -25.13 -25.36
CA LYS A 608 18.30 -25.04 -23.97
C LYS A 608 16.81 -24.71 -23.94
N THR A 609 16.02 -25.54 -24.62
CA THR A 609 14.57 -25.37 -24.69
C THR A 609 13.92 -26.63 -24.13
N VAL A 610 13.18 -26.48 -23.02
CA VAL A 610 12.48 -27.58 -22.38
C VAL A 610 11.06 -27.67 -22.93
N VAL A 611 10.48 -28.86 -22.89
CA VAL A 611 9.17 -29.10 -23.50
C VAL A 611 8.44 -30.19 -22.72
N VAL A 612 7.15 -29.96 -22.51
CA VAL A 612 6.21 -30.99 -22.04
C VAL A 612 5.02 -30.99 -22.99
N ASN A 613 4.65 -32.18 -23.48
CA ASN A 613 3.59 -32.27 -24.48
C ASN A 613 2.90 -33.63 -24.42
N GLN A 614 2.35 -33.98 -23.26
CA GLN A 614 1.56 -35.19 -23.06
C GLN A 614 2.35 -36.48 -23.32
N THR A 615 3.60 -36.36 -23.76
CA THR A 615 4.43 -37.52 -24.04
C THR A 615 5.61 -37.66 -23.09
N THR A 616 6.15 -36.56 -22.61
CA THR A 616 7.23 -36.58 -21.62
C THR A 616 6.64 -36.21 -20.26
N THR A 617 6.86 -37.07 -19.26
CA THR A 617 6.33 -36.85 -17.92
C THR A 617 7.39 -36.14 -17.10
N LYS A 618 7.19 -34.84 -16.87
CA LYS A 618 8.12 -34.00 -16.13
C LYS A 618 7.34 -33.28 -15.03
N PRO A 619 7.09 -33.95 -13.90
CA PRO A 619 6.35 -33.29 -12.82
C PRO A 619 6.99 -32.00 -12.33
N SER A 620 8.33 -31.93 -12.31
CA SER A 620 9.04 -30.73 -11.87
C SER A 620 9.82 -30.17 -13.04
N ILE A 621 9.67 -28.87 -13.26
CA ILE A 621 10.42 -28.13 -14.27
C ILE A 621 10.94 -26.84 -13.65
N ASP A 622 12.21 -26.55 -13.87
CA ASP A 622 12.86 -25.37 -13.29
C ASP A 622 13.00 -24.30 -14.37
N PHE A 623 12.49 -23.10 -14.06
CA PHE A 623 12.53 -22.00 -15.02
C PHE A 623 13.54 -20.93 -14.61
N VAL A 624 13.16 -20.02 -13.72
CA VAL A 624 14.08 -19.01 -13.23
C VAL A 624 14.09 -19.05 -11.70
N GLY A 625 14.86 -20.00 -11.16
CA GLY A 625 14.94 -20.17 -9.73
C GLY A 625 13.66 -20.64 -9.07
N LEU A 626 12.75 -21.24 -9.85
CA LEU A 626 11.47 -21.69 -9.33
C LEU A 626 11.26 -23.15 -9.72
N GLU A 627 10.90 -23.97 -8.75
CA GLU A 627 10.52 -25.36 -9.00
C GLU A 627 8.99 -25.39 -9.10
N VAL A 628 8.47 -25.35 -10.32
CA VAL A 628 7.04 -25.39 -10.55
C VAL A 628 6.64 -26.83 -10.81
N ASN A 629 5.72 -27.35 -10.01
CA ASN A 629 5.30 -28.72 -10.15
C ASN A 629 4.21 -28.82 -11.21
N THR A 630 4.44 -29.67 -12.21
CA THR A 630 3.46 -29.87 -13.26
C THR A 630 2.22 -30.55 -12.68
N THR A 631 1.06 -30.20 -13.25
CA THR A 631 -0.26 -30.74 -12.89
C THR A 631 -0.69 -30.34 -11.48
N ASP A 632 -0.08 -29.30 -10.91
CA ASP A 632 -0.59 -28.69 -9.69
C ASP A 632 -0.07 -27.25 -9.57
N LEU A 633 1.00 -26.95 -10.29
CA LEU A 633 1.54 -25.60 -10.44
C LEU A 633 1.96 -24.97 -9.11
N SER A 634 2.21 -25.80 -8.09
CA SER A 634 2.79 -25.27 -6.85
C SER A 634 4.21 -24.79 -7.13
N ILE A 635 4.58 -23.68 -6.50
CA ILE A 635 5.84 -23.02 -6.78
C ILE A 635 6.69 -23.05 -5.51
N LYS A 636 7.93 -23.54 -5.65
CA LYS A 636 8.86 -23.65 -4.54
C LYS A 636 10.20 -23.10 -5.01
N ARG A 637 10.63 -21.99 -4.42
CA ARG A 637 11.92 -21.40 -4.78
C ARG A 637 13.06 -22.31 -4.34
N ASN A 638 14.07 -22.42 -5.19
CA ASN A 638 15.25 -23.22 -4.89
C ASN A 638 16.27 -22.36 -4.14
N SER A 639 17.53 -22.76 -4.15
CA SER A 639 18.58 -22.05 -3.42
C SER A 639 19.14 -20.89 -4.25
N GLY A 640 18.26 -19.96 -4.57
CA GLY A 640 18.67 -18.77 -5.31
C GLY A 640 18.88 -17.56 -4.43
N SER A 641 18.54 -17.68 -3.14
CA SER A 641 18.68 -16.61 -2.17
C SER A 641 19.92 -16.84 -1.30
N ILE A 642 20.42 -15.75 -0.72
CA ILE A 642 21.61 -15.81 0.12
C ILE A 642 21.51 -14.80 1.25
N SER A 643 21.95 -15.22 2.44
CA SER A 643 22.16 -14.33 3.57
C SER A 643 23.46 -13.56 3.40
N LEU A 644 23.46 -12.29 3.78
CA LEU A 644 24.53 -11.39 3.39
C LEU A 644 25.90 -11.87 3.88
N VAL A 645 26.04 -12.27 5.16
CA VAL A 645 25.19 -11.93 6.30
C VAL A 645 26.12 -11.46 7.42
N THR A 646 27.37 -11.94 7.36
CA THR A 646 28.37 -11.53 8.35
C THR A 646 28.73 -10.06 8.21
N THR A 647 28.86 -9.58 6.97
CA THR A 647 29.32 -8.21 6.74
C THR A 647 28.28 -7.20 7.18
N ASN A 648 28.76 -6.11 7.79
CA ASN A 648 27.97 -4.95 8.21
C ASN A 648 27.02 -5.26 9.36
N PHE A 649 27.03 -6.48 9.89
CA PHE A 649 26.15 -6.86 10.99
C PHE A 649 27.00 -7.53 12.05
N ARG A 650 27.18 -6.84 13.18
CA ARG A 650 27.94 -7.38 14.30
C ARG A 650 27.11 -7.29 15.57
N THR A 651 26.25 -6.27 15.63
CA THR A 651 25.32 -6.12 16.74
C THR A 651 24.15 -7.09 16.56
N PHE A 652 23.61 -7.56 17.68
CA PHE A 652 22.41 -8.38 17.62
C PHE A 652 21.24 -7.62 17.01
N LYS A 653 21.07 -6.35 17.38
CA LYS A 653 19.99 -5.56 16.82
C LYS A 653 20.14 -5.41 15.30
N THR A 654 21.35 -5.12 14.82
CA THR A 654 21.55 -4.96 13.39
C THR A 654 21.30 -6.26 12.64
N LEU A 655 21.80 -7.39 13.16
CA LEU A 655 21.60 -8.67 12.50
C LEU A 655 20.12 -9.04 12.46
N VAL A 656 19.41 -8.82 13.58
CA VAL A 656 17.99 -9.16 13.64
C VAL A 656 17.19 -8.35 12.63
N LYS A 657 17.49 -7.05 12.53
CA LYS A 657 16.73 -6.20 11.61
C LYS A 657 16.88 -6.68 10.18
N TYR A 658 18.10 -7.01 9.75
CA TYR A 658 18.26 -7.60 8.42
C TYR A 658 17.56 -8.94 8.32
N LEU A 659 17.70 -9.79 9.34
CA LEU A 659 17.07 -11.11 9.30
C LEU A 659 15.55 -11.00 9.25
N LYS A 660 14.98 -10.09 10.05
CA LYS A 660 13.54 -9.88 9.97
C LYS A 660 13.13 -9.39 8.59
N THR A 661 13.88 -8.44 8.04
CA THR A 661 13.62 -7.99 6.68
C THR A 661 13.82 -9.12 5.68
N PHE A 662 14.92 -9.88 5.84
CA PHE A 662 15.21 -10.95 4.90
C PHE A 662 14.15 -12.04 4.91
N TYR A 663 13.70 -12.44 6.11
CA TYR A 663 12.69 -13.49 6.19
C TYR A 663 11.36 -13.06 5.57
N GLN A 664 10.95 -11.82 5.85
CA GLN A 664 9.67 -11.33 5.31
C GLN A 664 9.73 -11.19 3.80
N LEU A 665 10.87 -10.72 3.26
CA LEU A 665 10.99 -10.54 1.82
C LEU A 665 10.86 -11.86 1.08
N ASN A 666 11.52 -12.91 1.57
CA ASN A 666 11.53 -14.19 0.86
C ASN A 666 10.33 -15.08 1.17
N LEU A 667 9.52 -14.73 2.19
CA LEU A 667 8.30 -15.48 2.49
C LEU A 667 7.17 -14.84 1.69
N GLU A 668 7.02 -15.27 0.44
CA GLU A 668 6.03 -14.70 -0.46
C GLU A 668 4.76 -15.53 -0.48
N GLY A 669 3.71 -14.95 -1.09
CA GLY A 669 2.40 -15.56 -1.04
C GLY A 669 2.33 -16.91 -1.73
N PHE A 670 2.99 -17.04 -2.88
CA PHE A 670 2.89 -18.28 -3.66
C PHE A 670 3.48 -19.47 -2.91
N LEU A 671 4.52 -19.24 -2.11
CA LEU A 671 5.04 -20.29 -1.26
C LEU A 671 4.02 -20.74 -0.21
N LEU A 672 3.24 -19.80 0.32
CA LEU A 672 2.24 -20.12 1.33
C LEU A 672 0.87 -20.45 0.78
N ASP A 673 0.70 -20.44 -0.55
CA ASP A 673 -0.63 -20.68 -1.10
C ASP A 673 -1.00 -22.15 -0.92
N CYS A 674 -2.19 -22.39 -0.39
CA CYS A 674 -2.68 -23.74 -0.10
C CYS A 674 -4.07 -23.94 -0.69
N SER A 675 -4.30 -23.42 -1.91
CA SER A 675 -5.58 -23.67 -2.58
C SER A 675 -5.76 -25.16 -2.85
N PHE A 676 -4.69 -25.84 -3.26
CA PHE A 676 -4.72 -27.30 -3.40
C PHE A 676 -4.61 -27.96 -2.04
N GLY A 677 -4.19 -29.22 -2.05
CA GLY A 677 -3.79 -29.96 -0.87
C GLY A 677 -2.33 -29.81 -0.53
N VAL A 678 -1.60 -28.95 -1.26
CA VAL A 678 -0.17 -28.80 -1.08
C VAL A 678 0.11 -28.00 0.19
N LEU A 679 -0.11 -28.62 1.34
CA LEU A 679 0.27 -28.04 2.63
C LEU A 679 1.59 -28.58 3.14
N GLU A 680 1.91 -29.84 2.84
CA GLU A 680 3.20 -30.40 3.20
C GLU A 680 4.33 -29.66 2.47
N ASN A 681 4.12 -29.35 1.19
CA ASN A 681 5.09 -28.57 0.43
C ASN A 681 5.27 -27.18 1.03
N VAL A 682 4.17 -26.55 1.45
CA VAL A 682 4.25 -25.23 2.08
C VAL A 682 5.08 -25.29 3.35
N LEU A 683 4.85 -26.31 4.18
CA LEU A 683 5.65 -26.49 5.38
C LEU A 683 7.11 -26.71 5.02
N GLU A 684 7.37 -27.48 3.97
CA GLU A 684 8.74 -27.65 3.51
C GLU A 684 9.36 -26.33 3.09
N ASN A 685 8.60 -25.51 2.35
CA ASN A 685 9.11 -24.19 1.97
C ASN A 685 9.35 -23.30 3.19
N MET A 686 8.38 -23.28 4.12
CA MET A 686 8.56 -22.49 5.34
C MET A 686 9.70 -23.04 6.18
N GLY A 687 9.78 -24.36 6.30
CA GLY A 687 10.84 -24.95 7.10
C GLY A 687 12.22 -24.64 6.56
N SER A 688 12.38 -24.70 5.23
CA SER A 688 13.67 -24.37 4.64
C SER A 688 14.05 -22.92 4.92
N LEU A 689 13.09 -21.99 4.77
CA LEU A 689 13.40 -20.59 5.03
C LEU A 689 13.56 -20.31 6.53
N LEU A 690 12.66 -20.86 7.36
CA LEU A 690 12.74 -20.60 8.79
C LEU A 690 14.03 -21.14 9.40
N ARG A 691 14.44 -22.34 9.00
CA ARG A 691 15.66 -22.92 9.56
C ARG A 691 16.91 -22.24 9.01
N LEU A 692 16.83 -21.68 7.79
CA LEU A 692 18.00 -20.98 7.24
C LEU A 692 18.39 -19.77 8.08
N VAL A 693 17.40 -18.99 8.52
CA VAL A 693 17.70 -17.78 9.28
C VAL A 693 18.02 -18.11 10.74
N LEU A 694 17.25 -19.02 11.35
CA LEU A 694 17.49 -19.35 12.76
C LEU A 694 18.87 -19.96 12.96
N ARG A 695 19.29 -20.86 12.06
CA ARG A 695 20.63 -21.41 12.14
C ARG A 695 21.70 -20.36 11.85
N GLU A 696 21.39 -19.43 10.94
CA GLU A 696 22.33 -18.33 10.68
C GLU A 696 22.52 -17.46 11.91
N PHE A 697 21.45 -17.17 12.64
CA PHE A 697 21.57 -16.36 13.86
C PHE A 697 22.46 -17.05 14.89
N LYS A 698 22.29 -18.36 15.07
CA LYS A 698 23.09 -19.08 16.05
C LYS A 698 24.56 -19.09 15.65
N THR A 699 24.85 -19.22 14.35
CA THR A 699 26.24 -19.19 13.91
C THR A 699 26.89 -17.85 14.23
N LYS A 700 26.18 -16.75 14.00
CA LYS A 700 26.71 -15.44 14.37
C LYS A 700 26.64 -15.20 15.88
N PHE A 701 25.72 -15.86 16.58
CA PHE A 701 25.53 -15.59 18.00
C PHE A 701 26.80 -15.88 18.80
N THR A 702 27.43 -17.01 18.54
CA THR A 702 28.56 -17.43 19.36
C THR A 702 29.78 -16.53 19.19
N SER A 703 29.92 -15.86 18.04
CA SER A 703 31.08 -15.01 17.79
C SER A 703 30.86 -13.57 18.22
N ILE A 704 29.63 -13.05 18.13
CA ILE A 704 29.37 -11.66 18.48
C ILE A 704 28.89 -11.49 19.92
N VAL A 705 28.49 -12.58 20.59
CA VAL A 705 28.10 -12.51 21.99
C VAL A 705 29.29 -12.23 22.90
N LYS A 706 30.51 -12.31 22.37
CA LYS A 706 31.69 -12.05 23.20
C LYS A 706 31.68 -10.64 23.75
N TYR A 707 31.35 -9.66 22.92
CA TYR A 707 31.34 -8.26 23.30
C TYR A 707 29.96 -7.65 23.45
N ASP A 708 29.03 -7.98 22.55
CA ASP A 708 27.69 -7.44 22.60
C ASP A 708 26.88 -8.11 23.71
N THR A 709 25.83 -7.42 24.13
CA THR A 709 24.95 -7.91 25.19
C THR A 709 23.64 -8.41 24.56
N PHE A 710 23.26 -9.64 24.91
CA PHE A 710 22.10 -10.29 24.33
C PHE A 710 20.91 -10.14 25.29
N HIS A 711 19.82 -9.56 24.79
CA HIS A 711 18.60 -9.40 25.55
C HIS A 711 17.61 -10.48 25.09
N CYS A 712 17.31 -11.42 25.98
CA CYS A 712 16.45 -12.54 25.62
C CYS A 712 15.04 -12.08 25.26
N TYR A 713 14.49 -11.14 26.03
CA TYR A 713 13.11 -10.71 25.81
C TYR A 713 12.94 -10.06 24.44
N LYS A 714 13.91 -9.23 24.02
CA LYS A 714 13.81 -8.58 22.71
C LYS A 714 13.82 -9.58 21.57
N PHE A 715 14.64 -10.63 21.68
CA PHE A 715 14.66 -11.67 20.66
C PHE A 715 13.31 -12.38 20.58
N ILE A 716 12.65 -12.56 21.73
CA ILE A 716 11.32 -13.15 21.76
C ILE A 716 10.35 -12.29 20.96
N LYS A 717 10.43 -10.96 21.11
CA LYS A 717 9.60 -10.07 20.32
C LYS A 717 9.86 -10.23 18.82
N PHE A 718 11.13 -10.40 18.45
CA PHE A 718 11.45 -10.67 17.05
C PHE A 718 10.81 -11.97 16.59
N LEU A 719 10.84 -13.01 17.42
CA LEU A 719 10.20 -14.28 17.07
C LEU A 719 8.69 -14.09 16.87
N TYR A 720 8.06 -13.31 17.74
CA TYR A 720 6.62 -13.09 17.63
C TYR A 720 6.24 -12.44 16.30
N ASP A 721 7.00 -11.42 15.88
CA ASP A 721 6.64 -10.69 14.67
C ASP A 721 6.69 -11.56 13.43
N ILE A 722 7.75 -12.37 13.28
CA ILE A 722 7.88 -13.20 12.08
C ILE A 722 6.84 -14.31 12.08
N SER A 723 6.59 -14.93 13.24
CA SER A 723 5.56 -15.96 13.33
C SER A 723 4.19 -15.39 13.02
N ASN A 724 3.90 -14.19 13.52
CA ASN A 724 2.66 -13.51 13.16
C ASN A 724 2.65 -13.19 11.66
N TYR A 725 3.79 -12.78 11.12
CA TYR A 725 3.86 -12.47 9.69
C TYR A 725 3.55 -13.71 8.85
N THR A 726 4.08 -14.86 9.25
CA THR A 726 3.74 -16.09 8.54
C THR A 726 2.24 -16.39 8.62
N ILE A 727 1.65 -16.22 9.81
CA ILE A 727 0.22 -16.50 9.97
C ILE A 727 -0.62 -15.53 9.14
N VAL A 728 -0.32 -14.22 9.22
CA VAL A 728 -1.14 -13.25 8.53
C VAL A 728 -1.01 -13.40 7.01
N LYS A 729 0.22 -13.57 6.52
CA LYS A 729 0.43 -13.66 5.07
C LYS A 729 -0.17 -14.95 4.51
N TYR A 730 -0.08 -16.06 5.25
CA TYR A 730 -0.69 -17.30 4.80
C TYR A 730 -2.20 -17.13 4.67
N VAL A 731 -2.84 -16.53 5.67
CA VAL A 731 -4.27 -16.29 5.60
C VAL A 731 -4.61 -15.33 4.47
N GLU A 732 -3.84 -14.24 4.36
CA GLU A 732 -4.10 -13.25 3.33
C GLU A 732 -3.92 -13.83 1.92
N THR A 733 -2.88 -14.63 1.73
CA THR A 733 -2.58 -15.24 0.44
C THR A 733 -3.19 -16.63 0.28
N ASN A 734 -4.31 -16.91 0.97
CA ASN A 734 -5.04 -18.14 0.79
C ASN A 734 -6.55 -17.96 0.85
N SER A 735 -7.04 -16.81 1.31
CA SER A 735 -8.47 -16.49 1.38
C SER A 735 -9.23 -17.48 2.26
N ASP A 736 -8.56 -18.06 3.24
CA ASP A 736 -9.24 -18.93 4.20
C ASP A 736 -8.38 -19.06 5.43
N TRP A 737 -9.02 -19.39 6.55
CA TRP A 737 -8.31 -19.70 7.78
C TRP A 737 -8.06 -21.20 7.94
N ASP A 738 -8.46 -22.01 6.97
CA ASP A 738 -8.22 -23.45 7.06
C ASP A 738 -6.73 -23.73 7.06
N GLY A 739 -6.30 -24.57 8.01
CA GLY A 739 -4.91 -24.94 8.15
C GLY A 739 -4.06 -23.97 8.90
N ALA A 740 -4.61 -22.83 9.33
CA ALA A 740 -3.85 -21.87 10.12
C ALA A 740 -3.35 -22.44 11.44
N PRO A 741 -4.18 -23.13 12.25
CA PRO A 741 -3.65 -23.68 13.51
C PRO A 741 -2.48 -24.65 13.32
N GLU A 742 -2.51 -25.45 12.26
CA GLU A 742 -1.46 -26.45 12.05
C GLU A 742 -0.14 -25.81 11.62
N LEU A 743 -0.20 -24.69 10.89
CA LEU A 743 1.03 -24.01 10.48
C LEU A 743 1.81 -23.49 11.69
N LEU A 744 1.10 -22.95 12.68
CA LEU A 744 1.75 -22.36 13.85
C LEU A 744 2.57 -23.39 14.62
N ASN A 745 2.02 -24.61 14.79
CA ASN A 745 2.73 -25.65 15.54
C ASN A 745 4.02 -26.06 14.85
N CYS A 746 4.03 -26.09 13.52
CA CYS A 746 5.26 -26.39 12.79
C CYS A 746 6.33 -25.35 13.08
N ILE A 747 5.95 -24.07 13.12
CA ILE A 747 6.89 -23.02 13.50
C ILE A 747 7.38 -23.24 14.94
N LYS A 748 6.46 -23.57 15.85
CA LYS A 748 6.84 -23.79 17.25
C LYS A 748 7.79 -24.97 17.37
N GLN A 749 7.53 -26.05 16.65
CA GLN A 749 8.39 -27.22 16.71
C GLN A 749 9.78 -26.92 16.19
N ILE A 750 9.89 -26.11 15.13
CA ILE A 750 11.20 -25.71 14.64
C ILE A 750 11.96 -24.93 15.70
N ILE A 751 11.29 -23.97 16.36
CA ILE A 751 11.97 -23.12 17.33
C ILE A 751 12.50 -23.93 18.50
N VAL A 752 11.69 -24.85 19.04
CA VAL A 752 12.12 -25.63 20.20
C VAL A 752 13.32 -26.50 19.85
N LYS A 753 13.31 -27.11 18.66
CA LYS A 753 14.42 -27.94 18.23
C LYS A 753 15.72 -27.14 18.14
N GLU A 754 15.66 -25.94 17.56
CA GLU A 754 16.87 -25.15 17.36
C GLU A 754 17.44 -24.61 18.66
N PHE A 755 16.57 -24.19 19.58
CA PHE A 755 16.99 -23.41 20.75
C PHE A 755 16.81 -24.17 22.06
N SER A 756 16.91 -25.49 22.03
CA SER A 756 16.78 -26.28 23.26
C SER A 756 18.12 -26.58 23.92
N SER A 757 19.24 -26.44 23.20
CA SER A 757 20.53 -26.83 23.76
C SER A 757 21.14 -25.72 24.61
N PHE A 758 21.26 -24.52 24.04
CA PHE A 758 21.94 -23.43 24.74
C PHE A 758 21.14 -22.97 25.95
N GLU A 759 21.85 -22.66 27.03
CA GLU A 759 21.19 -22.19 28.25
C GLU A 759 20.68 -20.76 28.08
N SER A 760 21.32 -19.96 27.23
CA SER A 760 20.87 -18.58 27.01
C SER A 760 19.49 -18.52 26.39
N TYR A 761 19.02 -19.61 25.78
CA TYR A 761 17.69 -19.68 25.19
C TYR A 761 16.69 -20.34 26.14
N SER A 762 16.95 -20.28 27.44
CA SER A 762 16.07 -20.93 28.41
C SER A 762 14.67 -20.34 28.37
N GLU A 763 14.57 -19.00 28.29
CA GLU A 763 13.26 -18.36 28.21
C GLU A 763 12.57 -18.65 26.88
N ILE A 764 13.34 -18.80 25.80
CA ILE A 764 12.75 -18.92 24.47
C ILE A 764 11.88 -20.17 24.37
N VAL A 765 12.40 -21.30 24.86
CA VAL A 765 11.64 -22.55 24.77
C VAL A 765 10.36 -22.46 25.61
N GLU A 766 10.46 -21.89 26.80
CA GLU A 766 9.28 -21.75 27.66
C GLU A 766 8.21 -20.88 27.00
N TRP A 767 8.62 -19.75 26.42
CA TRP A 767 7.65 -18.81 25.87
C TRP A 767 7.01 -19.32 24.58
N VAL A 768 7.79 -19.98 23.72
CA VAL A 768 7.32 -20.30 22.37
C VAL A 768 6.14 -21.26 22.41
N GLN A 769 6.14 -22.19 23.36
CA GLN A 769 5.09 -23.20 23.44
C GLN A 769 3.72 -22.59 23.77
N THR A 770 3.67 -21.36 24.26
CA THR A 770 2.41 -20.69 24.57
C THR A 770 1.85 -19.90 23.40
N LEU A 771 2.56 -19.84 22.27
CA LEU A 771 2.07 -19.09 21.11
C LEU A 771 0.80 -19.72 20.57
N ASN A 772 -0.33 -19.03 20.72
CA ASN A 772 -1.63 -19.59 20.37
C ASN A 772 -2.46 -18.56 19.62
N ILE A 773 -3.40 -19.06 18.82
CA ILE A 773 -4.31 -18.21 18.06
C ILE A 773 -5.64 -18.07 18.81
N VAL B 61 -22.09 4.13 33.70
CA VAL B 61 -21.57 3.81 32.38
C VAL B 61 -22.50 4.36 31.31
N SER B 62 -22.22 5.57 30.82
CA SER B 62 -23.04 6.16 29.78
C SER B 62 -22.18 7.09 28.93
N LYS B 63 -22.56 7.23 27.67
CA LYS B 63 -21.89 8.15 26.77
C LYS B 63 -22.60 9.49 26.87
N TYR B 64 -23.26 9.94 25.80
CA TYR B 64 -23.96 11.21 25.96
C TYR B 64 -25.40 11.15 25.47
N ILE B 65 -25.74 12.06 24.58
CA ILE B 65 -27.10 12.37 24.18
C ILE B 65 -27.27 11.76 22.79
N THR B 66 -28.20 10.81 22.62
CA THR B 66 -28.42 10.11 21.35
C THR B 66 -29.84 10.31 20.84
N LYS B 67 -30.01 10.23 19.50
CA LYS B 67 -31.24 10.65 18.84
C LYS B 67 -32.10 9.51 18.29
N PHE B 68 -31.59 8.28 18.20
CA PHE B 68 -32.40 7.22 17.61
C PHE B 68 -33.63 6.88 18.44
N ASN B 69 -33.69 7.34 19.69
CA ASN B 69 -34.91 7.20 20.48
C ASN B 69 -36.09 7.98 19.90
N VAL B 70 -35.84 8.97 19.04
CA VAL B 70 -36.93 9.78 18.50
C VAL B 70 -37.36 9.32 17.11
N LEU B 71 -36.47 8.66 16.37
CA LEU B 71 -36.80 8.24 15.01
C LEU B 71 -37.88 7.18 15.01
N TYR B 72 -38.74 7.24 13.99
CA TYR B 72 -39.64 6.15 13.64
C TYR B 72 -40.67 5.88 14.74
N ASN B 73 -41.29 6.94 15.25
CA ASN B 73 -42.35 6.83 16.25
C ASN B 73 -43.67 7.20 15.58
N SER B 74 -44.53 6.20 15.37
CA SER B 74 -45.83 6.41 14.74
C SER B 74 -46.93 6.01 15.73
N TYR B 75 -47.87 6.93 15.94
CA TYR B 75 -49.02 6.67 16.82
C TYR B 75 -50.19 7.52 16.34
N SER B 76 -51.36 6.90 16.20
CA SER B 76 -52.57 7.68 15.97
C SER B 76 -52.84 8.58 17.18
N ARG B 77 -53.20 9.83 16.92
CA ARG B 77 -53.22 10.86 17.95
C ARG B 77 -54.63 11.35 18.19
N ASP B 78 -55.01 11.41 19.46
CA ASP B 78 -56.26 12.01 19.92
C ASP B 78 -55.85 13.24 20.73
N PHE B 79 -55.66 14.37 20.03
CA PHE B 79 -55.10 15.56 20.66
C PHE B 79 -56.01 16.20 21.70
N SER B 80 -57.29 15.83 21.72
CA SER B 80 -58.27 16.45 22.62
C SER B 80 -57.82 16.42 24.06
N ARG B 81 -56.86 12.51 24.84
CA ARG B 81 -56.10 13.63 25.37
C ARG B 81 -54.60 13.40 25.23
N PHE B 82 -53.80 14.45 25.40
CA PHE B 82 -52.36 14.36 25.34
C PHE B 82 -51.75 15.11 26.51
N GLU B 83 -50.80 14.46 27.19
CA GLU B 83 -50.01 15.09 28.24
C GLU B 83 -48.53 14.92 27.90
N MET B 84 -47.80 16.04 27.88
CA MET B 84 -46.36 15.95 27.68
C MET B 84 -45.68 15.23 28.82
N ILE B 85 -46.11 15.50 30.06
CA ILE B 85 -45.53 14.89 31.25
C ILE B 85 -46.53 13.85 31.73
N ARG B 86 -46.33 12.61 31.29
CA ARG B 86 -47.17 11.49 31.69
C ARG B 86 -46.68 10.82 32.97
N PRO B 87 -45.39 10.52 33.13
CA PRO B 87 -44.93 9.85 34.35
C PRO B 87 -45.04 10.72 35.58
N SER B 88 -45.13 10.04 36.73
CA SER B 88 -45.30 10.69 38.02
C SER B 88 -44.03 11.42 38.44
N ILE B 89 -44.20 12.36 39.39
CA ILE B 89 -43.09 13.20 39.84
C ILE B 89 -42.00 12.36 40.48
N GLN B 90 -42.38 11.41 41.34
CA GLN B 90 -41.38 10.59 42.03
C GLN B 90 -40.56 9.77 41.04
N THR B 91 -41.21 9.18 40.04
CA THR B 91 -40.48 8.45 39.00
C THR B 91 -39.57 9.38 38.22
N ILE B 92 -40.06 10.58 37.89
CA ILE B 92 -39.24 11.57 37.18
C ILE B 92 -38.05 11.98 38.03
N LEU B 93 -38.27 12.20 39.32
CA LEU B 93 -37.18 12.56 40.22
C LEU B 93 -36.14 11.45 40.29
N GLN B 94 -36.58 10.20 40.33
CA GLN B 94 -35.65 9.07 40.35
C GLN B 94 -34.83 9.02 39.08
N ASP B 95 -35.45 9.29 37.92
CA ASP B 95 -34.71 9.24 36.66
C ASP B 95 -33.58 10.27 36.64
N ILE B 96 -33.85 11.49 37.11
CA ILE B 96 -32.79 12.49 37.24
C ILE B 96 -31.72 12.03 38.24
N LEU B 97 -32.17 11.49 39.38
CA LEU B 97 -31.23 11.01 40.39
C LEU B 97 -30.37 9.87 39.85
N SER B 98 -30.97 8.94 39.12
CA SER B 98 -30.20 7.83 38.56
C SER B 98 -29.16 8.34 37.57
N PHE B 99 -29.53 9.29 36.71
CA PHE B 99 -28.57 9.86 35.78
C PHE B 99 -27.45 10.60 36.52
N SER B 100 -27.81 11.36 37.56
CA SER B 100 -26.82 12.11 38.31
C SER B 100 -26.00 11.25 39.26
N GLY B 101 -26.46 10.03 39.56
CA GLY B 101 -25.77 9.17 40.49
C GLY B 101 -26.01 9.47 41.95
N LEU B 102 -26.90 10.42 42.26
CA LEU B 102 -27.17 10.78 43.65
C LEU B 102 -28.08 9.74 44.30
N ASN B 103 -27.76 9.38 45.54
CA ASN B 103 -28.50 8.39 46.31
C ASN B 103 -28.88 8.97 47.67
N PRO B 104 -29.90 9.82 47.71
CA PRO B 104 -30.29 10.45 48.97
C PRO B 104 -30.96 9.48 49.94
N GLY B 105 -30.94 9.85 51.22
CA GLY B 105 -31.61 9.09 52.25
C GLY B 105 -33.09 9.43 52.37
N ARG B 106 -33.74 8.82 53.36
CA ARG B 106 -35.17 9.05 53.55
C ARG B 106 -35.46 10.45 54.09
N SER B 107 -34.54 11.02 54.86
CA SER B 107 -34.76 12.31 55.52
C SER B 107 -34.23 13.49 54.73
N SER B 108 -33.70 13.27 53.53
CA SER B 108 -33.14 14.37 52.76
C SER B 108 -34.26 15.30 52.29
N LYS B 109 -34.08 16.60 52.54
CA LYS B 109 -35.03 17.63 52.11
C LYS B 109 -34.49 18.48 50.96
N ARG B 110 -33.36 18.10 50.36
CA ARG B 110 -32.72 18.92 49.35
C ARG B 110 -33.61 19.11 48.12
N TYR B 111 -34.28 18.05 47.69
CA TYR B 111 -35.02 18.05 46.43
C TYR B 111 -36.48 18.47 46.60
N ARG B 112 -36.83 19.07 47.75
CA ARG B 112 -38.19 19.56 47.96
C ARG B 112 -38.55 20.66 46.98
N GLY B 113 -37.61 21.57 46.70
CA GLY B 113 -37.89 22.65 45.76
C GLY B 113 -38.20 22.14 44.36
N PHE B 114 -37.49 21.10 43.91
CA PHE B 114 -37.71 20.54 42.59
C PHE B 114 -39.12 19.98 42.44
N LYS B 115 -39.62 19.30 43.48
CA LYS B 115 -40.96 18.71 43.42
C LYS B 115 -42.03 19.79 43.23
N SER B 116 -41.89 20.92 43.93
CA SER B 116 -42.84 22.03 43.76
C SER B 116 -42.80 22.56 42.34
N LEU B 117 -41.60 22.69 41.76
CA LEU B 117 -41.47 23.21 40.41
C LEU B 117 -42.17 22.31 39.40
N LEU B 118 -42.04 20.98 39.57
CA LEU B 118 -42.70 20.06 38.64
C LEU B 118 -44.21 20.21 38.68
N SER B 119 -44.78 20.41 39.87
CA SER B 119 -46.23 20.50 39.99
C SER B 119 -46.78 21.65 39.16
N ARG B 120 -46.11 22.81 39.20
CA ARG B 120 -46.51 23.91 38.34
C ARG B 120 -46.35 23.56 36.86
N ILE B 121 -45.24 22.90 36.51
CA ILE B 121 -45.00 22.54 35.11
C ILE B 121 -46.06 21.58 34.60
N ILE B 122 -46.38 20.56 35.39
CA ILE B 122 -47.43 19.61 35.01
C ILE B 122 -48.79 20.29 35.00
N ALA B 123 -49.02 21.23 35.92
CA ALA B 123 -50.28 21.95 35.94
C ALA B 123 -50.48 22.73 34.65
N ASN B 124 -49.41 23.37 34.16
CA ASN B 124 -49.48 24.02 32.86
C ASN B 124 -49.70 23.00 31.74
N ASP B 125 -49.09 21.83 31.85
CA ASP B 125 -49.27 20.80 30.82
C ASP B 125 -50.72 20.38 30.69
N LYS B 126 -51.39 20.15 31.82
CA LYS B 126 -52.83 19.86 31.76
C LYS B 126 -53.61 21.08 31.27
N LYS B 127 -53.23 22.28 31.73
CA LYS B 127 -53.90 23.51 31.32
C LYS B 127 -53.32 24.08 30.04
N CYS B 128 -52.94 23.22 29.11
CA CYS B 128 -52.51 23.62 27.78
C CYS B 128 -53.35 22.88 26.75
N ARG B 129 -54.00 23.63 25.86
CA ARG B 129 -54.80 23.05 24.79
C ARG B 129 -53.88 22.86 23.60
N TYR B 130 -53.21 21.71 23.54
CA TYR B 130 -52.17 21.51 22.54
C TYR B 130 -52.71 21.47 21.12
N ASP B 131 -53.93 20.95 20.93
CA ASP B 131 -54.48 20.86 19.57
C ASP B 131 -54.62 22.23 18.92
N ILE B 132 -55.13 23.22 19.67
CA ILE B 132 -55.32 24.55 19.10
C ILE B 132 -53.98 25.22 18.82
N LEU B 133 -52.99 25.00 19.69
CA LEU B 133 -51.69 25.63 19.51
C LEU B 133 -51.03 25.20 18.20
N TYR B 134 -51.08 23.90 17.88
CA TYR B 134 -50.53 23.45 16.60
C TYR B 134 -51.28 24.06 15.42
N ALA B 135 -52.61 24.11 15.50
CA ALA B 135 -53.41 24.62 14.39
C ALA B 135 -53.27 26.12 14.22
N LYS B 136 -53.14 26.86 15.32
CA LYS B 136 -53.08 28.31 15.23
C LYS B 136 -51.75 28.80 14.69
N PHE B 137 -50.65 28.14 15.07
CA PHE B 137 -49.32 28.59 14.69
C PHE B 137 -48.73 27.82 13.53
N ILE B 138 -48.68 26.48 13.62
CA ILE B 138 -48.19 25.68 12.50
C ILE B 138 -49.29 25.49 11.46
N GLY B 139 -50.47 25.12 11.90
CA GLY B 139 -51.62 24.98 11.02
C GLY B 139 -51.83 23.56 10.56
N THR B 140 -53.10 23.21 10.33
CA THR B 140 -53.47 21.92 9.77
C THR B 140 -53.62 22.08 8.27
N SER B 141 -52.92 21.26 7.51
CA SER B 141 -52.88 21.36 6.06
C SER B 141 -53.35 20.06 5.43
N LYS B 142 -54.08 20.19 4.32
CA LYS B 142 -54.56 19.01 3.61
C LYS B 142 -53.38 18.22 3.05
N CYS B 143 -53.50 16.89 3.10
CA CYS B 143 -52.40 16.03 2.68
C CYS B 143 -52.15 16.17 1.18
N ASN B 144 -50.88 16.27 0.81
CA ASN B 144 -50.46 16.32 -0.60
C ASN B 144 -49.82 14.99 -0.95
N PHE B 145 -50.61 14.09 -1.55
CA PHE B 145 -50.11 12.76 -1.89
C PHE B 145 -49.19 12.76 -3.11
N ALA B 146 -49.30 13.76 -4.00
CA ALA B 146 -48.44 13.78 -5.18
C ALA B 146 -46.99 14.00 -4.81
N ASN B 147 -46.71 14.98 -3.95
CA ASN B 147 -45.35 15.28 -3.50
C ASN B 147 -45.27 14.97 -2.00
N VAL B 148 -44.72 13.79 -1.68
CA VAL B 148 -44.66 13.36 -0.28
C VAL B 148 -43.75 14.28 0.52
N VAL B 149 -42.59 14.65 -0.04
CA VAL B 149 -41.60 15.41 0.71
C VAL B 149 -42.10 16.78 1.12
N SER B 150 -43.09 17.34 0.41
CA SER B 150 -43.60 18.65 0.78
C SER B 150 -44.44 18.62 2.05
N ASN B 151 -44.94 17.46 2.44
CA ASN B 151 -45.76 17.36 3.65
C ASN B 151 -44.99 17.66 4.92
N LYS B 152 -43.66 17.49 4.91
CA LYS B 152 -42.87 17.76 6.10
C LYS B 152 -42.91 19.24 6.45
N THR B 153 -43.01 19.53 7.75
CA THR B 153 -42.87 20.89 8.22
C THR B 153 -41.41 21.29 8.23
N GLU B 154 -41.12 22.47 7.70
CA GLU B 154 -39.73 22.93 7.60
C GLU B 154 -39.16 23.16 8.99
N ILE B 155 -37.84 22.97 9.11
CA ILE B 155 -37.17 23.06 10.40
C ILE B 155 -37.34 24.46 11.01
N SER B 156 -37.48 25.49 10.17
CA SER B 156 -37.73 26.83 10.69
C SER B 156 -39.03 26.88 11.48
N GLN B 157 -40.10 26.26 10.95
CA GLN B 157 -41.35 26.19 11.68
C GLN B 157 -41.22 25.29 12.92
N VAL B 158 -40.46 24.21 12.80
CA VAL B 158 -40.31 23.26 13.91
C VAL B 158 -39.68 23.95 15.12
N ILE B 159 -38.63 24.74 14.88
CA ILE B 159 -37.94 25.42 15.97
C ILE B 159 -38.88 26.37 16.69
N GLN B 160 -39.66 27.15 15.93
CA GLN B 160 -40.53 28.15 16.53
C GLN B 160 -41.61 27.52 17.41
N PHE B 161 -42.02 26.28 17.12
CA PHE B 161 -43.11 25.67 17.87
C PHE B 161 -42.66 24.96 19.14
N VAL B 162 -41.50 24.29 19.11
CA VAL B 162 -41.02 23.58 20.30
C VAL B 162 -40.71 24.56 21.42
N LEU B 163 -40.16 25.72 21.08
CA LEU B 163 -39.94 26.75 22.09
C LEU B 163 -41.26 27.24 22.67
N LEU B 164 -42.30 27.33 21.84
CA LEU B 164 -43.60 27.81 22.30
C LEU B 164 -44.18 26.91 23.38
N VAL B 165 -44.11 25.60 23.19
CA VAL B 165 -44.65 24.68 24.20
C VAL B 165 -43.84 24.77 25.48
N LEU B 166 -42.51 24.88 25.34
CA LEU B 166 -41.67 25.04 26.52
C LEU B 166 -42.00 26.31 27.28
N GLY B 167 -42.25 27.41 26.56
CA GLY B 167 -42.60 28.66 27.23
C GLY B 167 -43.86 28.56 28.06
N LYS B 168 -44.90 27.89 27.53
CA LYS B 168 -46.10 27.69 28.32
C LYS B 168 -45.91 26.65 29.42
N LEU B 169 -45.01 25.68 29.22
CA LEU B 169 -44.81 24.63 30.21
C LEU B 169 -43.96 25.11 31.38
N LEU B 170 -42.79 25.68 31.08
CA LEU B 170 -41.79 25.97 32.10
C LEU B 170 -41.94 27.39 32.62
N PRO B 171 -42.17 27.60 33.91
CA PRO B 171 -42.11 28.96 34.47
C PRO B 171 -40.67 29.47 34.52
N LEU B 172 -40.49 30.74 34.90
CA LEU B 172 -39.18 31.37 34.79
C LEU B 172 -38.14 30.65 35.65
N ASP B 173 -38.50 30.27 36.88
CA ASP B 173 -37.54 29.59 37.74
C ASP B 173 -37.16 28.21 37.21
N ALA B 174 -37.98 27.62 36.34
CA ALA B 174 -37.58 26.39 35.66
C ALA B 174 -36.40 26.62 34.72
N TRP B 175 -36.41 27.76 34.01
CA TRP B 175 -35.31 28.07 33.10
C TRP B 175 -34.04 28.48 33.83
N GLY B 176 -34.12 28.81 35.12
CA GLY B 176 -32.94 29.19 35.88
C GLY B 176 -32.46 30.60 35.60
N GLY B 177 -33.34 31.57 35.77
CA GLY B 177 -33.00 32.97 35.60
C GLY B 177 -33.10 33.43 34.16
N VAL B 178 -33.08 34.76 33.99
CA VAL B 178 -33.16 35.34 32.65
C VAL B 178 -31.91 35.01 31.84
N SER B 179 -30.73 35.11 32.45
CA SER B 179 -29.49 34.94 31.69
C SER B 179 -29.37 33.54 31.10
N ASN B 180 -29.70 32.52 31.88
CA ASN B 180 -29.62 31.15 31.37
C ASN B 180 -30.78 30.79 30.45
N LYS B 181 -31.89 31.53 30.51
CA LYS B 181 -33.03 31.22 29.66
C LYS B 181 -32.69 31.34 28.18
N LYS B 182 -31.98 32.40 27.79
CA LYS B 182 -31.59 32.55 26.40
C LYS B 182 -30.56 31.51 25.99
N ILE B 183 -29.64 31.17 26.90
CA ILE B 183 -28.61 30.17 26.60
C ILE B 183 -29.25 28.83 26.30
N ILE B 184 -30.24 28.44 27.10
CA ILE B 184 -30.97 27.19 26.86
C ILE B 184 -31.69 27.24 25.52
N LYS B 185 -32.29 28.39 25.21
CA LYS B 185 -33.00 28.54 23.93
C LYS B 185 -32.05 28.36 22.75
N ASP B 186 -30.84 28.89 22.85
CA ASP B 186 -29.86 28.71 21.78
C ASP B 186 -29.53 27.23 21.60
N ARG B 187 -29.36 26.50 22.71
CA ARG B 187 -29.04 25.08 22.62
C ARG B 187 -30.17 24.30 21.95
N VAL B 188 -31.43 24.62 22.28
CA VAL B 188 -32.57 23.95 21.65
C VAL B 188 -32.58 24.20 20.15
N VAL B 189 -32.34 25.45 19.73
CA VAL B 189 -32.26 25.76 18.31
C VAL B 189 -31.10 24.98 17.68
N ASP B 190 -29.96 24.93 18.37
CA ASP B 190 -28.87 24.07 17.94
C ASP B 190 -29.30 22.61 17.95
N PHE B 191 -30.08 22.23 18.95
CA PHE B 191 -30.48 20.84 19.12
C PHE B 191 -31.30 20.33 17.94
N LEU B 192 -32.24 21.11 17.44
CA LEU B 192 -33.09 20.58 16.37
C LEU B 192 -32.33 20.31 15.08
N LEU B 193 -31.20 20.97 14.86
CA LEU B 193 -30.42 20.83 13.63
C LEU B 193 -29.36 19.73 13.72
N LEU B 194 -29.75 18.53 14.17
CA LEU B 194 -28.77 17.46 14.33
C LEU B 194 -28.41 16.81 13.00
N GLY B 195 -29.22 15.85 12.54
CA GLY B 195 -28.90 15.09 11.35
C GLY B 195 -28.97 13.60 11.57
N ALA B 196 -28.00 12.85 11.05
CA ALA B 196 -28.01 11.39 11.20
C ALA B 196 -27.61 11.06 12.64
N ASN B 197 -28.60 11.18 13.52
CA ASN B 197 -28.42 10.97 14.95
C ASN B 197 -27.26 11.80 15.49
N GLU B 198 -27.07 13.00 14.92
CA GLU B 198 -25.94 13.83 15.30
C GLU B 198 -26.28 14.66 16.54
N LYS B 199 -26.32 13.98 17.68
CA LYS B 199 -26.67 14.58 18.96
C LYS B 199 -25.39 14.91 19.71
N ILE B 200 -25.46 15.92 20.57
CA ILE B 200 -24.30 16.64 21.07
C ILE B 200 -23.92 16.15 22.48
N HIS B 201 -22.62 16.13 22.73
CA HIS B 201 -22.06 15.80 24.03
C HIS B 201 -22.60 16.71 25.12
N MET B 202 -22.92 16.11 26.27
CA MET B 202 -23.60 16.82 27.35
C MET B 202 -22.76 17.97 27.89
N ASP B 203 -21.44 17.79 27.97
CA ASP B 203 -20.59 18.82 28.56
C ASP B 203 -20.67 20.13 27.79
N ASP B 204 -20.94 20.08 26.48
CA ASP B 204 -21.21 21.30 25.75
C ASP B 204 -22.55 21.91 26.14
N LEU B 205 -23.52 21.07 26.54
CA LEU B 205 -24.83 21.57 26.90
C LEU B 205 -24.80 22.36 28.21
N PHE B 206 -24.04 21.91 29.20
CA PHE B 206 -23.99 22.59 30.50
C PHE B 206 -23.03 23.77 30.50
N ARG B 207 -22.19 23.92 29.48
CA ARG B 207 -21.18 24.97 29.49
C ARG B 207 -21.85 26.33 29.44
N GLY B 208 -21.45 27.23 30.34
CA GLY B 208 -21.98 28.57 30.40
C GLY B 208 -23.23 28.75 31.23
N ILE B 209 -23.82 27.67 31.74
CA ILE B 209 -25.05 27.77 32.53
C ILE B 209 -24.70 28.12 33.96
N ARG B 210 -25.29 29.21 34.48
CA ARG B 210 -24.97 29.71 35.80
C ARG B 210 -25.68 28.89 36.87
N LEU B 211 -24.92 28.31 37.79
CA LEU B 211 -25.52 27.52 38.87
C LEU B 211 -26.21 28.40 39.90
N LYS B 212 -25.74 29.64 40.09
CA LYS B 212 -26.33 30.51 41.10
C LYS B 212 -27.80 30.80 40.79
N ASP B 213 -28.11 31.07 39.52
CA ASP B 213 -29.48 31.40 39.14
C ASP B 213 -30.44 30.23 39.37
N PHE B 214 -29.92 29.00 39.42
CA PHE B 214 -30.75 27.84 39.76
C PHE B 214 -30.83 27.76 41.29
N LYS B 215 -31.67 28.61 41.85
CA LYS B 215 -31.82 28.78 43.29
C LYS B 215 -32.67 27.70 43.94
N TRP B 216 -33.38 26.89 43.17
CA TRP B 216 -34.23 25.85 43.71
C TRP B 216 -33.52 24.51 43.85
N LEU B 217 -32.24 24.44 43.49
CA LEU B 217 -31.51 23.17 43.56
C LEU B 217 -31.38 22.67 44.99
N GLY B 218 -31.30 23.58 45.97
CA GLY B 218 -31.19 23.19 47.35
C GLY B 218 -31.98 24.12 48.24
N ARG B 219 -32.19 23.68 49.49
CA ARG B 219 -32.96 24.48 50.44
C ARG B 219 -32.27 25.81 50.72
N ALA B 220 -30.95 25.80 50.91
CA ALA B 220 -30.21 27.04 51.08
C ALA B 220 -30.12 27.78 49.76
N HIS B 221 -30.25 29.11 49.83
CA HIS B 221 -30.09 29.94 48.65
C HIS B 221 -28.66 30.44 48.45
N GLN B 222 -27.76 30.18 49.39
CA GLN B 222 -26.35 30.56 49.27
C GLN B 222 -25.49 29.32 49.28
N ILE B 223 -24.59 29.21 48.31
CA ILE B 223 -23.69 28.07 48.23
C ILE B 223 -22.53 28.29 49.21
N SER B 224 -22.44 27.41 50.21
CA SER B 224 -21.47 27.58 51.29
C SER B 224 -20.45 26.44 51.37
N SER B 225 -20.91 25.20 51.38
CA SER B 225 -20.03 24.05 51.59
C SER B 225 -19.62 23.41 50.27
N LYS B 226 -18.54 22.61 50.35
CA LYS B 226 -18.05 21.91 49.18
C LYS B 226 -19.08 20.92 48.64
N GLN B 227 -19.74 20.18 49.53
CA GLN B 227 -20.77 19.23 49.10
C GLN B 227 -21.96 19.92 48.47
N ASP B 228 -22.34 21.10 48.98
CA ASP B 228 -23.51 21.79 48.45
C ASP B 228 -23.32 22.14 46.98
N PHE B 229 -22.14 22.64 46.61
CA PHE B 229 -21.91 22.95 45.20
C PHE B 229 -21.96 21.70 44.33
N GLU B 230 -21.33 20.61 44.78
CA GLU B 230 -21.28 19.40 43.97
C GLU B 230 -22.67 18.82 43.73
N LEU B 231 -23.50 18.78 44.78
CA LEU B 231 -24.85 18.25 44.63
C LEU B 231 -25.67 19.09 43.67
N ARG B 232 -25.57 20.43 43.79
CA ARG B 232 -26.31 21.29 42.87
C ARG B 232 -25.86 21.10 41.43
N THR B 233 -24.55 21.03 41.20
CA THR B 233 -24.06 20.81 39.84
C THR B 233 -24.46 19.43 39.33
N ALA B 234 -24.34 18.40 40.16
CA ALA B 234 -24.74 17.05 39.75
C ALA B 234 -26.23 16.99 39.47
N PHE B 235 -27.05 17.60 40.33
CA PHE B 235 -28.49 17.59 40.10
C PHE B 235 -28.86 18.43 38.87
N LEU B 236 -28.18 19.56 38.68
CA LEU B 236 -28.43 20.39 37.51
C LEU B 236 -28.10 19.64 36.24
N LYS B 237 -26.99 18.89 36.24
CA LYS B 237 -26.62 18.10 35.07
C LYS B 237 -27.69 17.07 34.74
N GLY B 238 -28.22 16.39 35.77
CA GLY B 238 -29.33 15.48 35.55
C GLY B 238 -30.58 16.17 35.07
N TYR B 239 -30.89 17.34 35.64
CA TYR B 239 -32.09 18.08 35.25
C TYR B 239 -32.05 18.48 33.78
N LEU B 240 -30.89 18.94 33.30
CA LEU B 240 -30.75 19.28 31.89
C LEU B 240 -30.93 18.05 31.01
N TRP B 241 -30.38 16.91 31.43
CA TRP B 241 -30.50 15.68 30.64
C TRP B 241 -31.96 15.26 30.46
N TRP B 242 -32.75 15.35 31.54
CA TRP B 242 -34.16 14.97 31.44
C TRP B 242 -34.93 15.90 30.50
N LEU B 243 -34.54 17.18 30.45
CA LEU B 243 -35.24 18.12 29.58
C LEU B 243 -35.12 17.71 28.11
N PHE B 244 -33.93 17.29 27.69
CA PHE B 244 -33.72 16.95 26.28
C PHE B 244 -34.09 15.50 25.98
N GLU B 245 -33.60 14.56 26.81
CA GLU B 245 -33.83 13.14 26.54
C GLU B 245 -35.29 12.75 26.73
N HIS B 246 -35.96 13.31 27.74
CA HIS B 246 -37.31 12.88 28.04
C HIS B 246 -38.38 13.85 27.58
N LEU B 247 -38.30 15.13 27.97
CA LEU B 247 -39.36 16.07 27.64
C LEU B 247 -39.30 16.51 26.18
N LEU B 248 -38.13 16.97 25.73
CA LEU B 248 -38.00 17.47 24.36
C LEU B 248 -38.24 16.36 23.35
N LYS B 249 -37.72 15.16 23.62
CA LYS B 249 -37.97 14.03 22.73
C LYS B 249 -39.46 13.69 22.69
N ASN B 250 -40.12 13.72 23.85
CA ASN B 250 -41.55 13.46 23.90
C ASN B 250 -42.32 14.50 23.09
N ILE B 251 -41.94 15.77 23.21
CA ILE B 251 -42.59 16.82 22.44
C ILE B 251 -42.38 16.60 20.95
N LEU B 252 -41.14 16.27 20.54
CA LEU B 252 -40.86 16.05 19.12
C LEU B 252 -41.66 14.88 18.57
N ARG B 253 -41.75 13.78 19.32
CA ARG B 253 -42.50 12.61 18.87
C ARG B 253 -44.00 12.76 19.07
N SER B 254 -44.45 13.78 19.79
CA SER B 254 -45.88 14.05 19.96
C SER B 254 -46.44 15.01 18.93
N PHE B 255 -45.62 15.54 18.02
CA PHE B 255 -46.12 16.44 16.99
C PHE B 255 -45.67 16.03 15.59
N TRP B 256 -44.51 15.38 15.50
CA TRP B 256 -43.95 15.02 14.20
C TRP B 256 -43.47 13.57 14.24
N TYR B 257 -43.48 12.95 13.06
CA TYR B 257 -42.80 11.67 12.84
C TYR B 257 -41.43 11.99 12.25
N ILE B 258 -40.38 11.71 13.01
CA ILE B 258 -39.02 12.08 12.61
C ILE B 258 -38.38 10.88 11.92
N THR B 259 -37.99 11.06 10.66
CA THR B 259 -37.39 10.00 9.88
C THR B 259 -36.17 10.53 9.13
N GLU B 260 -35.20 9.65 8.92
CA GLU B 260 -34.04 9.99 8.09
C GLU B 260 -34.47 10.12 6.63
N THR B 261 -33.81 11.03 5.92
CA THR B 261 -34.03 11.18 4.48
C THR B 261 -33.27 10.11 3.70
N SER B 262 -33.73 9.88 2.46
CA SER B 262 -33.12 8.85 1.63
C SER B 262 -31.81 9.29 0.99
N SER B 263 -31.52 10.59 0.97
CA SER B 263 -30.31 11.05 0.31
C SER B 263 -29.08 10.63 1.12
N ILE B 264 -28.11 10.03 0.44
CA ILE B 264 -26.84 9.71 1.07
C ILE B 264 -25.94 10.94 1.11
N VAL B 265 -26.21 11.93 0.26
CA VAL B 265 -25.45 13.18 0.33
C VAL B 265 -25.92 14.01 1.51
N SER B 266 -27.19 14.41 1.49
CA SER B 266 -27.76 15.26 2.53
C SER B 266 -28.33 14.38 3.63
N LEU B 267 -27.86 14.59 4.86
CA LEU B 267 -28.32 13.86 6.03
C LEU B 267 -29.34 14.65 6.82
N GLU B 268 -30.02 15.59 6.18
CA GLU B 268 -31.07 16.37 6.81
C GLU B 268 -32.29 15.50 7.08
N LEU B 269 -33.09 15.91 8.06
CA LEU B 269 -34.26 15.16 8.49
C LEU B 269 -35.54 15.84 8.05
N ASN B 270 -36.58 15.03 7.85
CA ASN B 270 -37.90 15.49 7.44
C ASN B 270 -38.87 15.26 8.58
N TYR B 271 -39.63 16.29 8.94
CA TYR B 271 -40.55 16.23 10.08
C TYR B 271 -41.97 16.17 9.54
N PHE B 272 -42.47 14.94 9.37
CA PHE B 272 -43.83 14.70 8.90
C PHE B 272 -44.80 14.70 10.07
N PRO B 273 -45.85 15.52 10.06
CA PRO B 273 -46.85 15.43 11.15
C PRO B 273 -47.46 14.03 11.20
N GLN B 274 -47.68 13.55 12.41
CA GLN B 274 -48.11 12.16 12.60
C GLN B 274 -49.48 11.89 11.99
N TYR B 275 -50.43 12.81 12.17
CA TYR B 275 -51.78 12.59 11.63
C TYR B 275 -51.73 12.51 10.11
N LEU B 276 -50.93 13.37 9.47
CA LEU B 276 -50.72 13.26 8.03
C LEU B 276 -49.92 12.02 7.68
N TRP B 277 -49.03 11.58 8.58
CA TRP B 277 -48.16 10.44 8.29
C TRP B 277 -48.97 9.16 8.07
N LYS B 278 -50.00 8.94 8.89
CA LYS B 278 -50.79 7.72 8.75
C LYS B 278 -51.47 7.67 7.39
N GLU B 279 -52.03 8.80 6.93
CA GLU B 279 -52.62 8.81 5.60
C GLU B 279 -51.59 8.51 4.52
N LEU B 280 -50.40 9.13 4.62
CA LEU B 280 -49.34 8.82 3.67
C LEU B 280 -48.88 7.37 3.80
N TYR B 281 -48.72 6.88 5.03
CA TYR B 281 -48.22 5.53 5.24
C TYR B 281 -49.15 4.48 4.65
N GLU B 282 -50.45 4.62 4.88
CA GLU B 282 -51.39 3.61 4.40
C GLU B 282 -51.42 3.55 2.87
N SER B 283 -51.46 4.72 2.22
CA SER B 283 -51.61 4.75 0.76
C SER B 283 -50.42 4.12 0.05
N TRP B 284 -49.20 4.43 0.49
CA TRP B 284 -48.03 3.91 -0.21
C TRP B 284 -47.82 2.43 0.07
N VAL B 285 -48.10 1.98 1.29
CA VAL B 285 -47.96 0.57 1.61
C VAL B 285 -48.93 -0.25 0.78
N SER B 286 -50.18 0.19 0.68
CA SER B 286 -51.17 -0.56 -0.08
C SER B 286 -50.79 -0.64 -1.56
N LYS B 287 -50.34 0.47 -2.15
CA LYS B 287 -49.89 0.43 -3.53
C LYS B 287 -48.68 -0.47 -3.70
N TYR B 288 -47.72 -0.40 -2.77
CA TYR B 288 -46.56 -1.25 -2.84
C TYR B 288 -46.92 -2.72 -2.57
N ALA B 289 -47.88 -2.95 -1.68
CA ALA B 289 -48.25 -4.32 -1.34
C ALA B 289 -48.81 -5.06 -2.54
N LYS B 290 -49.65 -4.39 -3.35
CA LYS B 290 -50.29 -5.05 -4.48
C LYS B 290 -49.31 -5.37 -5.61
N ASN B 291 -48.08 -4.84 -5.56
CA ASN B 291 -47.11 -5.09 -6.61
C ASN B 291 -45.91 -5.91 -6.16
N ASN B 292 -45.66 -6.03 -4.86
CA ASN B 292 -44.46 -6.72 -4.38
C ASN B 292 -44.66 -7.57 -3.13
N LEU B 293 -45.81 -7.57 -2.49
CA LEU B 293 -45.96 -8.19 -1.18
C LEU B 293 -47.22 -9.07 -1.12
N VAL B 294 -47.17 -10.05 -0.23
CA VAL B 294 -48.32 -10.90 0.08
C VAL B 294 -48.56 -10.84 1.58
N LYS B 295 -49.79 -10.51 1.98
CA LYS B 295 -50.16 -10.44 3.38
C LYS B 295 -50.22 -11.84 4.00
N MET B 296 -49.94 -11.92 5.29
CA MET B 296 -49.88 -13.21 5.96
C MET B 296 -50.81 -13.26 7.17
N PRO B 297 -51.28 -14.45 7.52
CA PRO B 297 -52.19 -14.58 8.67
C PRO B 297 -51.44 -14.43 10.00
N SER B 298 -52.24 -14.37 11.07
CA SER B 298 -51.70 -14.25 12.42
C SER B 298 -50.89 -15.47 12.84
N LYS B 299 -51.06 -16.60 12.15
CA LYS B 299 -50.35 -17.82 12.51
C LYS B 299 -48.86 -17.77 12.18
N ILE B 300 -48.42 -16.80 11.39
CA ILE B 300 -47.00 -16.74 11.02
C ILE B 300 -46.14 -16.16 12.14
N GLN B 301 -46.73 -15.53 13.15
CA GLN B 301 -46.01 -14.95 14.27
C GLN B 301 -45.60 -15.98 15.31
N ARG B 302 -45.72 -17.27 15.00
CA ARG B 302 -45.53 -18.32 15.99
C ARG B 302 -44.30 -19.18 15.74
N GLU B 303 -43.55 -18.92 14.67
CA GLU B 303 -42.33 -19.65 14.37
C GLU B 303 -41.13 -18.69 14.39
N GLN B 304 -39.94 -19.25 14.15
CA GLN B 304 -38.69 -18.48 14.16
C GLN B 304 -38.31 -18.15 12.72
N LEU B 305 -38.52 -16.88 12.34
CA LEU B 305 -38.11 -16.37 11.04
C LEU B 305 -37.46 -15.01 11.21
N PRO B 306 -36.58 -14.62 10.29
CA PRO B 306 -36.09 -13.24 10.29
C PRO B 306 -37.24 -12.25 10.09
N CYS B 307 -37.14 -11.10 10.75
CA CYS B 307 -38.22 -10.13 10.73
C CYS B 307 -37.66 -8.73 10.92
N GLY B 308 -38.44 -7.74 10.52
CA GLY B 308 -38.04 -6.36 10.69
C GLY B 308 -39.21 -5.41 10.47
N LYS B 309 -39.02 -4.17 10.92
CA LYS B 309 -40.05 -3.14 10.79
C LYS B 309 -39.97 -2.46 9.42
N ILE B 310 -41.13 -2.11 8.89
CA ILE B 310 -41.24 -1.48 7.58
C ILE B 310 -41.34 0.02 7.74
N LYS B 311 -40.48 0.75 7.03
CA LYS B 311 -40.43 2.21 7.11
C LYS B 311 -40.39 2.79 5.71
N LEU B 312 -40.90 4.01 5.57
CA LEU B 312 -40.95 4.72 4.29
C LEU B 312 -40.05 5.94 4.33
N ILE B 313 -39.18 6.06 3.33
CA ILE B 313 -38.23 7.15 3.23
C ILE B 313 -38.46 7.89 1.92
N PRO B 314 -38.86 9.16 1.95
CA PRO B 314 -39.16 9.87 0.70
C PRO B 314 -37.92 10.09 -0.16
N LYS B 315 -38.14 10.12 -1.48
CA LYS B 315 -37.13 10.56 -2.43
C LYS B 315 -37.34 12.03 -2.78
N ARG B 316 -37.92 12.28 -3.96
CA ARG B 316 -38.30 13.63 -4.38
C ARG B 316 -39.81 13.79 -4.47
N SER B 317 -40.52 12.75 -4.86
CA SER B 317 -41.98 12.73 -4.86
C SER B 317 -42.54 11.36 -4.53
N SER B 318 -41.71 10.36 -4.27
CA SER B 318 -42.11 9.00 -3.97
C SER B 318 -41.32 8.51 -2.77
N PHE B 319 -41.68 7.33 -2.28
CA PHE B 319 -41.01 6.71 -1.15
C PHE B 319 -40.11 5.57 -1.61
N ARG B 320 -39.14 5.24 -0.78
CA ARG B 320 -38.35 4.02 -0.92
C ARG B 320 -38.63 3.13 0.28
N VAL B 321 -38.95 1.87 0.01
CA VAL B 321 -39.31 0.92 1.05
C VAL B 321 -38.06 0.30 1.66
N ILE B 322 -37.97 0.32 2.98
CA ILE B 322 -36.87 -0.30 3.70
C ILE B 322 -37.44 -1.17 4.81
N CYS B 323 -36.65 -2.15 5.24
CA CYS B 323 -37.02 -3.06 6.31
C CYS B 323 -35.84 -3.16 7.28
N VAL B 324 -35.98 -2.54 8.44
CA VAL B 324 -34.92 -2.55 9.46
C VAL B 324 -35.15 -3.77 10.34
N PRO B 325 -34.20 -4.72 10.38
CA PRO B 325 -34.35 -5.88 11.27
C PRO B 325 -34.43 -5.44 12.73
N ILE B 326 -35.24 -6.16 13.50
CA ILE B 326 -35.42 -5.84 14.91
C ILE B 326 -34.46 -6.69 15.74
N LYS B 327 -34.13 -6.19 16.92
CA LYS B 327 -33.22 -6.87 17.84
C LYS B 327 -33.95 -7.79 18.80
N ARG B 328 -34.97 -8.50 18.32
CA ARG B 328 -35.78 -9.37 19.16
C ARG B 328 -36.01 -10.67 18.39
N SER B 329 -37.01 -11.43 18.80
CA SER B 329 -37.37 -12.68 18.16
C SER B 329 -38.82 -12.63 17.71
N LEU B 330 -39.14 -13.42 16.69
CA LEU B 330 -40.47 -13.36 16.09
C LEU B 330 -41.54 -13.76 17.09
N LYS B 331 -41.26 -14.74 17.95
CA LYS B 331 -42.22 -15.14 18.96
C LYS B 331 -42.58 -14.02 19.92
N LEU B 332 -41.70 -13.03 20.08
CA LEU B 332 -42.00 -11.89 20.96
C LEU B 332 -42.70 -10.78 20.20
N LEU B 333 -42.31 -9.53 20.47
CA LEU B 333 -42.83 -8.34 19.78
C LEU B 333 -44.35 -8.27 19.78
N ASN B 334 -44.96 -8.61 20.93
CA ASN B 334 -46.40 -8.51 21.10
C ASN B 334 -46.90 -7.65 22.27
N LYS B 335 -46.07 -6.87 22.99
CA LYS B 335 -44.62 -6.68 22.87
C LYS B 335 -43.92 -7.18 24.13
N LYS B 336 -44.49 -6.85 25.30
CA LYS B 336 -43.99 -7.33 26.58
C LYS B 336 -42.55 -6.91 26.82
N LEU B 337 -42.35 -5.73 27.41
CA LEU B 337 -40.99 -5.23 27.61
C LEU B 337 -40.19 -6.15 28.54
N GLU B 338 -40.82 -6.64 29.60
CA GLU B 338 -40.29 -7.67 30.50
C GLU B 338 -38.98 -7.27 31.18
N LEU B 339 -38.42 -6.12 30.80
CA LEU B 339 -37.32 -5.46 31.51
C LEU B 339 -35.98 -6.19 31.40
N ASP B 340 -35.98 -7.52 31.27
CA ASP B 340 -34.72 -8.26 31.31
C ASP B 340 -34.43 -9.01 30.03
N THR B 341 -35.39 -9.77 29.49
CA THR B 341 -35.14 -10.52 28.27
C THR B 341 -35.05 -9.64 27.04
N LEU B 342 -35.48 -8.37 27.13
CA LEU B 342 -35.29 -7.45 26.01
C LEU B 342 -33.81 -7.27 25.71
N GLU B 343 -32.96 -7.38 26.72
CA GLU B 343 -31.51 -7.36 26.51
C GLU B 343 -30.95 -8.73 26.17
N LYS B 344 -31.52 -9.80 26.72
CA LYS B 344 -31.12 -11.15 26.34
C LYS B 344 -31.42 -11.40 24.87
N GLU B 345 -32.58 -10.96 24.40
CA GLU B 345 -32.88 -11.02 22.97
C GLU B 345 -31.92 -10.16 22.17
N LYS B 346 -31.54 -9.00 22.72
CA LYS B 346 -30.58 -8.13 22.05
C LYS B 346 -29.25 -8.82 21.84
N ARG B 347 -28.76 -9.53 22.87
CA ARG B 347 -27.57 -10.35 22.71
C ARG B 347 -27.79 -11.48 21.72
N GLU B 348 -28.97 -12.12 21.78
CA GLU B 348 -29.25 -13.24 20.88
C GLU B 348 -29.22 -12.80 19.42
N PHE B 349 -29.83 -11.65 19.11
CA PHE B 349 -29.71 -11.11 17.76
C PHE B 349 -28.26 -10.76 17.43
N GLU B 350 -27.55 -10.15 18.38
CA GLU B 350 -26.16 -9.78 18.15
C GLU B 350 -25.28 -11.01 17.92
N ARG B 351 -25.48 -12.06 18.72
CA ARG B 351 -24.68 -13.26 18.53
C ARG B 351 -24.98 -13.95 17.21
N TYR B 352 -26.20 -13.82 16.71
CA TYR B 352 -26.49 -14.36 15.38
C TYR B 352 -25.69 -13.62 14.31
N ARG B 353 -25.60 -12.29 14.40
CA ARG B 353 -24.81 -11.55 13.41
C ARG B 353 -23.34 -11.92 13.48
N LYS B 354 -22.78 -12.03 14.69
CA LYS B 354 -21.34 -12.17 14.84
C LYS B 354 -20.81 -13.48 14.25
N GLU B 355 -21.51 -14.59 14.48
CA GLU B 355 -21.00 -15.91 14.09
C GLU B 355 -21.92 -16.63 13.11
N VAL B 356 -22.86 -15.93 12.47
CA VAL B 356 -23.66 -16.56 11.42
C VAL B 356 -23.73 -15.62 10.23
N LEU B 357 -24.45 -14.50 10.37
CA LEU B 357 -24.65 -13.60 9.24
C LEU B 357 -23.32 -13.02 8.73
N SER B 358 -22.50 -12.50 9.64
CA SER B 358 -21.22 -11.95 9.22
C SER B 358 -20.30 -12.99 8.58
N PRO B 359 -20.09 -14.18 9.16
CA PRO B 359 -19.26 -15.17 8.45
C PRO B 359 -19.83 -15.54 7.09
N VAL B 360 -21.16 -15.62 6.96
CA VAL B 360 -21.77 -15.82 5.66
C VAL B 360 -21.51 -14.62 4.76
N GLY B 361 -21.67 -13.41 5.30
CA GLY B 361 -21.43 -12.23 4.48
C GLY B 361 -19.98 -12.11 4.03
N GLN B 362 -19.04 -12.37 4.93
CA GLN B 362 -17.63 -12.29 4.56
C GLN B 362 -17.27 -13.36 3.53
N ILE B 363 -17.77 -14.58 3.70
CA ILE B 363 -17.45 -15.65 2.77
C ILE B 363 -18.10 -15.40 1.41
N LEU B 364 -19.33 -14.86 1.39
CA LEU B 364 -20.00 -14.57 0.13
C LEU B 364 -19.23 -13.53 -0.68
N ARG B 365 -18.75 -12.48 -0.01
CA ARG B 365 -17.90 -11.50 -0.69
C ARG B 365 -16.59 -12.13 -1.16
N LEU B 366 -16.08 -13.10 -0.41
CA LEU B 366 -14.87 -13.81 -0.82
C LEU B 366 -15.08 -14.56 -2.14
N LYS B 367 -16.24 -15.22 -2.28
CA LYS B 367 -16.54 -15.92 -3.53
C LYS B 367 -16.62 -14.95 -4.70
N LEU B 368 -17.24 -13.79 -4.47
CA LEU B 368 -17.33 -12.78 -5.53
C LEU B 368 -15.93 -12.30 -5.93
N SER B 369 -15.05 -12.11 -4.95
CA SER B 369 -13.69 -11.71 -5.25
C SER B 369 -12.95 -12.77 -6.06
N LYS B 370 -13.24 -14.05 -5.82
CA LYS B 370 -12.65 -15.10 -6.64
C LYS B 370 -13.06 -14.96 -8.09
N LEU B 371 -14.35 -14.70 -8.34
CA LEU B 371 -14.80 -14.46 -9.71
C LEU B 371 -14.21 -13.19 -10.31
N ARG B 372 -14.10 -12.13 -9.50
CA ARG B 372 -13.60 -10.86 -10.01
C ARG B 372 -12.17 -10.99 -10.50
N ASP B 373 -11.32 -11.70 -9.74
CA ASP B 373 -9.95 -11.93 -10.17
C ASP B 373 -9.86 -12.78 -11.43
N THR B 374 -10.88 -13.58 -11.72
CA THR B 374 -10.85 -14.52 -12.84
C THR B 374 -11.45 -13.91 -14.11
N TYR B 375 -12.73 -13.58 -14.07
CA TYR B 375 -13.44 -13.12 -15.26
C TYR B 375 -13.39 -11.60 -15.36
N GLU B 376 -13.09 -11.11 -16.56
CA GLU B 376 -13.18 -9.68 -16.83
C GLU B 376 -14.61 -9.17 -16.79
N SER B 377 -15.59 -10.05 -17.06
CA SER B 377 -16.99 -9.64 -17.00
C SER B 377 -17.38 -9.23 -15.58
N TYR B 378 -16.98 -10.00 -14.58
CA TYR B 378 -17.24 -9.63 -13.19
C TYR B 378 -16.44 -8.41 -12.75
N ARG B 379 -15.32 -8.13 -13.41
CA ARG B 379 -14.49 -6.98 -13.04
C ARG B 379 -15.20 -5.66 -13.26
N ALA B 380 -16.24 -5.62 -14.11
CA ALA B 380 -16.97 -4.40 -14.39
C ALA B 380 -17.84 -3.94 -13.23
N SER B 381 -18.05 -4.78 -12.23
CA SER B 381 -18.92 -4.44 -11.10
C SER B 381 -18.07 -3.78 -10.02
N VAL B 382 -17.90 -2.47 -10.13
CA VAL B 382 -17.16 -1.70 -9.15
C VAL B 382 -18.04 -1.47 -7.93
N HIS B 383 -17.50 -0.80 -6.91
CA HIS B 383 -18.24 -0.61 -5.66
C HIS B 383 -18.26 0.83 -5.17
N SER B 384 -17.72 1.78 -5.94
CA SER B 384 -17.73 3.17 -5.52
C SER B 384 -17.64 4.07 -6.74
N SER B 385 -18.02 5.34 -6.54
CA SER B 385 -17.86 6.35 -7.58
C SER B 385 -16.39 6.60 -7.88
N SER B 386 -15.51 6.40 -6.90
CA SER B 386 -14.08 6.56 -7.12
C SER B 386 -13.57 5.57 -8.17
N ASP B 387 -14.05 4.32 -8.09
CA ASP B 387 -13.66 3.31 -9.08
C ASP B 387 -14.15 3.69 -10.48
N VAL B 388 -15.36 4.26 -10.56
CA VAL B 388 -15.92 4.64 -11.87
C VAL B 388 -15.04 5.67 -12.55
N ALA B 389 -14.61 6.68 -11.80
CA ALA B 389 -13.78 7.73 -12.39
C ALA B 389 -12.46 7.18 -12.90
N GLU B 390 -11.84 6.29 -12.11
CA GLU B 390 -10.54 5.74 -12.49
C GLU B 390 -10.63 4.94 -13.79
N LYS B 391 -11.68 4.13 -13.94
CA LYS B 391 -11.85 3.37 -15.18
C LYS B 391 -12.04 4.30 -16.38
N ILE B 392 -12.82 5.36 -16.21
CA ILE B 392 -13.00 6.32 -17.30
C ILE B 392 -11.67 6.98 -17.64
N SER B 393 -10.91 7.40 -16.63
CA SER B 393 -9.61 8.00 -16.88
C SER B 393 -8.66 7.00 -17.55
N ASP B 394 -8.64 5.75 -17.06
CA ASP B 394 -7.80 4.73 -17.69
C ASP B 394 -8.24 4.46 -19.12
N TYR B 395 -9.56 4.37 -19.35
CA TYR B 395 -10.07 4.15 -20.70
C TYR B 395 -9.72 5.33 -21.61
N ARG B 396 -9.80 6.55 -21.08
CA ARG B 396 -9.41 7.72 -21.84
C ARG B 396 -7.94 7.65 -22.24
N ASP B 397 -7.08 7.22 -21.32
CA ASP B 397 -5.67 7.04 -21.65
C ASP B 397 -5.49 5.98 -22.72
N SER B 398 -6.32 4.92 -22.67
CA SER B 398 -6.25 3.90 -23.71
C SER B 398 -6.59 4.48 -25.08
N LEU B 399 -7.61 5.34 -25.15
CA LEU B 399 -7.96 5.96 -26.44
C LEU B 399 -6.83 6.82 -26.97
N LEU B 400 -6.20 7.61 -26.10
CA LEU B 400 -5.08 8.45 -26.54
C LEU B 400 -3.91 7.61 -27.02
N THR B 401 -3.60 6.53 -26.30
CA THR B 401 -2.45 5.69 -26.67
C THR B 401 -2.66 5.03 -28.03
N ARG B 402 -3.86 4.52 -28.30
CA ARG B 402 -4.08 3.77 -29.51
C ARG B 402 -4.41 4.65 -30.71
N PHE B 403 -5.01 5.82 -30.49
CA PHE B 403 -5.45 6.66 -31.60
C PHE B 403 -4.77 8.02 -31.67
N GLY B 404 -4.06 8.44 -30.64
CA GLY B 404 -3.47 9.77 -30.64
C GLY B 404 -4.40 10.81 -30.03
N GLU B 405 -5.55 11.01 -30.66
CA GLU B 405 -6.60 11.86 -30.12
C GLU B 405 -7.81 11.01 -29.78
N ILE B 406 -8.65 11.54 -28.88
CA ILE B 406 -9.83 10.81 -28.45
C ILE B 406 -10.87 10.86 -29.56
N PRO B 407 -11.35 9.71 -30.03
CA PRO B 407 -12.30 9.70 -31.16
C PRO B 407 -13.73 9.97 -30.73
N LYS B 408 -14.66 9.84 -31.68
CA LYS B 408 -16.07 9.98 -31.39
C LYS B 408 -16.53 8.90 -30.42
N LEU B 409 -17.42 9.26 -29.51
CA LEU B 409 -17.87 8.39 -28.45
C LEU B 409 -19.38 8.16 -28.54
N PHE B 410 -19.79 6.91 -28.39
CA PHE B 410 -21.19 6.53 -28.30
C PHE B 410 -21.48 6.18 -26.85
N ILE B 411 -22.33 6.99 -26.20
CA ILE B 411 -22.56 6.92 -24.76
C ILE B 411 -23.97 6.38 -24.50
N LEU B 412 -24.07 5.51 -23.50
CA LEU B 412 -25.35 4.90 -23.11
C LEU B 412 -25.42 4.88 -21.59
N LYS B 413 -26.34 5.66 -21.02
CA LYS B 413 -26.59 5.68 -19.58
C LYS B 413 -28.01 5.24 -19.32
N PHE B 414 -28.18 4.31 -18.39
CA PHE B 414 -29.50 3.84 -18.00
C PHE B 414 -29.44 3.28 -16.58
N ASP B 415 -30.62 3.16 -15.97
CA ASP B 415 -30.75 2.67 -14.61
C ASP B 415 -31.89 1.67 -14.53
N MET B 416 -32.03 1.06 -13.37
CA MET B 416 -33.01 0.00 -13.14
C MET B 416 -34.10 0.47 -12.17
N LYS B 417 -35.34 0.19 -12.52
CA LYS B 417 -36.48 0.56 -11.69
C LYS B 417 -36.62 -0.43 -10.56
N GLU B 418 -36.58 0.07 -9.32
CA GLU B 418 -36.81 -0.73 -8.13
C GLU B 418 -35.97 -2.01 -8.16
N CYS B 419 -34.65 -1.82 -8.19
CA CYS B 419 -33.76 -2.95 -8.39
C CYS B 419 -33.90 -4.00 -7.29
N TYR B 420 -33.97 -3.55 -6.03
CA TYR B 420 -34.21 -4.49 -4.95
C TYR B 420 -35.66 -4.95 -4.93
N ASP B 421 -36.61 -4.03 -5.17
CA ASP B 421 -38.02 -4.39 -5.09
C ASP B 421 -38.43 -5.31 -6.24
N ARG B 422 -38.05 -4.96 -7.47
CA ARG B 422 -38.37 -5.76 -8.66
C ARG B 422 -37.39 -6.90 -8.89
N LEU B 423 -36.59 -7.24 -7.87
CA LEU B 423 -35.64 -8.33 -7.97
C LEU B 423 -36.37 -9.66 -8.09
N SER B 424 -35.72 -10.62 -8.76
CA SER B 424 -36.28 -11.95 -8.94
C SER B 424 -35.57 -12.91 -8.00
N GLN B 425 -36.23 -13.25 -6.89
CA GLN B 425 -35.63 -14.18 -5.93
C GLN B 425 -35.33 -15.56 -6.51
N PRO B 426 -36.23 -16.23 -7.25
CA PRO B 426 -35.89 -17.58 -7.73
C PRO B 426 -34.63 -17.61 -8.59
N VAL B 427 -34.41 -16.58 -9.40
CA VAL B 427 -33.19 -16.47 -10.19
C VAL B 427 -31.99 -16.26 -9.28
N LEU B 428 -32.18 -15.48 -8.21
CA LEU B 428 -31.10 -15.20 -7.27
C LEU B 428 -30.59 -16.47 -6.61
N MET B 429 -31.50 -17.37 -6.24
CA MET B 429 -31.09 -18.63 -5.62
C MET B 429 -30.25 -19.47 -6.58
N LYS B 430 -30.61 -19.49 -7.86
CA LYS B 430 -29.86 -20.29 -8.83
C LYS B 430 -28.41 -19.82 -8.93
N LYS B 431 -28.19 -18.49 -8.95
CA LYS B 431 -26.83 -17.99 -9.00
C LYS B 431 -26.08 -18.25 -7.70
N LEU B 432 -26.78 -18.26 -6.57
CA LEU B 432 -26.14 -18.61 -5.30
C LEU B 432 -25.62 -20.04 -5.34
N GLU B 433 -26.41 -20.96 -5.88
CA GLU B 433 -25.97 -22.35 -5.98
C GLU B 433 -24.81 -22.50 -6.97
N GLU B 434 -24.83 -21.74 -8.06
CA GLU B 434 -23.75 -21.80 -9.04
C GLU B 434 -22.42 -21.32 -8.46
N LEU B 435 -22.45 -20.53 -7.39
CA LEU B 435 -21.21 -20.17 -6.71
C LEU B 435 -20.52 -21.41 -6.16
N PHE B 436 -21.31 -22.32 -5.58
CA PHE B 436 -20.81 -23.56 -5.01
C PHE B 436 -21.07 -24.77 -5.91
N GLU B 437 -21.06 -24.54 -7.23
CA GLU B 437 -21.37 -25.61 -8.18
C GLU B 437 -20.32 -26.71 -8.20
N ASN B 438 -19.11 -26.42 -7.73
CA ASN B 438 -18.01 -27.39 -7.80
C ASN B 438 -17.89 -28.21 -6.52
N GLN B 439 -17.79 -27.55 -5.37
CA GLN B 439 -17.58 -28.23 -4.11
C GLN B 439 -18.82 -28.97 -3.64
N ASP B 440 -18.61 -29.96 -2.77
CA ASP B 440 -19.69 -30.77 -2.24
C ASP B 440 -20.37 -30.06 -1.06
N ASN B 441 -21.33 -30.75 -0.44
CA ASN B 441 -22.10 -30.16 0.64
C ASN B 441 -21.30 -30.02 1.93
N LYS B 442 -20.17 -30.69 2.06
CA LYS B 442 -19.36 -30.65 3.28
C LYS B 442 -18.00 -30.07 2.90
N THR B 443 -17.90 -28.75 2.95
CA THR B 443 -16.64 -28.04 2.71
C THR B 443 -16.11 -27.36 3.96
N SER B 444 -16.98 -26.78 4.77
CA SER B 444 -16.61 -26.16 6.04
C SER B 444 -15.61 -25.03 5.83
N TYR B 445 -16.10 -23.84 5.51
CA TYR B 445 -15.24 -22.68 5.35
C TYR B 445 -14.92 -22.08 6.72
N TYR B 446 -13.64 -21.84 6.98
CA TYR B 446 -13.20 -21.23 8.22
C TYR B 446 -12.89 -19.76 7.96
N VAL B 447 -13.57 -18.87 8.71
CA VAL B 447 -13.34 -17.44 8.60
C VAL B 447 -13.21 -16.86 9.99
N ARG B 448 -12.56 -15.71 10.07
CA ARG B 448 -12.41 -14.98 11.32
C ARG B 448 -12.43 -13.50 10.97
N TYR B 449 -13.24 -12.71 11.69
CA TYR B 449 -13.41 -11.32 11.32
C TYR B 449 -12.30 -10.47 11.90
N TYR B 450 -11.57 -9.80 11.02
CA TYR B 450 -10.63 -8.75 11.40
C TYR B 450 -10.86 -7.56 10.49
N ALA B 451 -10.62 -6.36 11.01
CA ALA B 451 -10.98 -5.15 10.29
C ALA B 451 -10.21 -5.01 8.98
N GLN B 452 -9.05 -5.64 8.86
CA GLN B 452 -8.20 -5.54 7.69
C GLN B 452 -8.31 -6.74 6.78
N LEU B 453 -9.21 -7.68 7.05
CA LEU B 453 -9.31 -8.92 6.29
C LEU B 453 -10.66 -9.10 5.61
N ASP B 454 -11.49 -8.07 5.56
CA ASP B 454 -12.78 -8.14 4.87
C ASP B 454 -12.65 -7.50 3.48
N ALA B 455 -13.79 -7.14 2.89
CA ALA B 455 -13.79 -6.55 1.55
C ALA B 455 -13.14 -5.18 1.54
N HIS B 471 -0.52 -3.94 8.08
CA HIS B 471 -1.01 -3.14 9.19
C HIS B 471 -0.63 -3.77 10.53
N ASN B 472 -1.40 -3.47 11.57
CA ASN B 472 -1.15 -3.95 12.92
C ASN B 472 -2.16 -5.06 13.23
N LEU B 473 -1.90 -6.24 12.68
CA LEU B 473 -2.74 -7.41 12.89
C LEU B 473 -2.05 -8.31 13.90
N ASN B 474 -2.44 -8.19 15.16
CA ASN B 474 -1.88 -9.03 16.23
C ASN B 474 -2.87 -10.15 16.48
N ILE B 475 -2.60 -11.31 15.88
CA ILE B 475 -3.49 -12.47 16.00
C ILE B 475 -3.05 -13.36 17.16
N LEU B 476 -1.78 -13.76 17.15
CA LEU B 476 -1.27 -14.64 18.19
C LEU B 476 -1.27 -13.94 19.54
N SER B 477 -1.68 -14.66 20.58
CA SER B 477 -1.73 -14.11 21.93
C SER B 477 -0.40 -14.36 22.65
N SER B 478 -0.12 -15.62 22.98
CA SER B 478 1.08 -16.05 23.70
C SER B 478 1.05 -15.53 25.13
N SER B 479 2.05 -15.92 25.92
CA SER B 479 2.09 -15.61 27.34
C SER B 479 2.82 -14.31 27.66
N ARG B 480 3.37 -13.62 26.66
CA ARG B 480 4.08 -12.37 26.90
C ARG B 480 3.43 -11.15 26.26
N HIS B 481 2.47 -11.33 25.34
CA HIS B 481 1.87 -10.21 24.64
C HIS B 481 0.35 -10.38 24.59
N LEU B 482 -0.34 -9.25 24.46
CA LEU B 482 -1.79 -9.20 24.26
C LEU B 482 -2.52 -9.99 25.35
N SER B 483 -2.09 -9.80 26.59
CA SER B 483 -2.68 -10.52 27.71
C SER B 483 -3.21 -9.55 28.76
N VAL B 489 -13.58 -8.84 26.90
CA VAL B 489 -14.85 -9.12 26.26
C VAL B 489 -14.65 -10.34 25.34
N ASP B 490 -15.06 -10.22 24.08
CA ASP B 490 -14.87 -11.31 23.13
C ASP B 490 -13.40 -11.43 22.74
N LYS B 491 -13.05 -12.61 22.22
CA LYS B 491 -11.67 -12.90 21.81
C LYS B 491 -11.59 -13.30 20.34
N THR B 492 -12.65 -13.06 19.57
CA THR B 492 -12.67 -13.33 18.14
C THR B 492 -12.36 -14.80 17.86
N LYS B 493 -13.38 -15.65 17.95
CA LYS B 493 -13.22 -17.09 17.77
C LYS B 493 -13.71 -17.50 16.38
N THR B 494 -12.96 -18.40 15.75
CA THR B 494 -13.22 -18.81 14.38
C THR B 494 -14.52 -19.61 14.29
N ILE B 495 -15.15 -19.55 13.13
CA ILE B 495 -16.46 -20.14 12.88
C ILE B 495 -16.36 -21.06 11.67
N ALA B 496 -16.99 -22.23 11.75
CA ALA B 496 -17.03 -23.18 10.65
C ALA B 496 -18.47 -23.41 10.23
N LEU B 497 -18.73 -23.23 8.94
CA LEU B 497 -20.05 -23.46 8.35
C LEU B 497 -19.87 -24.27 7.06
N GLN B 498 -20.79 -25.18 6.81
CA GLN B 498 -20.71 -26.05 5.64
C GLN B 498 -21.66 -25.55 4.55
N LYS B 499 -21.58 -26.21 3.38
CA LYS B 499 -22.27 -25.71 2.19
C LYS B 499 -23.78 -25.69 2.39
N GLY B 500 -24.34 -26.76 2.96
CA GLY B 500 -25.79 -26.85 3.09
C GLY B 500 -26.37 -25.77 3.99
N ASN B 501 -25.71 -25.52 5.11
CA ASN B 501 -26.21 -24.51 6.05
C ASN B 501 -26.22 -23.12 5.44
N ILE B 502 -25.17 -22.77 4.69
CA ILE B 502 -25.02 -21.41 4.19
C ILE B 502 -26.16 -21.05 3.24
N LEU B 503 -26.51 -21.96 2.33
CA LEU B 503 -27.55 -21.67 1.34
C LEU B 503 -28.91 -21.48 2.00
N GLU B 504 -29.21 -22.25 3.04
CA GLU B 504 -30.50 -22.09 3.73
C GLU B 504 -30.59 -20.73 4.42
N VAL B 505 -29.47 -20.22 4.94
CA VAL B 505 -29.47 -18.89 5.55
C VAL B 505 -29.85 -17.84 4.52
N CYS B 506 -29.29 -17.93 3.31
CA CYS B 506 -29.66 -17.02 2.24
C CYS B 506 -31.14 -17.15 1.90
N ARG B 507 -31.64 -18.39 1.86
CA ARG B 507 -33.06 -18.60 1.60
C ARG B 507 -33.91 -17.97 2.69
N SER B 508 -33.48 -18.10 3.94
CA SER B 508 -34.20 -17.47 5.05
C SER B 508 -34.23 -15.95 4.90
N GLN B 509 -33.10 -15.35 4.51
CA GLN B 509 -33.04 -13.90 4.37
C GLN B 509 -33.77 -13.38 3.14
N ILE B 510 -34.13 -14.25 2.20
CA ILE B 510 -34.77 -13.84 0.95
C ILE B 510 -36.28 -14.04 0.99
N TYR B 511 -36.73 -15.25 1.31
CA TYR B 511 -38.15 -15.58 1.30
C TYR B 511 -38.81 -15.44 2.66
N ASP B 512 -38.12 -15.84 3.73
CA ASP B 512 -38.73 -15.96 5.05
C ASP B 512 -38.83 -14.63 5.79
N VAL B 513 -38.26 -13.56 5.25
CA VAL B 513 -38.27 -12.26 5.92
C VAL B 513 -39.70 -11.72 5.98
N VAL B 514 -40.11 -11.26 7.16
CA VAL B 514 -41.47 -10.78 7.42
C VAL B 514 -41.38 -9.36 7.93
N GLY B 515 -42.20 -8.48 7.35
CA GLY B 515 -42.23 -7.08 7.74
C GLY B 515 -43.42 -6.75 8.61
N SER B 516 -43.26 -5.68 9.40
CA SER B 516 -44.24 -5.25 10.39
C SER B 516 -44.82 -3.90 10.01
N VAL B 517 -46.16 -3.79 10.09
CA VAL B 517 -46.88 -2.57 9.78
C VAL B 517 -47.74 -2.20 10.98
N LYS B 518 -47.66 -0.96 11.41
CA LYS B 518 -48.52 -0.45 12.49
C LYS B 518 -49.62 0.41 11.87
N ASP B 519 -50.86 0.08 12.18
CA ASP B 519 -52.00 0.84 11.69
C ASP B 519 -52.40 1.87 12.74
N ALA B 520 -53.62 2.41 12.66
CA ALA B 520 -54.06 3.39 13.64
C ALA B 520 -54.12 2.79 15.04
N ARG B 521 -54.65 1.56 15.17
CA ARG B 521 -54.74 0.91 16.47
C ARG B 521 -53.53 0.05 16.80
N GLY B 522 -52.59 -0.12 15.88
CA GLY B 522 -51.41 -0.92 16.13
C GLY B 522 -51.65 -2.41 16.18
N ASN B 523 -52.02 -3.01 15.05
CA ASN B 523 -52.23 -4.44 14.95
C ASN B 523 -51.10 -5.09 14.14
N LEU B 524 -51.35 -6.31 13.64
CA LEU B 524 -50.32 -7.09 12.95
C LEU B 524 -49.96 -6.54 11.58
N HIS B 525 -50.79 -6.81 10.57
CA HIS B 525 -50.52 -6.44 9.18
C HIS B 525 -49.15 -6.96 8.73
N LEU B 526 -49.01 -8.28 8.81
CA LEU B 526 -47.77 -8.96 8.47
C LEU B 526 -47.73 -9.32 6.98
N TYR B 527 -46.58 -9.06 6.35
CA TYR B 527 -46.41 -9.26 4.92
C TYR B 527 -45.12 -10.04 4.65
N LYS B 528 -45.11 -10.74 3.52
CA LYS B 528 -43.94 -11.48 3.06
C LYS B 528 -43.60 -11.08 1.62
N ARG B 529 -42.33 -11.26 1.28
CA ARG B 529 -41.84 -10.89 -0.05
C ARG B 529 -42.51 -11.74 -1.12
N LYS B 530 -42.96 -11.10 -2.20
CA LYS B 530 -43.50 -11.78 -3.36
C LYS B 530 -42.53 -11.82 -4.52
N ARG B 531 -41.94 -10.67 -4.86
CA ARG B 531 -41.04 -10.55 -6.01
C ARG B 531 -39.56 -10.59 -5.60
N GLY B 532 -39.12 -9.64 -4.79
CA GLY B 532 -37.71 -9.51 -4.50
C GLY B 532 -37.31 -9.70 -3.06
N VAL B 533 -36.36 -8.88 -2.58
CA VAL B 533 -35.85 -8.97 -1.23
C VAL B 533 -35.93 -7.59 -0.57
N PHE B 534 -35.94 -7.60 0.76
CA PHE B 534 -36.10 -6.38 1.53
C PHE B 534 -34.77 -5.63 1.66
N GLN B 535 -34.82 -4.32 1.41
CA GLN B 535 -33.68 -3.46 1.67
C GLN B 535 -33.42 -3.32 3.17
N GLY B 536 -32.15 -3.20 3.53
CA GLY B 536 -31.72 -2.94 4.89
C GLY B 536 -31.21 -4.15 5.64
N PHE B 537 -31.50 -5.36 5.18
CA PHE B 537 -30.87 -6.54 5.73
C PHE B 537 -29.44 -6.64 5.24
N SER B 538 -28.56 -7.18 6.11
CA SER B 538 -27.13 -7.13 5.84
C SER B 538 -26.76 -7.87 4.57
N LEU B 539 -27.35 -9.05 4.36
CA LEU B 539 -27.02 -9.85 3.18
C LEU B 539 -27.70 -9.33 1.91
N SER B 540 -28.69 -8.44 2.04
CA SER B 540 -29.39 -7.93 0.87
C SER B 540 -28.44 -7.15 -0.04
N SER B 541 -27.56 -6.33 0.54
CA SER B 541 -26.67 -5.51 -0.27
C SER B 541 -25.74 -6.37 -1.12
N ILE B 542 -25.18 -7.43 -0.54
CA ILE B 542 -24.29 -8.30 -1.31
C ILE B 542 -25.07 -9.21 -2.24
N PHE B 543 -26.32 -9.56 -1.88
CA PHE B 543 -27.11 -10.44 -2.74
C PHE B 543 -27.37 -9.80 -4.10
N CYS B 544 -27.71 -8.51 -4.10
CA CYS B 544 -27.89 -7.81 -5.37
C CYS B 544 -26.59 -7.76 -6.15
N ASP B 545 -25.47 -7.52 -5.46
CA ASP B 545 -24.18 -7.48 -6.13
C ASP B 545 -23.85 -8.83 -6.76
N ILE B 546 -24.13 -9.92 -6.04
CA ILE B 546 -23.86 -11.24 -6.59
C ILE B 546 -24.71 -11.48 -7.85
N LEU B 547 -26.00 -11.16 -7.77
CA LEU B 547 -26.90 -11.44 -8.89
C LEU B 547 -26.60 -10.54 -10.08
N TYR B 548 -26.45 -9.23 -9.84
CA TYR B 548 -26.25 -8.29 -10.94
C TYR B 548 -24.93 -8.56 -11.64
N SER B 549 -23.86 -8.85 -10.89
CA SER B 549 -22.59 -9.21 -11.50
C SER B 549 -22.72 -10.49 -12.31
N ALA B 550 -23.45 -11.47 -11.78
CA ALA B 550 -23.69 -12.71 -12.52
C ALA B 550 -24.49 -12.45 -13.79
N MET B 551 -25.50 -11.57 -13.71
CA MET B 551 -26.32 -11.25 -14.87
C MET B 551 -25.48 -10.62 -15.97
N VAL B 552 -24.57 -9.71 -15.61
CA VAL B 552 -23.70 -9.09 -16.59
C VAL B 552 -22.78 -10.13 -17.22
N HIS B 553 -22.33 -11.11 -16.44
CA HIS B 553 -21.32 -12.05 -16.91
C HIS B 553 -21.80 -12.85 -18.11
N ASP B 554 -23.05 -13.33 -18.09
CA ASP B 554 -23.54 -14.20 -19.14
C ASP B 554 -24.40 -13.49 -20.17
N CYS B 555 -25.24 -12.54 -19.75
CA CYS B 555 -26.08 -11.81 -20.71
C CYS B 555 -25.25 -11.02 -21.70
N PHE B 556 -24.18 -10.36 -21.23
CA PHE B 556 -23.29 -9.58 -22.09
C PHE B 556 -21.99 -10.33 -22.38
N GLN B 557 -22.03 -11.66 -22.41
CA GLN B 557 -20.83 -12.47 -22.59
C GLN B 557 -20.15 -12.21 -23.92
N PHE B 558 -20.89 -11.75 -24.94
CA PHE B 558 -20.28 -11.47 -26.22
C PHE B 558 -19.24 -10.36 -26.12
N LEU B 559 -19.43 -9.41 -25.20
CA LEU B 559 -18.48 -8.32 -25.02
C LEU B 559 -17.10 -8.83 -24.61
N TRP B 560 -17.06 -9.81 -23.69
CA TRP B 560 -15.81 -10.30 -23.14
C TRP B 560 -15.29 -11.54 -23.85
N LYS B 561 -15.77 -11.81 -25.07
CA LYS B 561 -15.15 -12.77 -25.96
C LYS B 561 -14.74 -12.01 -27.22
N SER B 562 -13.46 -12.09 -27.57
CA SER B 562 -12.86 -11.27 -28.63
C SER B 562 -13.12 -9.78 -28.36
N LYS B 563 -12.64 -9.34 -27.20
CA LYS B 563 -12.83 -7.96 -26.77
C LYS B 563 -12.08 -6.99 -27.68
N GLN B 564 -12.64 -5.79 -27.84
CA GLN B 564 -11.96 -4.71 -28.53
C GLN B 564 -12.65 -3.35 -28.35
N ASP B 565 -11.97 -2.43 -27.67
CA ASP B 565 -12.31 -1.01 -27.62
C ASP B 565 -13.73 -0.78 -27.10
N PHE B 566 -13.89 -1.01 -25.79
CA PHE B 566 -15.14 -0.67 -25.12
C PHE B 566 -14.86 -0.49 -23.64
N LEU B 567 -15.78 0.22 -22.97
CA LEU B 567 -15.75 0.36 -21.51
C LEU B 567 -17.17 0.16 -20.99
N PHE B 568 -17.37 -0.90 -20.22
CA PHE B 568 -18.65 -1.15 -19.57
C PHE B 568 -18.43 -1.27 -18.06
N VAL B 569 -19.24 -0.57 -17.29
CA VAL B 569 -19.09 -0.53 -15.84
C VAL B 569 -20.44 -0.27 -15.21
N ARG B 570 -20.70 -0.95 -14.08
CA ARG B 570 -21.91 -0.73 -13.30
C ARG B 570 -21.54 -0.57 -11.84
N LEU B 571 -22.34 0.24 -11.14
CA LEU B 571 -22.18 0.42 -9.70
C LEU B 571 -23.10 -0.50 -8.92
N VAL B 572 -24.39 -0.15 -8.89
CA VAL B 572 -25.40 -1.00 -8.28
C VAL B 572 -26.47 -1.28 -9.34
N ASP B 573 -27.23 -0.25 -9.69
CA ASP B 573 -28.22 -0.34 -10.77
C ASP B 573 -27.97 0.71 -11.86
N ASP B 574 -26.88 1.45 -11.78
CA ASP B 574 -26.53 2.45 -12.78
C ASP B 574 -25.47 1.86 -13.72
N PHE B 575 -25.74 1.91 -15.01
CA PHE B 575 -24.89 1.30 -16.03
C PHE B 575 -24.42 2.34 -17.03
N LEU B 576 -23.18 2.20 -17.48
CA LEU B 576 -22.60 3.11 -18.45
C LEU B 576 -21.89 2.32 -19.54
N LEU B 577 -22.09 2.73 -20.80
CA LEU B 577 -21.38 2.15 -21.94
C LEU B 577 -20.78 3.27 -22.76
N VAL B 578 -19.46 3.21 -22.99
CA VAL B 578 -18.78 4.14 -23.89
C VAL B 578 -17.98 3.33 -24.89
N THR B 579 -18.18 3.59 -26.18
CA THR B 579 -17.41 2.89 -27.21
C THR B 579 -17.42 3.68 -28.51
N PRO B 580 -16.31 3.71 -29.25
CA PRO B 580 -16.34 4.32 -30.58
C PRO B 580 -16.84 3.40 -31.68
N ASP B 581 -17.04 2.12 -31.41
CA ASP B 581 -17.48 1.16 -32.41
C ASP B 581 -19.00 1.13 -32.47
N SER B 582 -19.57 1.50 -33.62
CA SER B 582 -21.02 1.54 -33.76
C SER B 582 -21.66 0.15 -33.64
N ASN B 583 -21.06 -0.86 -34.26
CA ASN B 583 -21.69 -2.18 -34.29
C ASN B 583 -21.85 -2.78 -32.89
N ILE B 584 -20.80 -2.67 -32.07
CA ILE B 584 -20.86 -3.20 -30.71
C ILE B 584 -21.89 -2.43 -29.88
N TYR B 585 -22.00 -1.12 -30.13
CA TYR B 585 -22.93 -0.27 -29.39
C TYR B 585 -24.39 -0.69 -29.61
N ASP B 586 -24.75 -1.04 -30.85
CA ASP B 586 -26.12 -1.46 -31.15
C ASP B 586 -26.47 -2.76 -30.44
N GLN B 587 -25.53 -3.69 -30.33
CA GLN B 587 -25.83 -4.99 -29.74
C GLN B 587 -26.29 -4.84 -28.28
N VAL B 588 -25.61 -3.98 -27.51
CA VAL B 588 -26.01 -3.77 -26.12
C VAL B 588 -27.42 -3.19 -26.05
N HIS B 589 -27.74 -2.21 -26.90
CA HIS B 589 -29.08 -1.63 -26.92
C HIS B 589 -30.12 -2.64 -27.35
N ASN B 590 -29.77 -3.54 -28.27
CA ASN B 590 -30.70 -4.58 -28.70
C ASN B 590 -31.07 -5.48 -27.53
N ILE B 591 -30.11 -5.80 -26.67
CA ILE B 591 -30.39 -6.55 -25.46
C ILE B 591 -31.37 -5.80 -24.58
N LEU B 592 -31.18 -4.48 -24.43
CA LEU B 592 -32.08 -3.68 -23.61
C LEU B 592 -33.50 -3.70 -24.16
N SER B 593 -33.66 -3.60 -25.48
CA SER B 593 -34.99 -3.64 -26.08
C SER B 593 -35.68 -4.97 -25.82
N GLY B 594 -34.94 -6.08 -25.92
CA GLY B 594 -35.51 -7.39 -25.69
C GLY B 594 -35.76 -7.65 -24.22
N LYS B 595 -36.53 -8.72 -23.97
CA LYS B 595 -36.92 -9.11 -22.63
C LYS B 595 -36.00 -10.14 -22.01
N ILE B 596 -34.79 -10.29 -22.56
CA ILE B 596 -33.84 -11.26 -22.02
C ILE B 596 -33.47 -10.90 -20.58
N LEU B 597 -33.22 -9.60 -20.32
CA LEU B 597 -32.90 -9.16 -18.97
C LEU B 597 -34.07 -9.33 -18.01
N GLU B 598 -35.30 -9.42 -18.53
CA GLU B 598 -36.45 -9.63 -17.65
C GLU B 598 -36.46 -11.01 -17.02
N SER B 599 -35.61 -11.93 -17.49
CA SER B 599 -35.47 -13.20 -16.80
C SER B 599 -34.95 -12.98 -15.39
N TYR B 600 -33.99 -12.08 -15.23
CA TYR B 600 -33.56 -11.67 -13.90
C TYR B 600 -34.51 -10.61 -13.35
N GLY B 601 -34.18 -10.05 -12.20
CA GLY B 601 -35.00 -9.05 -11.57
C GLY B 601 -34.72 -7.64 -12.02
N ALA B 602 -34.31 -7.48 -13.28
CA ALA B 602 -33.93 -6.19 -13.83
C ALA B 602 -35.00 -5.69 -14.79
N PHE B 603 -35.45 -4.45 -14.56
CA PHE B 603 -36.40 -3.79 -15.45
C PHE B 603 -35.85 -2.41 -15.78
N VAL B 604 -35.59 -2.18 -17.07
CA VAL B 604 -34.91 -0.97 -17.50
C VAL B 604 -35.85 0.22 -17.40
N ASN B 605 -35.38 1.31 -16.80
CA ASN B 605 -36.15 2.55 -16.82
C ASN B 605 -36.06 3.17 -18.21
N LYS B 606 -36.98 2.78 -19.09
CA LYS B 606 -36.97 3.28 -20.47
C LYS B 606 -37.22 4.78 -20.54
N ASP B 607 -37.83 5.37 -19.50
CA ASP B 607 -38.11 6.79 -19.50
C ASP B 607 -36.96 7.63 -18.97
N LYS B 608 -35.89 7.00 -18.48
CA LYS B 608 -34.73 7.72 -17.97
C LYS B 608 -33.44 7.07 -18.49
N THR B 609 -33.35 6.95 -19.81
CA THR B 609 -32.19 6.37 -20.47
C THR B 609 -31.60 7.41 -21.42
N VAL B 610 -30.36 7.80 -21.16
CA VAL B 610 -29.67 8.79 -22.00
C VAL B 610 -28.89 8.04 -23.07
N VAL B 611 -28.71 8.70 -24.22
CA VAL B 611 -28.09 8.05 -25.37
C VAL B 611 -27.35 9.10 -26.19
N VAL B 612 -26.16 8.75 -26.67
CA VAL B 612 -25.45 9.51 -27.69
C VAL B 612 -25.07 8.55 -28.81
N ASN B 613 -25.43 8.90 -30.04
CA ASN B 613 -25.18 8.02 -31.17
C ASN B 613 -25.13 8.80 -32.49
N GLN B 614 -24.23 9.78 -32.58
CA GLN B 614 -24.03 10.59 -33.79
C GLN B 614 -25.28 11.36 -34.19
N THR B 615 -26.39 11.16 -33.48
CA THR B 615 -27.64 11.85 -33.76
C THR B 615 -28.09 12.79 -32.66
N THR B 616 -27.79 12.47 -31.40
CA THR B 616 -28.09 13.34 -30.27
C THR B 616 -26.79 13.99 -29.80
N THR B 617 -26.79 15.32 -29.73
CA THR B 617 -25.62 16.08 -29.30
C THR B 617 -25.75 16.36 -27.82
N LYS B 618 -25.00 15.62 -27.00
CA LYS B 618 -25.03 15.74 -25.55
C LYS B 618 -23.61 15.90 -25.03
N PRO B 619 -23.05 17.10 -25.09
CA PRO B 619 -21.67 17.29 -24.60
C PRO B 619 -21.48 16.89 -23.15
N SER B 620 -22.48 17.11 -22.30
CA SER B 620 -22.39 16.76 -20.89
C SER B 620 -23.44 15.70 -20.56
N ILE B 621 -23.01 14.62 -19.92
CA ILE B 621 -23.90 13.57 -19.44
C ILE B 621 -23.50 13.25 -18.00
N ASP B 622 -24.51 13.15 -17.12
CA ASP B 622 -24.28 12.88 -15.71
C ASP B 622 -24.61 11.44 -15.40
N PHE B 623 -23.67 10.73 -14.78
CA PHE B 623 -23.85 9.32 -14.46
C PHE B 623 -24.12 9.13 -12.97
N VAL B 624 -23.06 9.13 -12.15
CA VAL B 624 -23.22 9.01 -10.71
C VAL B 624 -22.51 10.17 -10.02
N GLY B 625 -23.15 11.34 -10.00
CA GLY B 625 -22.54 12.50 -9.40
C GLY B 625 -21.31 12.99 -10.12
N LEU B 626 -21.14 12.59 -11.38
CA LEU B 626 -19.97 12.95 -12.17
C LEU B 626 -20.45 13.54 -13.49
N GLU B 627 -19.89 14.70 -13.84
CA GLU B 627 -20.16 15.32 -15.14
C GLU B 627 -19.02 14.92 -16.07
N VAL B 628 -19.25 13.92 -16.90
CA VAL B 628 -18.26 13.44 -17.85
C VAL B 628 -18.50 14.15 -19.17
N ASN B 629 -17.48 14.85 -19.67
CA ASN B 629 -17.61 15.61 -20.90
C ASN B 629 -17.36 14.70 -22.11
N THR B 630 -18.31 14.70 -23.04
CA THR B 630 -18.19 13.91 -24.25
C THR B 630 -17.04 14.42 -25.12
N THR B 631 -16.37 13.48 -25.80
CA THR B 631 -15.28 13.72 -26.75
C THR B 631 -14.04 14.29 -26.08
N ASP B 632 -13.90 14.14 -24.77
CA ASP B 632 -12.65 14.46 -24.09
C ASP B 632 -12.56 13.70 -22.77
N LEU B 633 -13.70 13.22 -22.28
CA LEU B 633 -13.79 12.34 -21.12
C LEU B 633 -13.25 12.97 -19.84
N SER B 634 -13.16 14.29 -19.79
CA SER B 634 -12.82 14.96 -18.54
C SER B 634 -13.95 14.81 -17.53
N ILE B 635 -13.58 14.60 -16.27
CA ILE B 635 -14.52 14.29 -15.20
C ILE B 635 -14.44 15.40 -14.15
N LYS B 636 -15.59 15.97 -13.80
CA LYS B 636 -15.66 17.05 -12.81
C LYS B 636 -16.78 16.73 -11.83
N ARG B 637 -16.41 16.47 -10.58
CA ARG B 637 -17.40 16.19 -9.55
C ARG B 637 -18.21 17.45 -9.23
N ASN B 638 -19.51 17.26 -9.03
CA ASN B 638 -20.39 18.37 -8.64
C ASN B 638 -20.42 18.45 -7.11
N SER B 639 -21.45 19.09 -6.55
CA SER B 639 -21.55 19.25 -5.10
C SER B 639 -22.20 18.02 -4.46
N GLY B 640 -21.53 16.88 -4.62
CA GLY B 640 -22.01 15.64 -4.06
C GLY B 640 -21.38 15.25 -2.74
N SER B 641 -20.35 15.99 -2.31
CA SER B 641 -19.66 15.69 -1.06
C SER B 641 -20.11 16.62 0.07
N ILE B 642 -19.96 16.15 1.30
CA ILE B 642 -20.37 16.92 2.47
C ILE B 642 -19.40 16.63 3.63
N SER B 643 -19.08 17.68 4.39
CA SER B 643 -18.33 17.56 5.63
C SER B 643 -19.24 17.06 6.75
N LEU B 644 -18.69 16.20 7.63
CA LEU B 644 -19.53 15.44 8.54
C LEU B 644 -20.37 16.34 9.46
N VAL B 645 -19.77 17.35 10.10
CA VAL B 645 -18.34 17.52 10.38
C VAL B 645 -18.21 17.86 11.87
N THR B 646 -19.28 18.44 12.42
CA THR B 646 -19.31 18.80 13.84
C THR B 646 -19.28 17.56 14.73
N THR B 647 -20.02 16.52 14.36
CA THR B 647 -20.19 15.36 15.22
C THR B 647 -18.88 14.59 15.38
N ASN B 648 -18.64 14.11 16.59
CA ASN B 648 -17.51 13.28 17.00
C ASN B 648 -16.19 14.03 17.02
N PHE B 649 -16.18 15.34 16.75
CA PHE B 649 -14.95 16.12 16.72
C PHE B 649 -15.14 17.39 17.54
N ARG B 650 -14.46 17.47 18.69
CA ARG B 650 -14.50 18.65 19.53
C ARG B 650 -13.09 19.14 19.82
N THR B 651 -12.15 18.20 19.87
CA THR B 651 -10.74 18.52 20.04
C THR B 651 -10.15 19.06 18.75
N PHE B 652 -9.14 19.92 18.87
CA PHE B 652 -8.41 20.36 17.69
C PHE B 652 -7.76 19.17 17.01
N LYS B 653 -7.16 18.27 17.79
CA LYS B 653 -6.53 17.08 17.23
C LYS B 653 -7.56 16.22 16.49
N THR B 654 -8.73 16.01 17.11
CA THR B 654 -9.76 15.20 16.47
C THR B 654 -10.29 15.85 15.20
N LEU B 655 -10.55 17.16 15.23
CA LEU B 655 -11.06 17.86 14.06
C LEU B 655 -10.04 17.82 12.92
N VAL B 656 -8.77 18.02 13.25
CA VAL B 656 -7.71 17.99 12.24
C VAL B 656 -7.65 16.62 11.57
N LYS B 657 -7.75 15.55 12.38
CA LYS B 657 -7.65 14.20 11.84
C LYS B 657 -8.74 13.92 10.81
N TYR B 658 -9.99 14.30 11.11
CA TYR B 658 -11.04 14.13 10.10
C TYR B 658 -10.78 14.99 8.87
N LEU B 659 -10.39 16.25 9.07
CA LEU B 659 -10.19 17.15 7.94
C LEU B 659 -9.07 16.66 7.02
N LYS B 660 -7.97 16.18 7.61
CA LYS B 660 -6.90 15.63 6.78
C LYS B 660 -7.38 14.41 6.01
N THR B 661 -8.14 13.51 6.65
CA THR B 661 -8.70 12.38 5.95
C THR B 661 -9.69 12.82 4.87
N PHE B 662 -10.57 13.78 5.19
CA PHE B 662 -11.58 14.22 4.24
C PHE B 662 -10.95 14.85 3.00
N TYR B 663 -9.94 15.71 3.20
CA TYR B 663 -9.30 16.35 2.06
C TYR B 663 -8.62 15.34 1.15
N GLN B 664 -7.89 14.39 1.73
CA GLN B 664 -7.19 13.41 0.91
C GLN B 664 -8.16 12.48 0.19
N LEU B 665 -9.24 12.07 0.87
CA LEU B 665 -10.20 11.16 0.25
C LEU B 665 -10.88 11.79 -0.95
N ASN B 666 -11.30 13.04 -0.84
CA ASN B 666 -12.05 13.69 -1.90
C ASN B 666 -11.19 14.36 -2.96
N LEU B 667 -9.88 14.48 -2.73
CA LEU B 667 -8.97 15.04 -3.73
C LEU B 667 -8.49 13.89 -4.59
N GLU B 668 -9.25 13.57 -5.63
CA GLU B 668 -8.95 12.45 -6.50
C GLU B 668 -8.19 12.90 -7.75
N GLY B 669 -7.67 11.92 -8.48
CA GLY B 669 -6.80 12.21 -9.61
C GLY B 669 -7.47 13.00 -10.71
N PHE B 670 -8.73 12.66 -11.02
CA PHE B 670 -9.40 13.29 -12.15
C PHE B 670 -9.59 14.79 -11.92
N LEU B 671 -9.79 15.21 -10.67
CA LEU B 671 -9.82 16.63 -10.37
C LEU B 671 -8.48 17.28 -10.64
N LEU B 672 -7.39 16.55 -10.41
CA LEU B 672 -6.04 17.05 -10.64
C LEU B 672 -5.52 16.74 -12.04
N ASP B 673 -6.32 16.11 -12.89
CA ASP B 673 -5.85 15.71 -14.20
C ASP B 673 -5.63 16.93 -15.08
N CYS B 674 -4.45 17.02 -15.69
CA CYS B 674 -4.08 18.11 -16.57
C CYS B 674 -3.53 17.57 -17.89
N SER B 675 -4.10 16.46 -18.36
CA SER B 675 -3.72 15.94 -19.67
C SER B 675 -4.08 16.93 -20.77
N PHE B 676 -5.26 17.54 -20.67
CA PHE B 676 -5.68 18.59 -21.58
C PHE B 676 -5.05 19.93 -21.19
N GLY B 677 -5.67 21.03 -21.59
CA GLY B 677 -5.29 22.35 -21.15
C GLY B 677 -5.95 22.77 -19.85
N VAL B 678 -6.71 21.89 -19.21
CA VAL B 678 -7.46 22.21 -18.00
C VAL B 678 -6.54 22.28 -16.79
N LEU B 679 -5.73 23.34 -16.71
CA LEU B 679 -4.94 23.61 -15.52
C LEU B 679 -5.61 24.61 -14.60
N GLU B 680 -6.29 25.62 -15.16
CA GLU B 680 -7.09 26.54 -14.36
C GLU B 680 -8.26 25.80 -13.70
N ASN B 681 -8.87 24.86 -14.42
CA ASN B 681 -9.96 24.07 -13.87
C ASN B 681 -9.49 23.25 -12.67
N VAL B 682 -8.29 22.68 -12.74
CA VAL B 682 -7.74 21.94 -11.61
C VAL B 682 -7.59 22.84 -10.40
N LEU B 683 -7.09 24.06 -10.59
CA LEU B 683 -6.94 24.98 -9.48
C LEU B 683 -8.29 25.31 -8.85
N GLU B 684 -9.32 25.54 -9.67
CA GLU B 684 -10.64 25.76 -9.12
C GLU B 684 -11.16 24.53 -8.38
N ASN B 685 -10.94 23.33 -8.94
CA ASN B 685 -11.36 22.12 -8.25
C ASN B 685 -10.60 21.95 -6.94
N MET B 686 -9.28 22.18 -6.96
CA MET B 686 -8.51 22.16 -5.73
C MET B 686 -8.95 23.28 -4.79
N GLY B 687 -9.19 24.47 -5.34
CA GLY B 687 -9.62 25.59 -4.54
C GLY B 687 -10.96 25.35 -3.84
N SER B 688 -11.90 24.73 -4.56
CA SER B 688 -13.20 24.46 -3.96
C SER B 688 -13.08 23.54 -2.76
N LEU B 689 -12.27 22.48 -2.87
CA LEU B 689 -12.09 21.59 -1.74
C LEU B 689 -11.23 22.23 -0.65
N LEU B 690 -10.16 22.93 -1.03
CA LEU B 690 -9.27 23.53 -0.05
C LEU B 690 -9.99 24.59 0.79
N ARG B 691 -10.79 25.43 0.14
CA ARG B 691 -11.53 26.46 0.89
C ARG B 691 -12.68 25.84 1.68
N LEU B 692 -13.21 24.71 1.23
CA LEU B 692 -14.29 24.06 1.96
C LEU B 692 -13.84 23.62 3.34
N VAL B 693 -12.63 23.05 3.45
CA VAL B 693 -12.17 22.54 4.73
C VAL B 693 -11.60 23.66 5.60
N LEU B 694 -10.80 24.56 5.01
CA LEU B 694 -10.18 25.62 5.81
C LEU B 694 -11.22 26.54 6.45
N ARG B 695 -12.26 26.91 5.69
CA ARG B 695 -13.32 27.73 6.26
C ARG B 695 -14.14 26.96 7.30
N GLU B 696 -14.29 25.66 7.11
CA GLU B 696 -14.96 24.83 8.12
C GLU B 696 -14.17 24.82 9.42
N PHE B 697 -12.84 24.73 9.33
CA PHE B 697 -12.02 24.73 10.54
C PHE B 697 -12.17 26.04 11.32
N LYS B 698 -12.17 27.18 10.61
CA LYS B 698 -12.30 28.47 11.30
C LYS B 698 -13.66 28.60 11.97
N THR B 699 -14.73 28.11 11.31
CA THR B 699 -16.05 28.18 11.92
C THR B 699 -16.08 27.39 13.22
N LYS B 700 -15.49 26.20 13.23
CA LYS B 700 -15.42 25.41 14.46
C LYS B 700 -14.42 25.97 15.45
N PHE B 701 -13.40 26.70 14.99
CA PHE B 701 -12.33 27.15 15.88
C PHE B 701 -12.85 28.06 17.00
N THR B 702 -13.71 29.01 16.65
CA THR B 702 -14.13 30.01 17.64
C THR B 702 -14.96 29.41 18.77
N SER B 703 -15.64 28.30 18.52
CA SER B 703 -16.47 27.67 19.54
C SER B 703 -15.72 26.65 20.37
N ILE B 704 -14.75 25.94 19.77
CA ILE B 704 -14.03 24.90 20.50
C ILE B 704 -12.73 25.40 21.12
N VAL B 705 -12.22 26.56 20.69
CA VAL B 705 -11.03 27.13 21.30
C VAL B 705 -11.30 27.61 22.73
N LYS B 706 -12.57 27.70 23.13
CA LYS B 706 -12.88 28.15 24.48
C LYS B 706 -12.31 27.20 25.52
N TYR B 707 -12.45 25.90 25.31
CA TYR B 707 -11.96 24.92 26.28
C TYR B 707 -10.71 24.19 25.81
N ASP B 708 -10.65 23.79 24.54
CA ASP B 708 -9.49 23.12 24.03
C ASP B 708 -8.35 24.12 23.83
N THR B 709 -7.13 23.59 23.81
CA THR B 709 -5.93 24.39 23.62
C THR B 709 -5.42 24.17 22.20
N PHE B 710 -5.17 25.26 21.49
CA PHE B 710 -4.78 25.21 20.10
C PHE B 710 -3.25 25.30 20.02
N HIS B 711 -2.64 24.29 19.40
CA HIS B 711 -1.20 24.28 19.18
C HIS B 711 -0.96 24.66 17.72
N CYS B 712 -0.36 25.83 17.52
CA CYS B 712 -0.18 26.34 16.16
C CYS B 712 0.75 25.43 15.35
N TYR B 713 1.82 24.94 15.96
CA TYR B 713 2.79 24.13 15.24
C TYR B 713 2.16 22.82 14.74
N LYS B 714 1.32 22.19 15.57
CA LYS B 714 0.65 20.96 15.16
C LYS B 714 -0.27 21.21 13.96
N PHE B 715 -0.99 22.33 13.97
CA PHE B 715 -1.84 22.68 12.83
C PHE B 715 -1.01 22.88 11.57
N ILE B 716 0.17 23.49 11.71
CA ILE B 716 1.07 23.66 10.57
C ILE B 716 1.47 22.30 10.01
N LYS B 717 1.72 21.33 10.89
CA LYS B 717 2.03 19.96 10.45
C LYS B 717 0.88 19.39 9.64
N PHE B 718 -0.36 19.64 10.07
CA PHE B 718 -1.52 19.22 9.27
C PHE B 718 -1.52 19.91 7.91
N LEU B 719 -1.21 21.20 7.88
CA LEU B 719 -1.16 21.91 6.60
C LEU B 719 -0.11 21.33 5.68
N TYR B 720 1.06 20.97 6.22
CA TYR B 720 2.13 20.42 5.38
C TYR B 720 1.69 19.12 4.72
N ASP B 721 1.05 18.22 5.48
CA ASP B 721 0.71 16.91 4.93
C ASP B 721 -0.26 17.01 3.75
N ILE B 722 -1.30 17.84 3.88
CA ILE B 722 -2.28 17.95 2.80
C ILE B 722 -1.68 18.63 1.58
N SER B 723 -0.90 19.70 1.80
CA SER B 723 -0.23 20.37 0.69
C SER B 723 0.74 19.44 -0.02
N ASN B 724 1.50 18.65 0.76
CA ASN B 724 2.35 17.64 0.16
C ASN B 724 1.53 16.59 -0.58
N TYR B 725 0.41 16.18 0.01
CA TYR B 725 -0.46 15.19 -0.63
C TYR B 725 -1.00 15.70 -1.96
N THR B 726 -1.41 16.96 -2.00
CA THR B 726 -1.89 17.53 -3.27
C THR B 726 -0.80 17.52 -4.33
N ILE B 727 0.42 17.91 -3.97
CA ILE B 727 1.51 17.95 -4.94
C ILE B 727 1.83 16.54 -5.45
N VAL B 728 1.96 15.58 -4.54
CA VAL B 728 2.35 14.23 -4.96
C VAL B 728 1.25 13.60 -5.81
N LYS B 729 -0.01 13.75 -5.42
CA LYS B 729 -1.10 13.13 -6.16
C LYS B 729 -1.26 13.78 -7.53
N TYR B 730 -1.10 15.10 -7.62
CA TYR B 730 -1.16 15.76 -8.93
C TYR B 730 -0.06 15.25 -9.86
N VAL B 731 1.17 15.14 -9.36
CA VAL B 731 2.25 14.63 -10.19
C VAL B 731 1.98 13.17 -10.56
N GLU B 732 1.57 12.37 -9.57
CA GLU B 732 1.31 10.95 -9.82
C GLU B 732 0.18 10.75 -10.81
N THR B 733 -0.90 11.54 -10.69
CA THR B 733 -2.05 11.45 -11.58
C THR B 733 -1.93 12.35 -12.80
N ASN B 734 -0.71 12.68 -13.22
CA ASN B 734 -0.48 13.42 -14.45
C ASN B 734 0.74 12.95 -15.21
N SER B 735 1.63 12.15 -14.59
CA SER B 735 2.82 11.61 -15.23
C SER B 735 3.72 12.72 -15.76
N ASP B 736 3.66 13.88 -15.13
CA ASP B 736 4.50 15.00 -15.51
C ASP B 736 4.55 15.98 -14.35
N TRP B 737 5.61 16.78 -14.33
CA TRP B 737 5.73 17.86 -13.37
C TRP B 737 5.24 19.19 -13.92
N ASP B 738 4.70 19.22 -15.14
CA ASP B 738 4.20 20.47 -15.69
C ASP B 738 3.06 20.99 -14.82
N GLY B 739 3.15 22.26 -14.46
CA GLY B 739 2.16 22.93 -13.66
C GLY B 739 2.28 22.70 -12.17
N ALA B 740 3.23 21.86 -11.73
CA ALA B 740 3.42 21.65 -10.29
C ALA B 740 3.84 22.91 -9.54
N PRO B 741 4.83 23.69 -9.98
CA PRO B 741 5.18 24.91 -9.22
C PRO B 741 4.02 25.88 -9.10
N GLU B 742 3.19 26.01 -10.14
CA GLU B 742 2.09 26.97 -10.09
C GLU B 742 0.97 26.47 -9.18
N LEU B 743 0.78 25.15 -9.10
CA LEU B 743 -0.23 24.60 -8.21
C LEU B 743 0.10 24.92 -6.75
N LEU B 744 1.38 24.80 -6.38
CA LEU B 744 1.76 25.07 -4.99
C LEU B 744 1.49 26.52 -4.60
N ASN B 745 1.81 27.45 -5.51
CA ASN B 745 1.58 28.86 -5.23
C ASN B 745 0.10 29.17 -5.09
N CYS B 746 -0.75 28.50 -5.87
CA CYS B 746 -2.19 28.67 -5.71
C CYS B 746 -2.63 28.22 -4.32
N ILE B 747 -2.08 27.11 -3.84
CA ILE B 747 -2.35 26.68 -2.46
C ILE B 747 -1.86 27.71 -1.46
N LYS B 748 -0.65 28.24 -1.68
CA LYS B 748 -0.09 29.22 -0.75
C LYS B 748 -0.93 30.49 -0.70
N GLN B 749 -1.40 30.96 -1.85
CA GLN B 749 -2.22 32.18 -1.89
C GLN B 749 -3.56 31.98 -1.19
N ILE B 750 -4.15 30.80 -1.31
CA ILE B 750 -5.40 30.52 -0.59
C ILE B 750 -5.18 30.58 0.92
N ILE B 751 -4.08 29.98 1.40
CA ILE B 751 -3.84 29.91 2.84
C ILE B 751 -3.67 31.30 3.44
N VAL B 752 -2.90 32.17 2.78
CA VAL B 752 -2.65 33.51 3.32
C VAL B 752 -3.95 34.31 3.38
N LYS B 753 -4.80 34.18 2.36
CA LYS B 753 -6.06 34.90 2.35
C LYS B 753 -6.96 34.49 3.52
N GLU B 754 -7.03 33.20 3.82
CA GLU B 754 -7.94 32.73 4.86
C GLU B 754 -7.46 33.12 6.26
N PHE B 755 -6.14 33.08 6.50
CA PHE B 755 -5.59 33.18 7.84
C PHE B 755 -4.81 34.47 8.07
N SER B 756 -5.20 35.56 7.41
CA SER B 756 -4.52 36.84 7.61
C SER B 756 -5.16 37.74 8.65
N SER B 757 -6.42 37.49 9.02
CA SER B 757 -7.10 38.41 9.93
C SER B 757 -6.80 38.08 11.39
N PHE B 758 -7.02 36.83 11.80
CA PHE B 758 -6.89 36.47 13.20
C PHE B 758 -5.43 36.56 13.66
N GLU B 759 -5.23 37.06 14.87
CA GLU B 759 -3.89 37.18 15.43
C GLU B 759 -3.30 35.82 15.81
N SER B 760 -4.15 34.85 16.15
CA SER B 760 -3.67 33.53 16.54
C SER B 760 -3.01 32.80 15.37
N TYR B 761 -3.26 33.23 14.13
CA TYR B 761 -2.65 32.64 12.95
C TYR B 761 -1.42 33.42 12.49
N SER B 762 -0.78 34.14 13.42
CA SER B 762 0.38 34.96 13.06
C SER B 762 1.52 34.10 12.51
N GLU B 763 1.79 32.96 13.14
CA GLU B 763 2.85 32.08 12.66
C GLU B 763 2.50 31.44 11.32
N ILE B 764 1.22 31.18 11.07
CA ILE B 764 0.82 30.44 9.87
C ILE B 764 1.19 31.20 8.61
N VAL B 765 0.92 32.51 8.58
CA VAL B 765 1.20 33.30 7.38
C VAL B 765 2.70 33.35 7.11
N GLU B 766 3.52 33.50 8.15
CA GLU B 766 4.96 33.56 7.96
C GLU B 766 5.49 32.26 7.38
N TRP B 767 5.02 31.11 7.88
CA TRP B 767 5.56 29.83 7.45
C TRP B 767 5.14 29.48 6.02
N VAL B 768 3.89 29.76 5.66
CA VAL B 768 3.33 29.27 4.40
C VAL B 768 4.03 29.88 3.20
N GLN B 769 4.40 31.16 3.29
CA GLN B 769 5.01 31.85 2.17
C GLN B 769 6.37 31.29 1.79
N THR B 770 6.99 30.51 2.68
CA THR B 770 8.26 29.85 2.39
C THR B 770 8.11 28.48 1.77
N LEU B 771 6.87 27.99 1.60
CA LEU B 771 6.64 26.66 1.04
C LEU B 771 7.13 26.60 -0.40
N ASN B 772 8.20 25.83 -0.62
CA ASN B 772 8.85 25.78 -1.92
C ASN B 772 9.19 24.33 -2.26
N ILE B 773 9.30 24.06 -3.55
CA ILE B 773 9.64 22.73 -4.04
C ILE B 773 11.14 22.67 -4.36
#